data_6CBI
#
_entry.id   6CBI
#
_cell.length_a   78.260
_cell.length_b   144.820
_cell.length_c   174.480
_cell.angle_alpha   90.00
_cell.angle_beta   90.00
_cell.angle_gamma   90.00
#
_symmetry.space_group_name_H-M   'P 21 21 21'
#
loop_
_entity.id
_entity.type
_entity.pdbx_description
1 polymer 'Proliferating cell nuclear antigen'
2 polymer GLY-ARG-LYS-ARG-ARG-GLN-DAB-SER-MET-THR-GLU-PHE-TYR-HIS
3 non-polymer 'SULFATE ION'
4 water water
#
loop_
_entity_poly.entity_id
_entity_poly.type
_entity_poly.pdbx_seq_one_letter_code
_entity_poly.pdbx_strand_id
1 'polypeptide(L)'
;MFEARLVQGSILKKVLEALKDLINEACWDISSSGVNLQSMDSSHVSLVQLTLRSEGFDTYRCDRNLAMGVNLTSMSKILK
CAGNEDIITLRAEDNADTLALVFEAPNQEKVSDYEMKLMDLDVEQLGIPEQEYSCVVKMPSGEFARICRDLSHIGDAVVI
SCAKDGVKFSASGELGNGNIKLSQTSNVDKEEEAVTIEMNEPVQLTFALRYLNFFTKATPLSSTVTLSMSADVPLVVEYK
IADMGHLKYYLAPKIEDEEGS
;
A,C,E,B,D,F
2 'polypeptide(L)' GRKRRQ(DAB)SMTEFYH H,I,J,K
#
loop_
_chem_comp.id
_chem_comp.type
_chem_comp.name
_chem_comp.formula
SO4 non-polymer 'SULFATE ION' 'O4 S -2'
#
# COMPACT_ATOMS: atom_id res chain seq x y z
N MET A 1 9.21 34.35 31.74
CA MET A 1 8.18 34.73 30.76
C MET A 1 8.89 35.10 29.45
N PHE A 2 8.71 34.27 28.43
CA PHE A 2 9.35 34.44 27.14
C PHE A 2 8.28 34.71 26.08
N GLU A 3 8.46 35.79 25.34
CA GLU A 3 7.48 36.21 24.35
C GLU A 3 8.19 36.77 23.12
N ALA A 4 8.03 36.11 21.98
CA ALA A 4 8.62 36.54 20.72
C ALA A 4 7.50 36.69 19.70
N ARG A 5 7.46 37.82 19.02
CA ARG A 5 6.45 38.11 18.00
C ARG A 5 7.16 38.36 16.68
N LEU A 6 6.83 37.52 15.70
CA LEU A 6 7.40 37.53 14.35
C LEU A 6 6.27 37.79 13.37
N VAL A 7 6.38 38.91 12.63
CA VAL A 7 5.35 39.23 11.65
C VAL A 7 5.43 38.29 10.45
N GLN A 8 6.64 37.93 10.03
CA GLN A 8 6.79 36.94 8.94
C GLN A 8 6.78 35.53 9.53
N GLY A 9 5.59 35.08 9.93
CA GLY A 9 5.45 33.76 10.52
C GLY A 9 5.80 32.61 9.59
N SER A 10 5.72 32.86 8.28
CA SER A 10 6.04 31.83 7.30
C SER A 10 7.42 31.24 7.59
N ILE A 11 8.37 32.08 7.99
CA ILE A 11 9.71 31.60 8.34
C ILE A 11 9.62 30.41 9.28
N LEU A 12 8.93 30.60 10.41
CA LEU A 12 8.78 29.52 11.38
C LEU A 12 8.26 28.26 10.71
N LYS A 13 7.18 28.42 9.94
CA LYS A 13 6.64 27.27 9.21
C LYS A 13 7.75 26.55 8.43
N LYS A 14 8.43 27.28 7.55
CA LYS A 14 9.48 26.68 6.73
C LYS A 14 10.54 25.98 7.58
N VAL A 15 10.97 26.64 8.67
CA VAL A 15 12.00 26.06 9.52
C VAL A 15 11.58 24.67 9.98
N LEU A 16 10.37 24.59 10.54
CA LEU A 16 9.94 23.30 11.06
C LEU A 16 9.74 22.28 9.97
N GLU A 17 9.33 22.71 8.78
CA GLU A 17 9.21 21.77 7.68
C GLU A 17 10.57 21.22 7.24
N ALA A 18 11.63 22.00 7.46
CA ALA A 18 12.97 21.53 7.16
C ALA A 18 13.50 20.60 8.23
N LEU A 19 12.90 20.59 9.43
CA LEU A 19 13.46 19.79 10.51
C LEU A 19 12.67 18.54 10.90
N LYS A 20 11.35 18.52 10.72
CA LYS A 20 10.54 17.46 11.33
C LYS A 20 10.91 16.07 10.80
N ASP A 21 11.38 15.97 9.57
CA ASP A 21 11.69 14.65 9.00
C ASP A 21 13.07 14.14 9.40
N LEU A 22 13.97 15.03 9.83
CA LEU A 22 15.33 14.66 10.19
C LEU A 22 15.52 14.46 11.69
N ILE A 23 14.90 15.29 12.51
CA ILE A 23 14.92 15.14 13.96
C ILE A 23 13.50 15.31 14.47
N ASN A 24 13.10 14.43 15.40
CA ASN A 24 11.72 14.43 15.87
C ASN A 24 11.56 15.27 17.14
N GLU A 25 12.47 15.12 18.09
CA GLU A 25 12.48 15.93 19.30
C GLU A 25 13.80 16.71 19.38
N ALA A 26 13.70 17.98 19.72
CA ALA A 26 14.87 18.83 19.86
C ALA A 26 14.63 19.81 21.00
N CYS A 27 15.73 20.35 21.53
CA CYS A 27 15.68 21.28 22.66
C CYS A 27 15.98 22.69 22.16
N TRP A 28 15.02 23.60 22.36
CA TRP A 28 15.15 24.99 21.94
C TRP A 28 15.74 25.81 23.09
N ASP A 29 16.89 26.44 22.83
CA ASP A 29 17.56 27.30 23.79
C ASP A 29 17.06 28.72 23.61
N ILE A 30 16.35 29.23 24.63
CA ILE A 30 15.80 30.58 24.60
C ILE A 30 16.67 31.45 25.49
N SER A 31 17.18 32.55 24.92
CA SER A 31 18.02 33.47 25.67
C SER A 31 17.81 34.88 25.16
N SER A 32 18.45 35.85 25.82
CA SER A 32 18.32 37.24 25.43
C SER A 32 18.80 37.48 24.00
N SER A 33 19.75 36.68 23.52
CA SER A 33 20.29 36.88 22.18
C SER A 33 19.42 36.23 21.11
N GLY A 34 18.54 35.29 21.48
CA GLY A 34 17.69 34.68 20.49
C GLY A 34 17.44 33.22 20.80
N VAL A 35 17.08 32.50 19.74
CA VAL A 35 16.70 31.09 19.81
C VAL A 35 17.74 30.27 19.05
N ASN A 36 18.26 29.24 19.71
CA ASN A 36 19.25 28.37 19.09
CA ASN A 36 19.25 28.37 19.09
C ASN A 36 18.82 26.91 19.25
N LEU A 37 19.13 26.11 18.24
CA LEU A 37 18.80 24.70 18.22
C LEU A 37 20.00 23.92 17.71
N GLN A 38 20.25 22.77 18.30
CA GLN A 38 21.39 21.93 17.89
C GLN A 38 21.02 20.49 18.20
N SER A 39 20.87 19.66 17.17
CA SER A 39 20.46 18.30 17.41
C SER A 39 21.02 17.37 16.34
N MET A 40 21.34 16.15 16.76
CA MET A 40 21.71 15.08 15.86
C MET A 40 20.49 14.23 15.54
N ASP A 41 20.45 13.71 14.31
CA ASP A 41 19.38 12.79 13.97
C ASP A 41 19.53 11.47 14.74
N SER A 42 18.48 10.65 14.67
CA SER A 42 18.47 9.40 15.45
C SER A 42 19.65 8.50 15.08
N SER A 43 20.11 8.55 13.83
CA SER A 43 21.19 7.69 13.38
C SER A 43 22.57 8.29 13.64
N HIS A 44 22.64 9.50 14.19
CA HIS A 44 23.90 10.14 14.61
C HIS A 44 24.88 10.29 13.44
N VAL A 45 24.37 10.75 12.30
CA VAL A 45 25.20 10.97 11.12
C VAL A 45 25.31 12.44 10.73
N SER A 46 24.29 13.25 11.01
CA SER A 46 24.26 14.65 10.63
C SER A 46 23.90 15.51 11.84
N LEU A 47 24.30 16.77 11.80
CA LEU A 47 24.06 17.72 12.87
C LEU A 47 23.31 18.93 12.34
N VAL A 48 22.28 19.36 13.07
CA VAL A 48 21.44 20.48 12.70
C VAL A 48 21.69 21.60 13.68
N GLN A 49 21.87 22.82 13.17
CA GLN A 49 22.15 23.98 14.00
C GLN A 49 21.35 25.17 13.48
N LEU A 50 20.34 25.60 14.24
CA LEU A 50 19.45 26.70 13.87
C LEU A 50 19.71 27.90 14.76
N THR A 51 19.82 29.08 14.14
CA THR A 51 20.04 30.34 14.86
C THR A 51 19.05 31.39 14.39
N LEU A 52 18.22 31.88 15.32
CA LEU A 52 17.29 32.97 15.07
C LEU A 52 17.57 34.05 16.09
N ARG A 53 18.19 35.15 15.66
CA ARG A 53 18.62 36.17 16.61
C ARG A 53 17.44 37.03 17.04
N SER A 54 17.52 37.54 18.26
CA SER A 54 16.40 38.29 18.84
C SER A 54 16.06 39.52 18.01
N GLU A 55 17.05 40.07 17.30
CA GLU A 55 16.85 41.27 16.50
C GLU A 55 16.08 41.01 15.22
N GLY A 56 15.89 39.74 14.84
CA GLY A 56 15.02 39.45 13.72
C GLY A 56 13.56 39.46 14.10
N PHE A 57 13.26 39.32 15.38
CA PHE A 57 11.88 39.39 15.85
C PHE A 57 11.45 40.83 16.00
N ASP A 58 10.21 41.10 15.60
CA ASP A 58 9.65 42.43 15.78
C ASP A 58 9.41 42.73 17.25
N THR A 59 9.05 41.72 18.04
CA THR A 59 9.12 41.89 19.49
C THR A 59 9.84 40.70 20.08
N TYR A 60 10.66 40.96 21.10
CA TYR A 60 11.39 39.91 21.77
C TYR A 60 11.39 40.20 23.25
N ARG A 61 11.26 39.13 24.05
CA ARG A 61 11.25 39.26 25.49
C ARG A 61 11.67 37.92 26.08
N CYS A 62 12.61 37.95 27.01
CA CYS A 62 13.10 36.72 27.62
C CYS A 62 13.61 37.05 29.02
N ASP A 63 12.81 36.71 30.02
CA ASP A 63 13.21 36.91 31.41
C ASP A 63 14.25 35.88 31.83
N ARG A 64 13.88 34.61 31.83
CA ARG A 64 14.77 33.52 32.18
C ARG A 64 15.13 32.72 30.94
N ASN A 65 16.30 32.08 30.97
CA ASN A 65 16.71 31.20 29.89
C ASN A 65 15.86 29.94 29.90
N LEU A 66 15.57 29.42 28.71
CA LEU A 66 14.69 28.28 28.58
C LEU A 66 15.36 27.17 27.78
N ALA A 67 14.96 25.94 28.08
CA ALA A 67 15.38 24.75 27.34
C ALA A 67 14.10 23.97 27.04
N MET A 68 13.41 24.34 25.97
CA MET A 68 12.12 23.75 25.65
C MET A 68 12.30 22.44 24.89
N GLY A 69 11.89 21.34 25.52
CA GLY A 69 11.88 20.07 24.82
C GLY A 69 10.67 19.99 23.92
N VAL A 70 10.88 20.15 22.62
CA VAL A 70 9.80 20.24 21.63
C VAL A 70 9.84 18.99 20.77
N ASN A 71 8.68 18.36 20.59
CA ASN A 71 8.49 17.35 19.54
C ASN A 71 8.23 18.09 18.24
N LEU A 72 9.19 17.98 17.30
CA LEU A 72 9.13 18.82 16.11
C LEU A 72 7.98 18.45 15.20
N THR A 73 7.54 17.19 15.21
CA THR A 73 6.42 16.79 14.38
C THR A 73 5.13 17.45 14.86
N SER A 74 4.88 17.44 16.17
CA SER A 74 3.68 18.07 16.69
C SER A 74 3.67 19.57 16.44
N MET A 75 4.79 20.24 16.72
CA MET A 75 4.88 21.66 16.45
C MET A 75 4.70 21.95 14.97
N SER A 76 5.13 21.02 14.11
CA SER A 76 4.89 21.17 12.68
C SER A 76 3.41 21.08 12.36
N LYS A 77 2.71 20.10 12.95
CA LYS A 77 1.26 20.00 12.74
C LYS A 77 0.56 21.28 13.19
N ILE A 78 0.96 21.82 14.33
CA ILE A 78 0.32 23.05 14.82
C ILE A 78 0.63 24.21 13.90
N LEU A 79 1.86 24.30 13.39
CA LEU A 79 2.21 25.39 12.49
C LEU A 79 1.58 25.26 11.11
N LYS A 80 1.14 24.05 10.73
CA LYS A 80 0.39 23.91 9.48
C LYS A 80 -0.95 24.64 9.54
N CYS A 81 -1.43 24.97 10.74
CA CYS A 81 -2.67 25.70 10.94
C CYS A 81 -2.50 27.21 10.85
N ALA A 82 -1.36 27.69 10.38
CA ALA A 82 -1.08 29.12 10.31
C ALA A 82 -0.91 29.53 8.85
N GLY A 83 -1.55 30.63 8.47
CA GLY A 83 -1.37 31.17 7.13
C GLY A 83 0.02 31.74 6.93
N ASN A 84 0.43 31.80 5.66
CA ASN A 84 1.78 32.26 5.33
C ASN A 84 1.99 33.74 5.66
N GLU A 85 0.92 34.53 5.69
CA GLU A 85 1.00 35.94 6.02
C GLU A 85 0.64 36.19 7.48
N ASP A 86 0.48 35.14 8.29
CA ASP A 86 0.08 35.30 9.66
C ASP A 86 1.23 35.82 10.51
N ILE A 87 0.90 36.61 11.53
CA ILE A 87 1.85 37.04 12.54
C ILE A 87 1.83 36.00 13.64
N ILE A 88 2.97 35.36 13.88
CA ILE A 88 3.08 34.26 14.83
C ILE A 88 3.79 34.76 16.08
N THR A 89 3.21 34.45 17.24
CA THR A 89 3.77 34.82 18.53
C THR A 89 3.98 33.55 19.35
N LEU A 90 5.23 33.32 19.74
CA LEU A 90 5.58 32.29 20.70
C LEU A 90 5.62 32.88 22.10
N ARG A 91 5.10 32.15 23.07
CA ARG A 91 5.06 32.64 24.43
C ARG A 91 5.02 31.47 25.39
N ALA A 92 5.90 31.49 26.38
CA ALA A 92 5.95 30.42 27.37
C ALA A 92 6.30 31.02 28.72
N GLU A 93 5.61 30.53 29.75
CA GLU A 93 5.89 30.94 31.12
C GLU A 93 7.13 30.21 31.64
N ASP A 94 7.53 30.53 32.87
CA ASP A 94 8.74 29.91 33.42
C ASP A 94 8.49 28.47 33.83
N ASN A 95 7.52 28.22 34.70
CA ASN A 95 7.18 26.86 35.11
C ASN A 95 6.05 26.26 34.27
N ALA A 96 6.10 26.48 32.94
CA ALA A 96 5.05 26.04 32.04
C ALA A 96 5.37 24.67 31.46
N ASP A 97 4.39 23.76 31.55
CA ASP A 97 4.42 22.50 30.81
C ASP A 97 4.15 22.67 29.32
N THR A 98 3.69 23.85 28.89
CA THR A 98 3.24 24.05 27.54
C THR A 98 3.87 25.30 26.94
N LEU A 99 3.95 25.32 25.62
CA LEU A 99 4.35 26.47 24.82
C LEU A 99 3.13 26.97 24.06
N ALA A 100 2.85 28.26 24.17
CA ALA A 100 1.68 28.86 23.54
C ALA A 100 2.07 29.50 22.22
N LEU A 101 1.27 29.25 21.18
CA LEU A 101 1.45 29.87 19.88
C LEU A 101 0.19 30.65 19.53
N VAL A 102 0.37 31.84 18.98
CA VAL A 102 -0.73 32.72 18.63
C VAL A 102 -0.59 33.10 17.17
N PHE A 103 -1.61 32.81 16.36
CA PHE A 103 -1.63 33.11 14.95
C PHE A 103 -2.63 34.25 14.73
N GLU A 104 -2.13 35.42 14.34
CA GLU A 104 -2.95 36.58 14.06
C GLU A 104 -2.99 36.79 12.55
N ALA A 105 -4.17 36.96 11.99
CA ALA A 105 -4.25 37.11 10.53
C ALA A 105 -4.02 38.55 10.09
N GLN A 108 -7.53 41.29 8.84
CA GLN A 108 -8.27 40.15 8.34
C GLN A 108 -8.83 39.31 9.50
N GLU A 109 -9.35 40.04 10.49
CA GLU A 109 -9.94 39.60 11.77
C GLU A 109 -10.13 38.12 12.04
N LYS A 110 -9.03 37.38 12.13
CA LYS A 110 -9.02 35.99 12.57
C LYS A 110 -7.86 35.79 13.52
N VAL A 111 -8.12 35.18 14.68
CA VAL A 111 -7.08 34.98 15.68
C VAL A 111 -7.19 33.56 16.20
N SER A 112 -6.23 32.72 15.84
CA SER A 112 -6.11 31.37 16.36
C SER A 112 -5.11 31.35 17.51
N ASP A 113 -5.31 30.43 18.45
CA ASP A 113 -4.45 30.29 19.60
C ASP A 113 -4.33 28.82 19.95
N TYR A 114 -3.10 28.29 19.87
CA TYR A 114 -2.81 26.89 20.14
C TYR A 114 -1.89 26.77 21.34
N GLU A 115 -1.96 25.60 21.99
CA GLU A 115 -1.17 25.33 23.18
C GLU A 115 -0.59 23.93 23.05
N MET A 116 0.74 23.84 23.07
CA MET A 116 1.45 22.59 22.80
C MET A 116 2.14 22.07 24.06
N LYS A 117 2.05 20.77 24.31
CA LYS A 117 2.72 20.18 25.46
C LYS A 117 4.20 19.98 25.17
N LEU A 118 5.03 20.22 26.17
CA LEU A 118 6.48 20.05 26.08
C LEU A 118 6.90 18.77 26.79
N MET A 119 8.14 18.34 26.50
CA MET A 119 8.71 17.16 27.12
C MET A 119 10.01 17.52 27.85
N ASP A 120 10.39 16.65 28.78
CA ASP A 120 11.63 16.78 29.54
C ASP A 120 12.75 16.12 28.74
N LEU A 121 13.63 16.95 28.16
CA LEU A 121 14.63 16.47 27.20
C LEU A 121 16.04 16.82 27.66
N ASP A 122 16.88 15.79 27.76
CA ASP A 122 18.33 15.99 27.86
C ASP A 122 18.93 15.97 26.46
N GLN A 125 24.58 19.36 23.65
CA GLN A 125 25.29 20.54 23.18
C GLN A 125 26.68 20.17 22.67
N LEU A 126 26.72 19.50 21.52
CA LEU A 126 27.98 19.03 20.97
C LEU A 126 28.89 20.19 20.61
N GLY A 127 30.19 19.94 20.67
CA GLY A 127 31.19 20.93 20.37
C GLY A 127 31.29 21.27 18.90
N ILE A 128 30.69 22.38 18.50
CA ILE A 128 30.85 22.92 17.15
C ILE A 128 31.86 24.05 17.23
N PRO A 129 32.98 23.93 16.60
CA PRO A 129 33.92 25.05 16.54
C PRO A 129 33.47 26.19 15.65
N GLU A 130 34.49 26.78 15.01
CA GLU A 130 34.30 27.86 14.07
C GLU A 130 35.55 27.79 13.20
N GLN A 131 35.38 27.36 11.97
CA GLN A 131 36.55 27.07 11.17
C GLN A 131 36.55 27.88 9.91
N GLU A 132 37.67 27.74 9.22
CA GLU A 132 37.84 28.24 7.88
C GLU A 132 38.00 27.06 6.93
N TYR A 133 37.35 27.12 5.80
CA TYR A 133 37.25 25.98 4.91
C TYR A 133 38.10 26.18 3.67
N SER A 134 38.65 25.07 3.19
CA SER A 134 39.51 25.08 2.00
C SER A 134 38.72 25.49 0.76
N CYS A 135 37.49 24.99 0.62
CA CYS A 135 36.63 25.31 -0.51
C CYS A 135 35.25 25.66 0.01
N VAL A 136 34.73 26.80 -0.41
CA VAL A 136 33.40 27.26 -0.05
C VAL A 136 32.68 27.64 -1.34
N VAL A 137 31.50 27.06 -1.56
CA VAL A 137 30.73 27.27 -2.78
C VAL A 137 29.43 27.97 -2.43
N LYS A 138 29.16 29.08 -3.11
CA LYS A 138 27.87 29.75 -3.03
C LYS A 138 27.14 29.49 -4.34
N MET A 139 25.95 28.89 -4.26
CA MET A 139 25.23 28.50 -5.46
C MET A 139 23.74 28.62 -5.21
N PRO A 140 22.92 28.65 -6.27
CA PRO A 140 21.47 28.68 -6.07
C PRO A 140 20.98 27.42 -5.36
N SER A 141 20.05 27.61 -4.42
CA SER A 141 19.57 26.50 -3.62
C SER A 141 18.77 25.51 -4.45
N GLY A 142 17.89 26.01 -5.33
CA GLY A 142 17.12 25.12 -6.18
C GLY A 142 17.98 24.28 -7.10
N GLU A 143 19.11 24.83 -7.54
CA GLU A 143 20.03 24.06 -8.37
C GLU A 143 20.63 22.91 -7.59
N PHE A 144 21.08 23.18 -6.35
CA PHE A 144 21.63 22.12 -5.51
C PHE A 144 20.59 21.05 -5.23
N ALA A 145 19.36 21.46 -4.92
CA ALA A 145 18.29 20.50 -4.70
C ALA A 145 18.05 19.65 -5.93
N ARG A 146 18.00 20.28 -7.11
CA ARG A 146 17.79 19.54 -8.35
C ARG A 146 18.92 18.56 -8.60
N ILE A 147 20.16 18.95 -8.28
CA ILE A 147 21.30 18.06 -8.51
C ILE A 147 21.22 16.84 -7.61
N CYS A 148 20.99 17.05 -6.31
CA CYS A 148 20.88 15.93 -5.40
C CYS A 148 19.72 15.02 -5.79
N ARG A 149 18.60 15.63 -6.16
CA ARG A 149 17.40 14.88 -6.54
C ARG A 149 17.65 14.04 -7.79
N ASP A 150 18.38 14.59 -8.76
CA ASP A 150 18.66 13.86 -9.99
C ASP A 150 19.67 12.74 -9.76
N LEU A 151 20.80 13.06 -9.13
CA LEU A 151 21.82 12.04 -8.90
C LEU A 151 21.35 10.93 -7.97
N SER A 152 20.33 11.18 -7.14
CA SER A 152 19.79 10.09 -6.34
C SER A 152 19.29 8.94 -7.20
N HIS A 153 18.82 9.23 -8.42
CA HIS A 153 18.39 8.18 -9.33
C HIS A 153 19.55 7.38 -9.91
N ILE A 154 20.79 7.83 -9.73
CA ILE A 154 21.95 7.19 -10.34
C ILE A 154 22.72 6.36 -9.32
N GLY A 155 22.91 6.88 -8.11
CA GLY A 155 23.67 6.18 -7.10
C GLY A 155 23.24 6.56 -5.70
N ASP A 156 23.93 5.97 -4.72
CA ASP A 156 23.65 6.25 -3.31
C ASP A 156 24.37 7.50 -2.82
N ALA A 157 25.58 7.73 -3.32
CA ALA A 157 26.46 8.77 -2.82
C ALA A 157 26.84 9.73 -3.94
N VAL A 158 27.08 10.97 -3.57
CA VAL A 158 27.55 12.00 -4.50
C VAL A 158 28.96 12.37 -4.12
N VAL A 159 29.83 12.45 -5.12
CA VAL A 159 31.21 12.88 -4.96
C VAL A 159 31.26 14.35 -5.36
N ILE A 160 31.54 15.22 -4.40
CA ILE A 160 31.68 16.64 -4.66
C ILE A 160 33.16 16.92 -4.86
N SER A 161 33.52 17.36 -6.06
CA SER A 161 34.87 17.77 -6.42
C SER A 161 34.87 19.27 -6.61
N CYS A 162 35.77 19.95 -5.89
CA CYS A 162 35.76 21.41 -5.79
C CYS A 162 37.12 21.93 -6.23
N ALA A 163 37.13 22.58 -7.41
CA ALA A 163 38.35 23.18 -7.96
C ALA A 163 38.05 24.62 -8.34
N LYS A 164 39.09 25.33 -8.78
CA LYS A 164 38.98 26.77 -9.05
C LYS A 164 38.09 27.08 -10.26
N ASP A 165 37.77 26.11 -11.10
CA ASP A 165 36.95 26.39 -12.27
C ASP A 165 35.51 25.94 -12.10
N GLY A 166 35.13 25.43 -10.93
CA GLY A 166 33.76 25.01 -10.77
C GLY A 166 33.66 23.88 -9.78
N VAL A 167 32.42 23.46 -9.56
CA VAL A 167 32.14 22.32 -8.68
C VAL A 167 31.48 21.24 -9.53
N LYS A 168 31.86 20.00 -9.27
CA LYS A 168 31.37 18.85 -10.02
C LYS A 168 30.81 17.84 -9.04
N PHE A 169 29.61 17.37 -9.32
CA PHE A 169 28.95 16.32 -8.55
C PHE A 169 28.92 15.06 -9.38
N SER A 170 29.29 13.92 -8.80
CA SER A 170 29.35 12.69 -9.58
C SER A 170 28.72 11.55 -8.82
N ALA A 171 28.02 10.66 -9.54
CA ALA A 171 27.41 9.50 -8.92
C ALA A 171 27.64 8.29 -9.82
N SER A 172 27.59 7.11 -9.21
CA SER A 172 27.78 5.86 -9.93
C SER A 172 26.87 4.79 -9.35
N GLY A 173 26.33 3.95 -10.21
CA GLY A 173 25.41 2.90 -9.84
C GLY A 173 25.40 1.80 -10.88
N GLU A 174 24.52 0.82 -10.67
CA GLU A 174 24.54 -0.36 -11.50
C GLU A 174 24.07 -0.07 -12.92
N LEU A 175 23.33 1.04 -13.12
CA LEU A 175 22.91 1.40 -14.47
C LEU A 175 23.89 2.35 -15.14
N GLY A 176 24.95 2.76 -14.45
CA GLY A 176 25.90 3.65 -15.07
C GLY A 176 26.46 4.67 -14.12
N ASN A 177 26.83 5.85 -14.61
CA ASN A 177 27.38 6.91 -13.78
C ASN A 177 27.14 8.25 -14.47
N GLY A 178 27.17 9.30 -13.67
CA GLY A 178 26.89 10.64 -14.18
C GLY A 178 27.75 11.68 -13.50
N ASN A 179 27.98 12.77 -14.24
CA ASN A 179 28.78 13.90 -13.78
C ASN A 179 28.09 15.20 -14.17
N ILE A 180 27.86 16.06 -13.18
CA ILE A 180 27.29 17.39 -13.38
C ILE A 180 28.36 18.42 -13.06
N LYS A 181 28.56 19.37 -13.97
CA LYS A 181 29.61 20.37 -13.87
C LYS A 181 29.00 21.76 -13.83
N LEU A 182 29.21 22.48 -12.74
CA LEU A 182 28.79 23.87 -12.60
C LEU A 182 30.02 24.76 -12.65
N SER A 183 30.01 25.71 -13.58
CA SER A 183 31.08 26.69 -13.71
C SER A 183 30.65 28.02 -13.10
N GLN A 184 31.65 28.74 -12.56
CA GLN A 184 31.41 30.06 -12.01
C GLN A 184 30.89 31.02 -13.08
N THR A 185 30.12 31.99 -12.63
CA THR A 185 29.41 32.91 -13.52
C THR A 185 29.83 34.34 -13.23
N SER A 186 29.50 35.25 -14.16
CA SER A 186 29.80 36.68 -14.03
C SER A 186 28.61 37.54 -14.46
N GLU A 191 22.67 37.56 -9.58
CA GLU A 191 23.50 37.49 -8.38
C GLU A 191 23.25 36.19 -7.60
N GLU A 192 21.98 35.77 -7.51
CA GLU A 192 21.66 34.49 -6.90
C GLU A 192 21.55 33.38 -7.92
N GLU A 193 21.76 33.68 -9.20
CA GLU A 193 21.94 32.68 -10.22
C GLU A 193 23.42 32.34 -10.38
N ALA A 194 24.26 32.94 -9.54
CA ALA A 194 25.70 32.84 -9.67
C ALA A 194 26.25 31.64 -8.93
N VAL A 195 27.40 31.16 -9.41
CA VAL A 195 28.15 30.10 -8.77
C VAL A 195 29.52 30.66 -8.48
N THR A 196 29.84 30.89 -7.22
CA THR A 196 31.12 31.48 -6.84
C THR A 196 31.86 30.55 -5.89
N ILE A 197 33.19 30.60 -5.97
CA ILE A 197 34.06 29.67 -5.23
C ILE A 197 35.14 30.46 -4.50
N GLU A 198 35.33 30.16 -3.22
CA GLU A 198 36.46 30.66 -2.44
C GLU A 198 37.33 29.46 -2.09
N MET A 199 38.54 29.40 -2.67
CA MET A 199 39.36 28.20 -2.66
C MET A 199 40.74 28.49 -2.09
N ASN A 200 41.17 27.65 -1.15
CA ASN A 200 42.55 27.62 -0.68
C ASN A 200 43.30 26.38 -1.16
N GLU A 201 42.64 25.24 -1.29
CA GLU A 201 43.21 24.03 -1.85
C GLU A 201 42.07 23.19 -2.42
N PRO A 202 42.33 22.39 -3.45
CA PRO A 202 41.25 21.60 -4.06
C PRO A 202 40.70 20.61 -3.05
N VAL A 203 39.40 20.33 -3.16
CA VAL A 203 38.77 19.38 -2.26
C VAL A 203 37.99 18.37 -3.09
N GLN A 204 37.74 17.20 -2.50
CA GLN A 204 36.90 16.18 -3.13
C GLN A 204 36.47 15.21 -2.05
N LEU A 205 35.17 15.12 -1.79
CA LEU A 205 34.67 14.26 -0.74
C LEU A 205 33.44 13.50 -1.24
N THR A 206 33.01 12.53 -0.45
CA THR A 206 31.87 11.70 -0.79
C THR A 206 30.85 11.78 0.34
N PHE A 207 29.58 11.92 -0.05
CA PHE A 207 28.51 12.08 0.92
C PHE A 207 27.32 11.25 0.51
N ALA A 208 26.50 10.89 1.49
CA ALA A 208 25.29 10.12 1.24
C ALA A 208 24.22 11.05 0.69
N LEU A 209 23.65 10.69 -0.46
CA LEU A 209 22.61 11.52 -1.06
C LEU A 209 21.34 11.53 -0.23
N ARG A 210 21.10 10.49 0.58
CA ARG A 210 19.92 10.46 1.44
C ARG A 210 19.88 11.70 2.35
N TYR A 211 20.99 12.00 3.00
CA TYR A 211 21.00 13.10 3.96
C TYR A 211 20.96 14.46 3.27
N LEU A 212 21.65 14.60 2.13
CA LEU A 212 21.55 15.85 1.39
C LEU A 212 20.12 16.11 0.95
N ASN A 213 19.41 15.07 0.50
CA ASN A 213 18.01 15.24 0.16
C ASN A 213 17.16 15.55 1.38
N PHE A 214 17.61 15.18 2.58
CA PHE A 214 16.97 15.73 3.78
C PHE A 214 17.28 17.22 3.92
N PHE A 215 18.53 17.62 3.65
CA PHE A 215 18.93 19.01 3.86
C PHE A 215 18.17 19.95 2.94
N THR A 216 17.88 19.50 1.72
CA THR A 216 17.24 20.39 0.75
C THR A 216 15.78 20.68 1.06
N LYS A 217 15.26 20.19 2.19
CA LYS A 217 13.94 20.61 2.63
C LYS A 217 13.92 22.05 3.14
N ALA A 218 15.09 22.63 3.40
CA ALA A 218 15.22 24.04 3.79
C ALA A 218 15.30 24.98 2.61
N THR A 219 15.11 24.48 1.39
CA THR A 219 15.24 25.32 0.20
C THR A 219 14.32 26.54 0.20
N PRO A 220 13.03 26.46 0.60
CA PRO A 220 12.20 27.66 0.58
C PRO A 220 12.64 28.78 1.53
N LEU A 221 13.69 28.54 2.31
CA LEU A 221 14.19 29.57 3.22
C LEU A 221 15.11 30.58 2.54
N SER A 222 15.82 30.18 1.49
CA SER A 222 16.80 31.06 0.87
C SER A 222 16.96 30.70 -0.59
N SER A 223 17.24 31.73 -1.40
CA SER A 223 17.54 31.52 -2.82
C SER A 223 18.95 30.98 -3.04
N THR A 224 19.85 31.14 -2.07
CA THR A 224 21.21 30.65 -2.20
C THR A 224 21.54 29.71 -1.04
N VAL A 225 22.48 28.80 -1.30
CA VAL A 225 22.98 27.85 -0.32
C VAL A 225 24.49 27.85 -0.44
N THR A 226 25.18 27.57 0.67
CA THR A 226 26.63 27.49 0.67
C THR A 226 27.08 26.12 1.15
N LEU A 227 28.07 25.57 0.46
CA LEU A 227 28.68 24.30 0.83
C LEU A 227 30.12 24.59 1.24
N SER A 228 30.45 24.30 2.48
CA SER A 228 31.80 24.46 2.97
C SER A 228 32.38 23.08 3.12
N MET A 229 33.50 22.86 2.46
CA MET A 229 34.08 21.54 2.36
C MET A 229 35.44 21.54 3.03
N SER A 230 35.59 20.50 3.80
CA SER A 230 36.59 20.20 4.78
C SER A 230 38.04 20.13 4.34
N ALA A 231 38.43 18.87 4.20
CA ALA A 231 39.76 18.31 4.01
C ALA A 231 39.47 16.85 4.27
N ASP A 232 39.08 16.57 5.52
CA ASP A 232 38.50 15.30 5.90
C ASP A 232 37.68 15.48 7.18
N VAL A 233 36.82 16.50 7.16
CA VAL A 233 35.93 16.89 8.26
C VAL A 233 34.53 16.95 7.67
N PRO A 234 33.48 17.18 8.45
CA PRO A 234 32.13 17.25 7.88
C PRO A 234 31.93 18.41 6.91
N LEU A 235 31.03 18.20 5.97
CA LEU A 235 30.54 19.23 5.06
C LEU A 235 29.49 20.09 5.77
N VAL A 236 29.48 21.37 5.43
CA VAL A 236 28.52 22.31 6.00
C VAL A 236 27.64 22.83 4.88
N VAL A 237 26.35 22.50 4.94
CA VAL A 237 25.35 23.01 4.02
C VAL A 237 24.56 24.07 4.76
N GLU A 238 24.71 25.33 4.35
CA GLU A 238 24.16 26.46 5.09
C GLU A 238 23.14 27.20 4.26
N TYR A 239 21.97 27.43 4.85
CA TYR A 239 20.91 28.24 4.27
C TYR A 239 20.72 29.46 5.16
N LYS A 240 20.91 30.65 4.59
CA LYS A 240 20.74 31.88 5.35
C LYS A 240 19.26 32.20 5.47
N ILE A 241 18.79 32.35 6.71
CA ILE A 241 17.45 32.86 6.96
C ILE A 241 17.60 34.37 7.01
N ALA A 242 17.32 35.02 5.87
CA ALA A 242 17.60 36.43 5.71
C ALA A 242 17.12 37.23 6.92
N ASP A 243 18.00 38.11 7.39
CA ASP A 243 17.74 39.08 8.44
C ASP A 243 17.54 38.50 9.83
N MET A 244 17.38 37.18 9.94
CA MET A 244 17.10 36.53 11.21
C MET A 244 18.28 35.70 11.71
N GLY A 245 18.80 34.84 10.87
CA GLY A 245 19.88 33.98 11.27
C GLY A 245 20.22 32.98 10.19
N HIS A 246 20.35 31.71 10.57
CA HIS A 246 20.79 30.72 9.60
C HIS A 246 20.39 29.34 10.07
N LEU A 247 20.36 28.41 9.11
CA LEU A 247 20.18 26.99 9.37
C LEU A 247 21.35 26.26 8.74
N LYS A 248 22.08 25.50 9.55
CA LYS A 248 23.30 24.84 9.13
C LYS A 248 23.18 23.33 9.33
N TYR A 249 23.66 22.58 8.33
CA TYR A 249 23.72 21.13 8.37
C TYR A 249 25.18 20.70 8.29
N TYR A 250 25.57 19.75 9.15
CA TYR A 250 26.90 19.18 9.13
C TYR A 250 26.77 17.70 8.80
N LEU A 251 27.46 17.26 7.76
CA LEU A 251 27.36 15.88 7.30
C LEU A 251 28.75 15.26 7.30
N ALA A 252 28.91 14.15 8.00
CA ALA A 252 30.20 13.49 8.01
C ALA A 252 30.48 12.84 6.66
N PRO A 253 31.70 12.91 6.16
CA PRO A 253 32.02 12.31 4.86
C PRO A 253 31.96 10.79 4.95
N LYS A 254 31.99 10.16 3.78
CA LYS A 254 32.01 8.72 3.68
C LYS A 254 33.46 8.25 3.54
N ILE A 255 33.96 7.58 4.57
CA ILE A 255 35.22 6.86 4.50
C ILE A 255 34.77 5.41 4.53
N GLU A 256 34.08 5.01 3.48
CA GLU A 256 33.26 3.79 3.44
C GLU A 256 32.52 3.56 4.74
N MET B 1 -42.68 10.72 -18.69
CA MET B 1 -41.26 10.96 -18.94
C MET B 1 -40.73 12.10 -18.09
N PHE B 2 -39.42 12.08 -17.86
CA PHE B 2 -38.72 13.13 -17.13
C PHE B 2 -37.53 13.56 -17.97
N GLU B 3 -37.44 14.84 -18.27
CA GLU B 3 -36.37 15.36 -19.12
C GLU B 3 -35.97 16.73 -18.60
N ALA B 4 -34.75 16.83 -18.11
CA ALA B 4 -34.21 18.08 -17.58
C ALA B 4 -32.94 18.40 -18.34
N ARG B 5 -32.83 19.64 -18.81
CA ARG B 5 -31.68 20.08 -19.59
C ARG B 5 -31.05 21.28 -18.88
N LEU B 6 -29.81 21.08 -18.44
CA LEU B 6 -29.03 22.03 -17.65
C LEU B 6 -27.77 22.41 -18.43
N VAL B 7 -27.63 23.69 -18.75
CA VAL B 7 -26.46 24.16 -19.49
C VAL B 7 -25.21 24.09 -18.60
N GLN B 8 -25.35 24.40 -17.30
CA GLN B 8 -24.22 24.35 -16.38
C GLN B 8 -24.11 22.96 -15.77
N GLY B 9 -23.59 22.02 -16.57
CA GLY B 9 -23.39 20.67 -16.05
C GLY B 9 -22.41 20.59 -14.90
N SER B 10 -21.52 21.58 -14.80
CA SER B 10 -20.59 21.64 -13.67
C SER B 10 -21.33 21.54 -12.34
N ILE B 11 -22.48 22.20 -12.22
CA ILE B 11 -23.31 22.09 -11.02
C ILE B 11 -23.56 20.63 -10.68
N LEU B 12 -24.06 19.86 -11.64
CA LEU B 12 -24.33 18.45 -11.42
C LEU B 12 -23.09 17.69 -10.99
N LYS B 13 -21.99 17.87 -11.73
CA LYS B 13 -20.72 17.22 -11.37
C LYS B 13 -20.33 17.52 -9.92
N LYS B 14 -20.27 18.81 -9.56
CA LYS B 14 -19.88 19.20 -8.22
C LYS B 14 -20.80 18.59 -7.16
N VAL B 15 -22.11 18.61 -7.42
CA VAL B 15 -23.08 18.05 -6.47
C VAL B 15 -22.77 16.59 -6.19
N LEU B 16 -22.57 15.80 -7.26
CA LEU B 16 -22.32 14.39 -7.02
C LEU B 16 -20.95 14.15 -6.39
N GLU B 17 -19.97 15.01 -6.69
CA GLU B 17 -18.71 14.92 -5.96
C GLU B 17 -18.92 15.24 -4.49
N ALA B 18 -19.92 16.06 -4.17
CA ALA B 18 -20.22 16.43 -2.80
C ALA B 18 -21.02 15.36 -2.06
N LEU B 19 -21.69 14.46 -2.78
CA LEU B 19 -22.54 13.47 -2.13
C LEU B 19 -21.99 12.05 -2.14
N LYS B 20 -21.21 11.69 -3.17
CA LYS B 20 -20.84 10.29 -3.41
C LYS B 20 -20.09 9.66 -2.24
N ASP B 21 -19.31 10.45 -1.51
CA ASP B 21 -18.48 9.89 -0.45
C ASP B 21 -19.22 9.76 0.89
N LEU B 22 -20.31 10.48 1.07
CA LEU B 22 -21.07 10.42 2.31
C LEU B 22 -22.22 9.43 2.25
N ILE B 23 -22.89 9.35 1.10
CA ILE B 23 -23.98 8.41 0.89
C ILE B 23 -23.70 7.71 -0.44
N ASN B 24 -23.92 6.39 -0.47
CA ASN B 24 -23.59 5.67 -1.70
C ASN B 24 -24.79 5.55 -2.64
N GLU B 25 -25.96 5.19 -2.10
CA GLU B 25 -27.19 5.16 -2.88
C GLU B 25 -28.18 6.14 -2.29
N ALA B 26 -28.91 6.82 -3.16
CA ALA B 26 -29.92 7.78 -2.74
C ALA B 26 -31.09 7.69 -3.69
N CYS B 27 -32.25 8.15 -3.22
CA CYS B 27 -33.47 8.14 -4.00
C CYS B 27 -33.79 9.57 -4.45
N TRP B 28 -33.86 9.75 -5.76
CA TRP B 28 -34.14 11.06 -6.35
C TRP B 28 -35.64 11.23 -6.52
N ASP B 29 -36.21 12.24 -5.85
CA ASP B 29 -37.61 12.59 -5.97
C ASP B 29 -37.76 13.62 -7.08
N ILE B 30 -38.40 13.21 -8.17
CA ILE B 30 -38.62 14.08 -9.31
C ILE B 30 -40.07 14.56 -9.29
N SER B 31 -40.26 15.87 -9.34
CA SER B 31 -41.59 16.45 -9.32
C SER B 31 -41.61 17.71 -10.17
N SER B 32 -42.81 18.26 -10.35
CA SER B 32 -42.96 19.47 -11.16
C SER B 32 -42.14 20.62 -10.61
N SER B 33 -41.87 20.64 -9.31
CA SER B 33 -41.09 21.71 -8.71
C SER B 33 -39.60 21.50 -8.87
N GLY B 34 -39.16 20.29 -9.20
CA GLY B 34 -37.75 20.07 -9.46
C GLY B 34 -37.31 18.71 -8.97
N VAL B 35 -36.01 18.63 -8.69
CA VAL B 35 -35.38 17.39 -8.26
C VAL B 35 -34.93 17.58 -6.83
N ASN B 36 -35.41 16.72 -5.93
CA ASN B 36 -35.01 16.74 -4.54
C ASN B 36 -34.39 15.40 -4.17
N LEU B 37 -33.48 15.43 -3.21
CA LEU B 37 -32.87 14.22 -2.71
C LEU B 37 -32.72 14.35 -1.22
N GLN B 38 -32.97 13.27 -0.48
CA GLN B 38 -32.90 13.33 0.97
C GLN B 38 -32.51 11.95 1.47
N SER B 39 -31.33 11.85 2.09
CA SER B 39 -30.84 10.54 2.49
C SER B 39 -30.00 10.67 3.75
N MET B 40 -30.08 9.66 4.61
CA MET B 40 -29.23 9.56 5.78
C MET B 40 -28.03 8.69 5.46
N ASP B 41 -26.88 9.02 6.04
CA ASP B 41 -25.70 8.19 5.79
C ASP B 41 -25.87 6.83 6.47
N SER B 42 -24.97 5.91 6.09
CA SER B 42 -25.07 4.53 6.56
C SER B 42 -25.01 4.42 8.08
N SER B 43 -24.26 5.31 8.72
CA SER B 43 -24.07 5.26 10.17
C SER B 43 -25.14 6.01 10.94
N HIS B 44 -26.12 6.62 10.25
CA HIS B 44 -27.23 7.32 10.89
C HIS B 44 -26.74 8.45 11.79
N VAL B 45 -25.76 9.21 11.30
CA VAL B 45 -25.23 10.35 12.03
C VAL B 45 -25.54 11.68 11.35
N SER B 46 -25.56 11.71 10.01
CA SER B 46 -25.81 12.93 9.28
C SER B 46 -26.90 12.69 8.23
N LEU B 47 -27.58 13.76 7.86
CA LEU B 47 -28.64 13.71 6.87
C LEU B 47 -28.34 14.71 5.78
N VAL B 48 -28.53 14.31 4.52
CA VAL B 48 -28.23 15.14 3.36
C VAL B 48 -29.56 15.49 2.70
N GLN B 49 -29.71 16.77 2.34
CA GLN B 49 -30.93 17.24 1.67
C GLN B 49 -30.54 18.18 0.54
N LEU B 50 -30.77 17.74 -0.70
CA LEU B 50 -30.46 18.48 -1.90
C LEU B 50 -31.75 18.98 -2.55
N THR B 51 -31.75 20.25 -2.95
CA THR B 51 -32.89 20.87 -3.61
C THR B 51 -32.43 21.55 -4.88
N LEU B 52 -32.98 21.10 -6.01
CA LEU B 52 -32.69 21.67 -7.33
C LEU B 52 -34.01 22.09 -7.95
N ARG B 53 -34.23 23.40 -8.10
CA ARG B 53 -35.51 23.89 -8.56
C ARG B 53 -35.66 23.64 -10.05
N SER B 54 -36.88 23.35 -10.47
CA SER B 54 -37.13 23.10 -11.89
C SER B 54 -36.90 24.37 -12.71
N GLU B 55 -37.11 25.54 -12.10
CA GLU B 55 -36.92 26.79 -12.81
C GLU B 55 -35.45 27.11 -13.03
N GLY B 56 -34.54 26.45 -12.31
CA GLY B 56 -33.12 26.59 -12.54
C GLY B 56 -32.60 25.80 -13.72
N PHE B 57 -33.38 24.86 -14.23
CA PHE B 57 -33.04 24.13 -15.43
C PHE B 57 -33.46 24.92 -16.66
N ASP B 58 -32.66 24.83 -17.72
CA ASP B 58 -32.98 25.54 -18.95
C ASP B 58 -34.22 24.97 -19.61
N THR B 59 -34.37 23.65 -19.60
CA THR B 59 -35.68 23.08 -19.91
C THR B 59 -36.00 22.00 -18.90
N TYR B 60 -37.28 21.86 -18.60
CA TYR B 60 -37.72 20.90 -17.60
C TYR B 60 -39.03 20.27 -18.05
N ARG B 61 -39.20 18.98 -17.77
CA ARG B 61 -40.42 18.27 -18.12
C ARG B 61 -40.57 17.09 -17.18
N CYS B 62 -41.77 16.95 -16.62
CA CYS B 62 -42.07 15.90 -15.65
C CYS B 62 -43.56 15.60 -15.74
N ASP B 63 -43.90 14.45 -16.33
CA ASP B 63 -45.29 14.06 -16.47
C ASP B 63 -45.87 13.64 -15.12
N ARG B 64 -45.36 12.54 -14.56
CA ARG B 64 -45.75 12.08 -13.24
C ARG B 64 -44.55 12.17 -12.29
N ASN B 65 -44.84 12.17 -10.99
CA ASN B 65 -43.77 12.17 -10.01
C ASN B 65 -42.98 10.87 -10.08
N LEU B 66 -41.68 10.98 -9.84
CA LEU B 66 -40.76 9.85 -10.00
C LEU B 66 -39.92 9.66 -8.73
N ALA B 67 -39.50 8.42 -8.50
CA ALA B 67 -38.56 8.08 -7.42
C ALA B 67 -37.46 7.21 -8.01
N MET B 68 -36.41 7.84 -8.53
CA MET B 68 -35.32 7.12 -9.18
C MET B 68 -34.29 6.69 -8.15
N GLY B 69 -34.13 5.38 -7.98
CA GLY B 69 -33.07 4.88 -7.13
C GLY B 69 -31.72 4.91 -7.81
N VAL B 70 -30.86 5.85 -7.40
CA VAL B 70 -29.57 6.06 -8.05
C VAL B 70 -28.46 5.64 -7.10
N ASN B 71 -27.52 4.85 -7.62
CA ASN B 71 -26.24 4.63 -6.95
C ASN B 71 -25.33 5.81 -7.25
N LEU B 72 -25.02 6.59 -6.21
CA LEU B 72 -24.35 7.87 -6.44
C LEU B 72 -22.90 7.69 -6.89
N THR B 73 -22.26 6.58 -6.52
CA THR B 73 -20.89 6.34 -6.96
C THR B 73 -20.83 6.10 -8.47
N SER B 74 -21.74 5.29 -8.99
CA SER B 74 -21.79 5.03 -10.43
C SER B 74 -22.10 6.30 -11.20
N MET B 75 -23.11 7.06 -10.75
CA MET B 75 -23.42 8.32 -11.41
C MET B 75 -22.26 9.31 -11.33
N SER B 76 -21.47 9.24 -10.25
CA SER B 76 -20.28 10.07 -10.16
C SER B 76 -19.26 9.68 -11.22
N LYS B 77 -19.00 8.37 -11.37
CA LYS B 77 -18.09 7.92 -12.42
C LYS B 77 -18.56 8.36 -13.80
N ILE B 78 -19.85 8.22 -14.08
CA ILE B 78 -20.36 8.62 -15.39
C ILE B 78 -20.24 10.13 -15.58
N LEU B 79 -20.54 10.92 -14.55
CA LEU B 79 -20.42 12.36 -14.67
C LEU B 79 -18.97 12.81 -14.76
N LYS B 80 -18.02 11.95 -14.38
CA LYS B 80 -16.62 12.24 -14.64
C LYS B 80 -16.31 12.30 -16.12
N CYS B 81 -17.17 11.70 -16.95
CA CYS B 81 -17.02 11.74 -18.40
C CYS B 81 -17.61 12.98 -19.03
N ALA B 82 -17.95 13.99 -18.22
CA ALA B 82 -18.56 15.22 -18.71
C ALA B 82 -17.61 16.37 -18.47
N GLY B 83 -17.41 17.20 -19.49
CA GLY B 83 -16.63 18.41 -19.32
C GLY B 83 -17.37 19.43 -18.49
N ASN B 84 -16.60 20.32 -17.85
CA ASN B 84 -17.20 21.32 -16.97
C ASN B 84 -18.07 22.31 -17.73
N GLU B 85 -17.83 22.49 -19.03
CA GLU B 85 -18.63 23.37 -19.86
C GLU B 85 -19.70 22.62 -20.65
N ASP B 86 -19.91 21.34 -20.36
CA ASP B 86 -20.86 20.54 -21.12
C ASP B 86 -22.29 20.86 -20.73
N ILE B 87 -23.19 20.72 -21.71
CA ILE B 87 -24.62 20.79 -21.43
C ILE B 87 -25.11 19.40 -21.08
N ILE B 88 -25.62 19.22 -19.86
CA ILE B 88 -26.00 17.89 -19.38
C ILE B 88 -27.53 17.79 -19.36
N THR B 89 -28.04 16.71 -19.93
CA THR B 89 -29.48 16.45 -19.98
C THR B 89 -29.75 15.10 -19.34
N LEU B 90 -30.52 15.09 -18.26
CA LEU B 90 -31.00 13.86 -17.65
C LEU B 90 -32.36 13.53 -18.23
N ARG B 91 -32.59 12.24 -18.49
CA ARG B 91 -33.86 11.83 -19.06
C ARG B 91 -34.16 10.39 -18.64
N ALA B 92 -35.35 10.16 -18.10
CA ALA B 92 -35.73 8.85 -17.60
C ALA B 92 -37.21 8.63 -17.86
N GLU B 93 -37.54 7.40 -18.27
CA GLU B 93 -38.93 7.03 -18.46
C GLU B 93 -39.59 6.75 -17.10
N ASP B 94 -40.91 6.59 -17.11
CA ASP B 94 -41.63 6.39 -15.87
C ASP B 94 -41.41 4.96 -15.36
N ASN B 95 -41.65 3.95 -16.24
CA ASN B 95 -41.34 2.53 -15.93
C ASN B 95 -39.96 2.18 -16.48
N ALA B 96 -38.97 2.94 -16.00
CA ALA B 96 -37.59 2.78 -16.46
C ALA B 96 -36.71 2.05 -15.46
N ASP B 97 -35.92 1.11 -16.02
CA ASP B 97 -34.78 0.49 -15.36
C ASP B 97 -33.52 1.35 -15.40
N THR B 98 -33.48 2.36 -16.28
CA THR B 98 -32.26 3.12 -16.54
C THR B 98 -32.54 4.61 -16.57
N LEU B 99 -31.50 5.38 -16.28
CA LEU B 99 -31.48 6.83 -16.46
C LEU B 99 -30.47 7.19 -17.54
N ALA B 100 -30.90 7.98 -18.51
CA ALA B 100 -30.07 8.39 -19.63
C ALA B 100 -29.48 9.77 -19.35
N LEU B 101 -28.18 9.91 -19.62
CA LEU B 101 -27.48 11.17 -19.48
C LEU B 101 -26.90 11.56 -20.83
N VAL B 102 -27.01 12.84 -21.18
CA VAL B 102 -26.51 13.33 -22.46
C VAL B 102 -25.58 14.50 -22.19
N PHE B 103 -24.34 14.38 -22.65
CA PHE B 103 -23.32 15.41 -22.49
C PHE B 103 -23.11 16.02 -23.88
N GLU B 104 -23.54 17.25 -24.04
CA GLU B 104 -23.45 17.95 -25.31
C GLU B 104 -22.24 18.86 -25.14
N ALA B 105 -21.15 18.45 -25.72
CA ALA B 105 -19.91 19.11 -25.41
C ALA B 105 -19.94 20.50 -26.19
N PRO B 106 -19.74 21.59 -25.47
CA PRO B 106 -19.60 22.98 -25.94
C PRO B 106 -19.73 23.13 -27.45
N ASN B 107 -18.59 22.93 -28.12
CA ASN B 107 -18.36 22.90 -29.57
C ASN B 107 -19.25 21.96 -30.37
N GLN B 108 -20.51 22.22 -30.74
CA GLN B 108 -21.42 21.13 -31.19
C GLN B 108 -20.81 20.00 -32.04
N GLU B 109 -19.63 19.58 -31.62
CA GLU B 109 -18.67 18.72 -32.31
C GLU B 109 -18.37 17.51 -31.48
N LYS B 110 -19.06 17.33 -30.37
CA LYS B 110 -18.86 16.16 -29.53
C LYS B 110 -20.15 15.95 -28.76
N VAL B 111 -20.64 14.71 -28.76
CA VAL B 111 -21.86 14.38 -28.03
C VAL B 111 -21.67 13.02 -27.39
N SER B 112 -21.56 12.99 -26.07
CA SER B 112 -21.53 11.76 -25.30
C SER B 112 -22.94 11.45 -24.81
N ASP B 113 -23.26 10.16 -24.69
CA ASP B 113 -24.52 9.78 -24.08
C ASP B 113 -24.32 8.47 -23.34
N TYR B 114 -24.61 8.49 -22.04
CA TYR B 114 -24.42 7.34 -21.18
C TYR B 114 -25.77 6.87 -20.66
N GLU B 115 -25.81 5.60 -20.26
CA GLU B 115 -27.02 4.96 -19.78
C GLU B 115 -26.69 4.24 -18.50
N MET B 116 -27.34 4.64 -17.41
CA MET B 116 -27.03 4.13 -16.07
C MET B 116 -28.15 3.25 -15.56
N LYS B 117 -27.80 2.14 -14.95
CA LYS B 117 -28.79 1.24 -14.38
C LYS B 117 -29.27 1.77 -13.03
N LEU B 118 -30.56 1.62 -12.78
CA LEU B 118 -31.16 2.07 -11.53
C LEU B 118 -31.43 0.88 -10.61
N MET B 119 -31.74 1.22 -9.37
CA MET B 119 -32.05 0.22 -8.36
C MET B 119 -33.42 0.50 -7.73
N ASP B 120 -34.00 -0.54 -7.18
CA ASP B 120 -35.26 -0.45 -6.43
C ASP B 120 -34.95 0.08 -5.05
N LEU B 121 -35.29 1.34 -4.80
CA LEU B 121 -34.85 1.92 -3.55
C LEU B 121 -35.96 2.31 -2.61
N ASP B 122 -36.98 3.05 -3.08
CA ASP B 122 -38.14 3.57 -2.33
C ASP B 122 -37.77 4.70 -1.36
N VAL B 123 -38.63 5.71 -1.29
CA VAL B 123 -38.34 6.99 -0.64
C VAL B 123 -38.24 6.85 0.87
N GLU B 124 -37.75 7.90 1.52
CA GLU B 124 -37.70 7.99 2.98
C GLU B 124 -38.88 8.78 3.52
N GLN B 125 -38.96 10.07 3.19
CA GLN B 125 -40.06 10.91 3.65
C GLN B 125 -40.22 12.12 2.72
N PRO B 129 -38.23 19.20 9.77
CA PRO B 129 -38.92 20.38 9.26
C PRO B 129 -38.13 21.66 9.45
N GLU B 130 -38.45 22.67 8.66
CA GLU B 130 -37.75 23.95 8.71
C GLU B 130 -37.92 24.58 10.09
N GLN B 131 -36.84 25.19 10.56
CA GLN B 131 -36.77 25.75 11.91
C GLN B 131 -36.10 27.12 11.85
N GLU B 132 -36.19 27.86 12.97
CA GLU B 132 -35.36 29.04 13.20
C GLU B 132 -34.36 28.68 14.28
N TYR B 133 -33.10 29.06 14.07
CA TYR B 133 -32.01 28.61 14.90
C TYR B 133 -31.49 29.75 15.79
N SER B 134 -30.97 29.36 16.95
CA SER B 134 -30.49 30.33 17.92
C SER B 134 -29.32 31.14 17.38
N CYS B 135 -28.40 30.50 16.67
CA CYS B 135 -27.22 31.20 16.14
C CYS B 135 -27.00 30.81 14.69
N VAL B 136 -26.77 31.79 13.82
CA VAL B 136 -26.52 31.56 12.41
C VAL B 136 -25.25 32.31 12.00
N VAL B 137 -24.30 31.59 11.42
CA VAL B 137 -23.01 32.15 11.01
C VAL B 137 -22.89 32.05 9.50
N LYS B 138 -22.64 33.18 8.85
CA LYS B 138 -22.33 33.23 7.42
C LYS B 138 -20.85 33.52 7.28
N MET B 139 -20.12 32.63 6.61
CA MET B 139 -18.69 32.78 6.50
C MET B 139 -18.22 32.20 5.17
N PRO B 140 -17.01 32.52 4.72
CA PRO B 140 -16.50 31.93 3.48
C PRO B 140 -16.39 30.41 3.60
N SER B 141 -16.76 29.72 2.50
CA SER B 141 -16.78 28.26 2.52
C SER B 141 -15.37 27.68 2.61
N GLY B 142 -14.43 28.24 1.85
CA GLY B 142 -13.06 27.77 1.93
C GLY B 142 -12.46 27.96 3.31
N GLU B 143 -12.89 29.00 4.02
CA GLU B 143 -12.41 29.24 5.38
C GLU B 143 -12.90 28.14 6.31
N PHE B 144 -14.18 27.80 6.23
CA PHE B 144 -14.72 26.71 7.05
C PHE B 144 -14.04 25.39 6.73
N ALA B 145 -13.82 25.12 5.44
CA ALA B 145 -13.10 23.90 5.05
C ALA B 145 -11.70 23.88 5.67
N ARG B 146 -11.00 25.00 5.59
CA ARG B 146 -9.67 25.09 6.15
C ARG B 146 -9.68 24.85 7.65
N ILE B 147 -10.66 25.42 8.35
CA ILE B 147 -10.75 25.27 9.80
C ILE B 147 -10.95 23.81 10.17
N CYS B 148 -11.91 23.16 9.52
CA CYS B 148 -12.16 21.75 9.84
C CYS B 148 -10.96 20.88 9.53
N ARG B 149 -10.31 21.11 8.39
CA ARG B 149 -9.15 20.30 8.02
C ARG B 149 -8.00 20.50 9.00
N ASP B 150 -7.77 21.74 9.42
CA ASP B 150 -6.66 22.02 10.34
C ASP B 150 -6.93 21.43 11.71
N LEU B 151 -8.13 21.66 12.26
CA LEU B 151 -8.45 21.10 13.57
C LEU B 151 -8.49 19.57 13.53
N SER B 152 -8.68 18.97 12.35
CA SER B 152 -8.59 17.51 12.25
C SER B 152 -7.22 17.01 12.69
N HIS B 153 -6.18 17.83 12.48
CA HIS B 153 -4.83 17.50 12.92
C HIS B 153 -4.66 17.56 14.44
N ILE B 154 -5.61 18.16 15.16
CA ILE B 154 -5.46 18.39 16.58
C ILE B 154 -6.31 17.42 17.40
N GLY B 155 -7.55 17.16 16.99
CA GLY B 155 -8.43 16.31 17.76
C GLY B 155 -9.48 15.64 16.90
N ASP B 156 -10.33 14.86 17.56
CA ASP B 156 -11.41 14.16 16.87
C ASP B 156 -12.64 15.05 16.68
N ALA B 157 -12.93 15.90 17.65
CA ALA B 157 -14.16 16.67 17.68
C ALA B 157 -13.84 18.16 17.79
N VAL B 158 -14.74 18.97 17.23
CA VAL B 158 -14.65 20.42 17.29
C VAL B 158 -15.80 20.94 18.14
N VAL B 159 -15.49 21.87 19.04
CA VAL B 159 -16.48 22.57 19.85
C VAL B 159 -16.74 23.91 19.18
N ILE B 160 -17.97 24.09 18.69
CA ILE B 160 -18.41 25.34 18.08
C ILE B 160 -19.17 26.14 19.13
N SER B 161 -18.64 27.30 19.47
CA SER B 161 -19.28 28.24 20.39
C SER B 161 -19.69 29.48 19.60
N CYS B 162 -20.95 29.87 19.75
CA CYS B 162 -21.54 30.92 18.93
C CYS B 162 -22.08 32.03 19.83
N ALA B 163 -21.48 33.23 19.71
CA ALA B 163 -21.97 34.42 20.41
C ALA B 163 -22.02 35.58 19.42
N LYS B 164 -22.53 36.73 19.88
CA LYS B 164 -22.71 37.92 19.04
C LYS B 164 -21.40 38.62 18.67
N ASP B 165 -20.30 38.30 19.34
CA ASP B 165 -19.02 38.96 19.11
C ASP B 165 -18.03 38.09 18.34
N GLY B 166 -18.48 36.95 17.84
CA GLY B 166 -17.64 36.08 17.04
C GLY B 166 -18.08 34.63 17.16
N VAL B 167 -17.43 33.80 16.35
CA VAL B 167 -17.64 32.36 16.36
C VAL B 167 -16.32 31.70 16.72
N LYS B 168 -16.38 30.64 17.51
CA LYS B 168 -15.18 29.98 17.98
C LYS B 168 -15.21 28.48 17.72
N PHE B 169 -14.15 27.96 17.10
CA PHE B 169 -13.94 26.53 16.93
C PHE B 169 -12.79 26.11 17.83
N SER B 170 -12.96 25.01 18.56
CA SER B 170 -11.91 24.59 19.49
C SER B 170 -11.71 23.09 19.37
N ALA B 171 -10.45 22.65 19.47
CA ALA B 171 -10.14 21.23 19.41
C ALA B 171 -9.10 20.88 20.47
N SER B 172 -9.08 19.60 20.86
CA SER B 172 -8.13 19.12 21.85
C SER B 172 -7.70 17.71 21.53
N GLY B 173 -6.43 17.44 21.78
CA GLY B 173 -5.84 16.13 21.55
C GLY B 173 -4.59 15.99 22.37
N GLU B 174 -3.94 14.81 22.20
CA GLU B 174 -2.82 14.47 23.05
C GLU B 174 -1.61 15.37 22.84
N LEU B 175 -1.51 16.07 21.71
CA LEU B 175 -0.41 16.99 21.51
C LEU B 175 -0.76 18.43 21.91
N GLY B 176 -1.96 18.69 22.36
CA GLY B 176 -2.28 20.04 22.77
C GLY B 176 -3.74 20.38 22.48
N ASN B 177 -3.98 21.67 22.22
CA ASN B 177 -5.33 22.15 21.97
C ASN B 177 -5.26 23.44 21.18
N GLY B 178 -6.34 23.76 20.50
CA GLY B 178 -6.37 24.94 19.65
C GLY B 178 -7.70 25.65 19.72
N ASN B 179 -7.65 26.96 19.51
CA ASN B 179 -8.81 27.84 19.56
C ASN B 179 -8.74 28.81 18.38
N ILE B 180 -9.76 28.79 17.54
CA ILE B 180 -9.88 29.72 16.42
C ILE B 180 -11.11 30.60 16.65
N LYS B 181 -10.91 31.90 16.58
CA LYS B 181 -11.96 32.89 16.80
C LYS B 181 -12.08 33.75 15.55
N LEU B 182 -13.25 33.71 14.92
CA LEU B 182 -13.55 34.53 13.77
C LEU B 182 -14.47 35.66 14.23
N SER B 183 -14.05 36.89 14.00
CA SER B 183 -14.83 38.04 14.46
C SER B 183 -15.66 38.59 13.31
N GLN B 184 -16.81 39.15 13.66
CA GLN B 184 -17.66 39.75 12.65
C GLN B 184 -16.96 40.92 11.99
N THR B 185 -17.26 41.12 10.71
CA THR B 185 -16.63 42.15 9.93
C THR B 185 -17.73 43.13 9.58
N GLU B 191 -18.04 41.51 0.34
CA GLU B 191 -19.36 40.95 0.63
C GLU B 191 -19.31 39.43 0.72
N GLU B 192 -18.49 38.81 -0.12
CA GLU B 192 -18.32 37.37 -0.11
C GLU B 192 -17.12 36.92 0.72
N GLU B 193 -16.34 37.85 1.25
CA GLU B 193 -15.27 37.55 2.19
C GLU B 193 -15.66 37.85 3.63
N ALA B 194 -16.89 38.29 3.87
CA ALA B 194 -17.31 38.76 5.18
C ALA B 194 -17.83 37.61 6.04
N VAL B 195 -17.76 37.80 7.35
CA VAL B 195 -18.29 36.86 8.33
C VAL B 195 -19.31 37.61 9.17
N THR B 196 -20.58 37.23 9.02
CA THR B 196 -21.67 37.88 9.74
C THR B 196 -22.42 36.87 10.58
N ILE B 197 -22.94 37.32 11.71
CA ILE B 197 -23.57 36.45 12.70
C ILE B 197 -24.92 37.02 13.07
N GLU B 198 -25.95 36.17 13.05
CA GLU B 198 -27.29 36.50 13.53
C GLU B 198 -27.53 35.67 14.78
N MET B 199 -27.63 36.32 15.92
CA MET B 199 -27.64 35.61 17.19
C MET B 199 -28.99 35.82 17.87
N ASN B 200 -29.62 34.74 18.29
CA ASN B 200 -30.81 34.79 19.12
C ASN B 200 -30.54 34.52 20.59
N GLU B 201 -29.65 33.57 20.85
CA GLU B 201 -29.17 33.21 22.18
C GLU B 201 -27.90 32.41 21.99
N PRO B 202 -26.92 32.54 22.91
CA PRO B 202 -25.63 31.88 22.68
C PRO B 202 -25.76 30.37 22.62
N VAL B 203 -24.90 29.74 21.82
CA VAL B 203 -24.92 28.30 21.65
C VAL B 203 -23.52 27.75 21.82
N GLN B 204 -23.43 26.44 22.10
CA GLN B 204 -22.15 25.74 22.15
C GLN B 204 -22.42 24.25 22.00
N LEU B 205 -21.88 23.65 20.94
CA LEU B 205 -22.09 22.22 20.67
C LEU B 205 -20.76 21.59 20.25
N THR B 206 -20.75 20.26 20.20
CA THR B 206 -19.56 19.50 19.82
C THR B 206 -19.91 18.54 18.69
N PHE B 207 -19.04 18.46 17.69
CA PHE B 207 -19.30 17.66 16.51
C PHE B 207 -18.06 16.89 16.09
N ALA B 208 -18.28 15.78 15.39
CA ALA B 208 -17.19 14.96 14.86
C ALA B 208 -16.62 15.62 13.60
N LEU B 209 -15.31 15.86 13.59
CA LEU B 209 -14.67 16.53 12.46
C LEU B 209 -14.70 15.66 11.21
N ARG B 210 -14.74 14.35 11.38
CA ARG B 210 -14.85 13.44 10.24
CA ARG B 210 -14.87 13.44 10.25
C ARG B 210 -16.01 13.83 9.34
N TYR B 211 -17.19 14.03 9.93
CA TYR B 211 -18.38 14.32 9.15
C TYR B 211 -18.34 15.72 8.55
N LEU B 212 -17.81 16.70 9.28
CA LEU B 212 -17.66 18.04 8.71
C LEU B 212 -16.74 18.00 7.50
N ASN B 213 -15.64 17.27 7.59
CA ASN B 213 -14.75 17.11 6.44
C ASN B 213 -15.43 16.33 5.31
N PHE B 214 -16.43 15.50 5.61
CA PHE B 214 -17.26 14.98 4.53
C PHE B 214 -18.10 16.08 3.91
N PHE B 215 -18.65 16.97 4.74
CA PHE B 215 -19.55 18.02 4.26
C PHE B 215 -18.81 19.01 3.36
N THR B 216 -17.56 19.32 3.70
CA THR B 216 -16.84 20.37 2.98
C THR B 216 -16.44 19.96 1.57
N LYS B 217 -16.81 18.76 1.12
CA LYS B 217 -16.61 18.42 -0.29
C LYS B 217 -17.57 19.19 -1.20
N ALA B 218 -18.59 19.83 -0.62
CA ALA B 218 -19.49 20.68 -1.38
C ALA B 218 -18.96 22.10 -1.54
N THR B 219 -17.75 22.37 -1.07
CA THR B 219 -17.20 23.72 -1.14
C THR B 219 -17.18 24.29 -2.56
N PRO B 220 -16.83 23.53 -3.62
CA PRO B 220 -16.85 24.12 -4.97
C PRO B 220 -18.22 24.58 -5.44
N LEU B 221 -19.27 24.33 -4.66
CA LEU B 221 -20.62 24.73 -5.06
C LEU B 221 -20.91 26.19 -4.72
N SER B 222 -20.27 26.74 -3.69
CA SER B 222 -20.56 28.09 -3.26
C SER B 222 -19.34 28.71 -2.61
N SER B 223 -19.19 30.02 -2.79
CA SER B 223 -18.12 30.76 -2.12
C SER B 223 -18.41 31.01 -0.66
N THR B 224 -19.67 30.91 -0.24
CA THR B 224 -20.07 31.13 1.14
C THR B 224 -20.81 29.92 1.68
N VAL B 225 -20.74 29.75 3.01
CA VAL B 225 -21.42 28.68 3.71
C VAL B 225 -22.08 29.28 4.96
N THR B 226 -23.20 28.67 5.37
CA THR B 226 -23.89 29.10 6.57
C THR B 226 -24.05 27.94 7.54
N LEU B 227 -23.84 28.20 8.83
CA LEU B 227 -24.01 27.24 9.91
C LEU B 227 -25.16 27.70 10.81
N SER B 228 -26.16 26.84 10.96
CA SER B 228 -27.30 27.09 11.83
C SER B 228 -27.24 26.16 13.04
N MET B 229 -27.35 26.76 14.23
CA MET B 229 -27.13 26.05 15.49
C MET B 229 -28.20 26.39 16.52
N SER B 230 -28.60 25.37 17.28
CA SER B 230 -29.50 25.49 18.41
C SER B 230 -29.14 24.39 19.41
N ALA B 231 -29.36 24.67 20.69
CA ALA B 231 -28.96 23.73 21.73
C ALA B 231 -29.63 22.39 21.56
N ASP B 232 -28.84 21.32 21.58
CA ASP B 232 -29.27 19.93 21.68
C ASP B 232 -29.96 19.44 20.41
N VAL B 233 -29.79 20.14 19.29
CA VAL B 233 -30.36 19.71 18.01
C VAL B 233 -29.26 19.75 16.96
N PRO B 234 -29.44 19.03 15.85
CA PRO B 234 -28.36 18.94 14.86
C PRO B 234 -28.00 20.29 14.25
N LEU B 235 -26.73 20.37 13.85
CA LEU B 235 -26.18 21.51 13.13
C LEU B 235 -26.55 21.45 11.65
N VAL B 236 -26.76 22.62 11.05
CA VAL B 236 -27.08 22.72 9.63
C VAL B 236 -25.96 23.45 8.91
N VAL B 237 -25.28 22.75 8.00
CA VAL B 237 -24.26 23.33 7.14
C VAL B 237 -24.90 23.47 5.76
N GLU B 238 -25.10 24.71 5.30
CA GLU B 238 -25.83 24.97 4.08
C GLU B 238 -24.95 25.67 3.06
N TYR B 239 -24.93 25.11 1.84
CA TYR B 239 -24.26 25.68 0.68
C TYR B 239 -25.33 26.04 -0.36
N LYS B 240 -25.38 27.32 -0.73
CA LYS B 240 -26.35 27.76 -1.73
C LYS B 240 -25.84 27.40 -3.12
N ILE B 241 -26.66 26.70 -3.89
CA ILE B 241 -26.35 26.40 -5.29
C ILE B 241 -26.95 27.53 -6.13
N ALA B 242 -26.10 28.49 -6.49
CA ALA B 242 -26.55 29.71 -7.18
C ALA B 242 -27.46 29.38 -8.35
N ASP B 243 -28.59 30.10 -8.41
CA ASP B 243 -29.61 30.01 -9.47
C ASP B 243 -30.41 28.73 -9.46
N MET B 244 -29.93 27.68 -8.80
CA MET B 244 -30.60 26.39 -8.87
C MET B 244 -31.32 26.02 -7.58
N GLY B 245 -30.64 26.07 -6.44
CA GLY B 245 -31.24 25.64 -5.19
C GLY B 245 -30.25 25.63 -4.04
N HIS B 246 -30.18 24.53 -3.30
CA HIS B 246 -29.28 24.48 -2.16
C HIS B 246 -28.93 23.04 -1.85
N LEU B 247 -27.81 22.87 -1.13
CA LEU B 247 -27.37 21.59 -0.60
C LEU B 247 -27.16 21.75 0.90
N LYS B 248 -27.83 20.92 1.69
CA LYS B 248 -27.80 21.02 3.15
C LYS B 248 -27.30 19.73 3.79
N TYR B 249 -26.44 19.89 4.79
CA TYR B 249 -25.94 18.79 5.61
C TYR B 249 -26.41 19.01 7.04
N TYR B 250 -26.92 17.95 7.65
CA TYR B 250 -27.38 17.97 9.04
C TYR B 250 -26.52 17.02 9.84
N LEU B 251 -25.92 17.52 10.93
CA LEU B 251 -25.00 16.73 11.73
C LEU B 251 -25.52 16.66 13.15
N ALA B 252 -25.70 15.44 13.66
CA ALA B 252 -26.16 15.28 15.02
C ALA B 252 -25.05 15.66 15.99
N PRO B 253 -25.37 16.37 17.07
CA PRO B 253 -24.33 16.80 18.01
C PRO B 253 -23.81 15.64 18.84
N LYS B 254 -22.72 15.91 19.54
CA LYS B 254 -22.17 14.97 20.51
C LYS B 254 -22.68 15.37 21.89
N ILE B 255 -23.13 14.39 22.67
CA ILE B 255 -23.72 14.67 23.96
C ILE B 255 -23.18 13.71 25.03
N MET C 1 31.74 4.84 -35.21
CA MET C 1 31.40 5.68 -34.07
C MET C 1 30.09 6.38 -34.35
N PHE C 2 29.32 6.72 -33.31
CA PHE C 2 28.02 7.35 -33.47
C PHE C 2 27.90 8.54 -32.54
N GLU C 3 27.55 9.70 -33.12
CA GLU C 3 27.39 10.92 -32.35
C GLU C 3 26.25 11.74 -32.96
N ALA C 4 25.20 11.96 -32.18
CA ALA C 4 24.04 12.73 -32.61
C ALA C 4 23.79 13.86 -31.63
N ARG C 5 23.57 15.06 -32.16
CA ARG C 5 23.32 16.26 -31.38
C ARG C 5 21.96 16.84 -31.74
N LEU C 6 21.09 16.92 -30.73
CA LEU C 6 19.72 17.39 -30.85
C LEU C 6 19.53 18.60 -29.94
N VAL C 7 19.19 19.76 -30.53
CA VAL C 7 18.91 20.96 -29.73
C VAL C 7 17.63 20.78 -28.94
N GLN C 8 16.62 20.14 -29.54
CA GLN C 8 15.34 19.97 -28.86
C GLN C 8 15.37 18.64 -28.09
N GLY C 9 16.16 18.63 -27.01
CA GLY C 9 16.32 17.42 -26.22
C GLY C 9 15.04 16.96 -25.55
N SER C 10 14.13 17.89 -25.30
CA SER C 10 12.84 17.54 -24.72
C SER C 10 12.17 16.41 -25.50
N ILE C 11 12.28 16.44 -26.83
CA ILE C 11 11.74 15.36 -27.67
C ILE C 11 12.20 14.01 -27.14
N LEU C 12 13.50 13.82 -27.00
CA LEU C 12 14.03 12.56 -26.50
C LEU C 12 13.37 12.21 -25.17
N LYS C 13 13.35 13.17 -24.24
CA LYS C 13 12.69 12.94 -22.96
C LYS C 13 11.28 12.37 -23.17
N LYS C 14 10.45 13.10 -23.93
CA LYS C 14 9.07 12.68 -24.16
C LYS C 14 9.00 11.28 -24.76
N VAL C 15 9.87 10.99 -25.73
CA VAL C 15 9.89 9.67 -26.37
C VAL C 15 10.04 8.57 -25.32
N LEU C 16 10.95 8.80 -24.37
CA LEU C 16 11.16 7.78 -23.34
C LEU C 16 9.97 7.69 -22.37
N GLU C 17 9.32 8.83 -22.09
CA GLU C 17 8.12 8.78 -21.25
C GLU C 17 7.01 7.99 -21.91
N ALA C 18 6.98 7.96 -23.24
CA ALA C 18 5.96 7.21 -23.97
C ALA C 18 6.27 5.72 -24.04
N LEU C 19 7.53 5.33 -23.82
CA LEU C 19 7.89 3.92 -23.98
C LEU C 19 8.17 3.15 -22.69
N LYS C 20 8.67 3.81 -21.65
CA LYS C 20 9.22 3.10 -20.49
C LYS C 20 8.19 2.23 -19.80
N ASP C 21 6.91 2.63 -19.84
CA ASP C 21 5.88 1.87 -19.15
C ASP C 21 5.34 0.71 -19.98
N LEU C 22 5.55 0.74 -21.29
CA LEU C 22 5.03 -0.29 -22.19
C LEU C 22 6.06 -1.35 -22.53
N ILE C 23 7.31 -0.95 -22.74
CA ILE C 23 8.41 -1.88 -23.03
C ILE C 23 9.56 -1.56 -22.10
N ASN C 24 10.16 -2.60 -21.52
CA ASN C 24 11.20 -2.43 -20.52
C ASN C 24 12.60 -2.45 -21.11
N GLU C 25 12.88 -3.41 -21.99
CA GLU C 25 14.13 -3.49 -22.72
C GLU C 25 13.84 -3.41 -24.21
N ALA C 26 14.62 -2.61 -24.92
CA ALA C 26 14.42 -2.46 -26.35
C ALA C 26 15.77 -2.29 -27.02
N CYS C 27 15.81 -2.61 -28.31
CA CYS C 27 17.02 -2.51 -29.11
C CYS C 27 16.90 -1.31 -30.05
N TRP C 28 17.79 -0.34 -29.89
CA TRP C 28 17.82 0.85 -30.72
C TRP C 28 18.73 0.57 -31.92
N ASP C 29 18.16 0.63 -33.12
CA ASP C 29 18.88 0.44 -34.36
C ASP C 29 19.43 1.78 -34.83
N ILE C 30 20.75 1.92 -34.82
CA ILE C 30 21.42 3.14 -35.26
C ILE C 30 21.97 2.89 -36.65
N SER C 31 21.64 3.78 -37.60
CA SER C 31 22.13 3.63 -38.96
C SER C 31 22.30 4.99 -39.60
N SER C 32 22.78 4.97 -40.85
CA SER C 32 23.02 6.21 -41.60
C SER C 32 21.76 7.05 -41.74
N SER C 33 20.59 6.41 -41.80
CA SER C 33 19.35 7.13 -41.98
C SER C 33 18.76 7.68 -40.68
N GLY C 34 19.20 7.18 -39.53
CA GLY C 34 18.70 7.70 -38.28
C GLY C 34 18.58 6.60 -37.23
N VAL C 35 17.70 6.85 -36.26
CA VAL C 35 17.50 5.98 -35.11
C VAL C 35 16.13 5.33 -35.24
N ASN C 36 16.08 4.01 -35.15
CA ASN C 36 14.83 3.28 -35.27
CA ASN C 36 14.83 3.27 -35.27
C ASN C 36 14.70 2.28 -34.12
N LEU C 37 13.47 2.08 -33.67
CA LEU C 37 13.19 1.12 -32.61
C LEU C 37 11.91 0.39 -32.97
N GLN C 38 11.87 -0.90 -32.69
CA GLN C 38 10.67 -1.69 -32.94
C GLN C 38 10.63 -2.81 -31.92
N SER C 39 9.62 -2.78 -31.05
CA SER C 39 9.57 -3.77 -29.99
C SER C 39 8.13 -4.09 -29.67
N MET C 40 7.91 -5.33 -29.25
CA MET C 40 6.63 -5.75 -28.73
C MET C 40 6.64 -5.68 -27.21
N ASP C 41 5.47 -5.39 -26.63
CA ASP C 41 5.40 -5.45 -25.18
C ASP C 41 5.52 -6.90 -24.72
N SER C 42 5.74 -7.06 -23.42
CA SER C 42 6.03 -8.39 -22.89
C SER C 42 4.91 -9.39 -23.17
N SER C 43 3.67 -8.93 -23.21
CA SER C 43 2.53 -9.81 -23.41
C SER C 43 2.21 -10.08 -24.88
N HIS C 44 2.98 -9.49 -25.80
CA HIS C 44 2.80 -9.74 -27.24
C HIS C 44 1.41 -9.35 -27.72
N VAL C 45 0.94 -8.19 -27.28
CA VAL C 45 -0.37 -7.67 -27.70
C VAL C 45 -0.23 -6.41 -28.54
N SER C 46 0.76 -5.57 -28.29
CA SER C 46 0.94 -4.33 -29.01
C SER C 46 2.37 -4.25 -29.53
N LEU C 47 2.54 -3.50 -30.61
CA LEU C 47 3.83 -3.29 -31.23
C LEU C 47 4.10 -1.79 -31.29
N VAL C 48 5.30 -1.40 -30.93
CA VAL C 48 5.68 0.00 -30.94
C VAL C 48 6.83 0.18 -31.93
N GLN C 49 6.76 1.25 -32.72
CA GLN C 49 7.73 1.52 -33.78
C GLN C 49 8.08 3.00 -33.76
N LEU C 50 9.33 3.31 -33.37
CA LEU C 50 9.83 4.67 -33.26
C LEU C 50 10.79 4.94 -34.39
N THR C 51 10.64 6.10 -35.03
CA THR C 51 11.50 6.53 -36.13
C THR C 51 11.93 7.96 -35.87
N LEU C 52 13.25 8.17 -35.79
CA LEU C 52 13.87 9.48 -35.62
C LEU C 52 14.83 9.66 -36.80
N ARG C 53 14.48 10.53 -37.74
CA ARG C 53 15.28 10.64 -38.95
C ARG C 53 16.56 11.42 -38.66
N SER C 54 17.62 11.06 -39.38
CA SER C 54 18.92 11.68 -39.12
C SER C 54 18.90 13.17 -39.44
N GLU C 55 18.07 13.59 -40.39
CA GLU C 55 17.98 14.99 -40.75
C GLU C 55 17.25 15.82 -39.71
N GLY C 56 16.59 15.19 -38.74
CA GLY C 56 16.01 15.92 -37.64
C GLY C 56 17.01 16.29 -36.55
N PHE C 57 18.16 15.63 -36.53
CA PHE C 57 19.20 16.00 -35.59
C PHE C 57 19.97 17.18 -36.15
N ASP C 58 20.34 18.10 -35.25
N ASP C 58 20.37 18.09 -35.27
CA ASP C 58 21.13 19.26 -35.62
CA ASP C 58 21.12 19.25 -35.74
C ASP C 58 22.46 18.84 -36.23
C ASP C 58 22.49 18.83 -36.25
N THR C 59 23.16 17.92 -35.56
CA THR C 59 24.34 17.28 -36.15
C THR C 59 24.19 15.78 -36.00
N TYR C 60 24.59 15.03 -37.02
CA TYR C 60 24.43 13.60 -37.00
C TYR C 60 25.66 12.93 -37.58
N ARG C 61 26.02 11.80 -36.98
CA ARG C 61 27.18 11.04 -37.40
C ARG C 61 26.99 9.57 -37.03
N CYS C 62 27.23 8.69 -38.00
CA CYS C 62 27.07 7.26 -37.80
C CYS C 62 27.99 6.57 -38.79
N ASP C 63 29.11 6.05 -38.29
CA ASP C 63 30.06 5.31 -39.13
C ASP C 63 29.53 3.93 -39.49
N ARG C 64 29.33 3.09 -38.49
CA ARG C 64 28.81 1.74 -38.67
C ARG C 64 27.43 1.62 -38.05
N ASN C 65 26.68 0.62 -38.52
CA ASN C 65 25.38 0.33 -37.92
C ASN C 65 25.54 -0.21 -36.50
N LEU C 66 24.61 0.16 -35.64
CA LEU C 66 24.64 -0.24 -34.23
C LEU C 66 23.30 -0.85 -33.84
N ALA C 67 23.35 -1.73 -32.84
CA ALA C 67 22.17 -2.30 -32.22
C ALA C 67 22.37 -2.17 -30.72
N MET C 68 22.00 -1.01 -30.17
CA MET C 68 22.23 -0.73 -28.76
C MET C 68 21.09 -1.31 -27.93
N GLY C 69 21.41 -2.28 -27.07
CA GLY C 69 20.44 -2.82 -26.15
C GLY C 69 20.25 -1.89 -24.96
N VAL C 70 19.11 -1.20 -24.91
CA VAL C 70 18.84 -0.20 -23.89
C VAL C 70 17.76 -0.72 -22.96
N ASN C 71 18.01 -0.62 -21.65
CA ASN C 71 16.96 -0.74 -20.66
C ASN C 71 16.26 0.61 -20.56
N LEU C 72 14.99 0.66 -20.97
CA LEU C 72 14.32 1.95 -21.15
C LEU C 72 14.05 2.64 -19.82
N THR C 73 13.89 1.89 -18.73
CA THR C 73 13.69 2.53 -17.44
C THR C 73 14.94 3.29 -17.00
N SER C 74 16.12 2.68 -17.17
CA SER C 74 17.36 3.35 -16.79
C SER C 74 17.58 4.60 -17.65
N MET C 75 17.41 4.46 -18.97
CA MET C 75 17.57 5.60 -19.86
C MET C 75 16.57 6.70 -19.53
N SER C 76 15.35 6.32 -19.11
CA SER C 76 14.39 7.31 -18.68
C SER C 76 14.86 8.04 -17.42
N LYS C 77 15.41 7.28 -16.46
CA LYS C 77 15.96 7.90 -15.26
C LYS C 77 17.05 8.91 -15.63
N ILE C 78 17.94 8.54 -16.56
CA ILE C 78 19.01 9.44 -16.96
C ILE C 78 18.46 10.68 -17.66
N LEU C 79 17.46 10.49 -18.52
CA LEU C 79 16.89 11.63 -19.22
C LEU C 79 16.08 12.54 -18.31
N LYS C 80 15.60 12.04 -17.16
CA LYS C 80 14.95 12.91 -16.21
C LYS C 80 15.91 13.92 -15.58
N CYS C 81 17.22 13.69 -15.69
CA CYS C 81 18.22 14.62 -15.17
C CYS C 81 18.55 15.75 -16.14
N ALA C 82 17.76 15.89 -17.21
CA ALA C 82 18.01 16.88 -18.25
C ALA C 82 16.86 17.89 -18.31
N GLY C 83 17.21 19.18 -18.41
CA GLY C 83 16.21 20.19 -18.58
C GLY C 83 15.52 20.11 -19.92
N ASN C 84 14.30 20.66 -19.98
CA ASN C 84 13.50 20.54 -21.19
C ASN C 84 14.09 21.31 -22.37
N GLU C 85 14.86 22.36 -22.11
CA GLU C 85 15.52 23.11 -23.16
C GLU C 85 16.99 22.72 -23.33
N ASP C 86 17.42 21.61 -22.74
CA ASP C 86 18.80 21.19 -22.86
C ASP C 86 19.06 20.62 -24.25
N ILE C 87 20.29 20.83 -24.71
CA ILE C 87 20.77 20.20 -25.94
C ILE C 87 21.39 18.86 -25.57
N ILE C 88 20.84 17.77 -26.13
CA ILE C 88 21.24 16.42 -25.77
C ILE C 88 22.07 15.83 -26.88
N THR C 89 23.22 15.23 -26.52
CA THR C 89 24.12 14.60 -27.46
C THR C 89 24.33 13.14 -27.06
N LEU C 90 23.93 12.22 -27.93
CA LEU C 90 24.21 10.80 -27.76
C LEU C 90 25.51 10.44 -28.47
N ARG C 91 26.32 9.59 -27.83
CA ARG C 91 27.58 9.19 -28.45
C ARG C 91 27.96 7.80 -27.95
N ALA C 92 28.27 6.92 -28.89
CA ALA C 92 28.60 5.54 -28.57
C ALA C 92 29.65 5.03 -29.55
N GLU C 93 30.61 4.26 -29.03
CA GLU C 93 31.60 3.64 -29.89
C GLU C 93 30.99 2.44 -30.61
N ASP C 94 31.78 1.82 -31.48
CA ASP C 94 31.27 0.77 -32.33
C ASP C 94 30.92 -0.49 -31.55
N ASN C 95 31.77 -0.89 -30.60
CA ASN C 95 31.35 -1.93 -29.66
C ASN C 95 30.58 -1.22 -28.56
N ALA C 96 31.31 -0.73 -27.56
CA ALA C 96 30.80 -0.01 -26.41
C ALA C 96 29.68 -0.74 -25.66
N ASP C 97 29.96 -1.09 -24.41
CA ASP C 97 28.95 -1.54 -23.47
C ASP C 97 28.11 -0.39 -22.95
N THR C 98 28.46 0.84 -23.32
CA THR C 98 27.82 2.02 -22.76
C THR C 98 27.41 2.97 -23.88
N LEU C 99 26.37 3.74 -23.60
CA LEU C 99 25.93 4.87 -24.41
C LEU C 99 26.15 6.13 -23.59
N ALA C 100 26.80 7.11 -24.20
CA ALA C 100 27.11 8.37 -23.53
C ALA C 100 26.04 9.39 -23.86
N LEU C 101 25.56 10.10 -22.85
CA LEU C 101 24.60 11.17 -23.01
C LEU C 101 25.20 12.45 -22.46
N VAL C 102 25.03 13.55 -23.17
CA VAL C 102 25.57 14.84 -22.77
C VAL C 102 24.45 15.85 -22.75
N PHE C 103 24.25 16.50 -21.62
CA PHE C 103 23.21 17.50 -21.45
C PHE C 103 23.86 18.88 -21.35
N GLU C 104 23.60 19.73 -22.34
CA GLU C 104 24.13 21.08 -22.35
C GLU C 104 23.02 22.04 -22.02
N ALA C 105 23.24 22.80 -21.06
CA ALA C 105 22.23 23.74 -20.61
C ALA C 105 22.31 25.03 -21.40
N PRO C 106 21.15 25.70 -21.55
CA PRO C 106 21.12 26.95 -22.34
C PRO C 106 22.12 27.98 -21.86
N ASN C 107 22.16 28.19 -20.53
CA ASN C 107 23.15 29.04 -19.86
C ASN C 107 24.55 28.91 -20.46
N GLN C 108 25.03 27.67 -20.57
CA GLN C 108 26.36 27.22 -20.98
C GLN C 108 27.31 27.21 -19.78
N GLU C 109 26.76 27.44 -18.59
CA GLU C 109 27.49 27.34 -17.33
C GLU C 109 27.33 25.98 -16.66
N LYS C 110 26.48 25.12 -17.22
CA LYS C 110 26.19 23.80 -16.68
C LYS C 110 26.30 22.78 -17.79
N VAL C 111 27.01 21.68 -17.53
CA VAL C 111 27.18 20.60 -18.51
C VAL C 111 27.15 19.28 -17.76
N SER C 112 26.11 18.48 -17.98
CA SER C 112 26.04 17.14 -17.44
C SER C 112 26.51 16.13 -18.47
N ASP C 113 27.08 15.03 -17.98
CA ASP C 113 27.51 13.93 -18.84
C ASP C 113 27.27 12.60 -18.11
N TYR C 114 26.43 11.75 -18.70
CA TYR C 114 26.07 10.48 -18.12
C TYR C 114 26.55 9.35 -19.04
N GLU C 115 26.74 8.17 -18.43
CA GLU C 115 27.21 6.99 -19.13
C GLU C 115 26.33 5.82 -18.72
N MET C 116 25.65 5.22 -19.69
CA MET C 116 24.66 4.19 -19.43
C MET C 116 25.15 2.84 -19.93
N LYS C 117 24.97 1.80 -19.12
CA LYS C 117 25.37 0.47 -19.55
C LYS C 117 24.33 -0.12 -20.49
N LEU C 118 24.80 -0.79 -21.53
CA LEU C 118 23.94 -1.39 -22.53
C LEU C 118 23.81 -2.89 -22.29
N MET C 119 22.88 -3.50 -23.02
CA MET C 119 22.62 -4.93 -22.90
C MET C 119 22.93 -5.61 -24.23
N ASP C 120 23.17 -6.91 -24.15
CA ASP C 120 23.31 -7.74 -25.34
C ASP C 120 21.90 -8.18 -25.70
N LEU C 121 21.32 -7.49 -26.67
CA LEU C 121 19.93 -7.67 -27.04
C LEU C 121 19.84 -8.09 -28.50
N ASP C 122 19.11 -9.17 -28.74
CA ASP C 122 18.91 -9.64 -30.10
C ASP C 122 18.12 -8.61 -30.89
N VAL C 123 18.70 -8.11 -31.97
CA VAL C 123 17.88 -7.46 -32.98
C VAL C 123 16.97 -8.56 -33.51
N GLU C 124 15.74 -8.60 -33.01
CA GLU C 124 14.72 -9.54 -33.45
C GLU C 124 13.56 -8.68 -33.94
N GLN C 125 13.40 -8.58 -35.25
CA GLN C 125 12.51 -7.59 -35.84
C GLN C 125 11.31 -8.24 -36.49
N LEU C 126 10.14 -7.65 -36.27
CA LEU C 126 8.95 -8.01 -37.01
C LEU C 126 9.00 -7.41 -38.41
N GLY C 127 8.10 -7.90 -39.27
CA GLY C 127 8.01 -7.41 -40.62
C GLY C 127 6.67 -6.74 -40.89
N ILE C 128 6.64 -5.41 -40.77
CA ILE C 128 5.41 -4.63 -40.89
C ILE C 128 5.32 -4.10 -42.28
N PRO C 129 4.43 -4.59 -43.15
CA PRO C 129 4.28 -4.03 -44.48
C PRO C 129 3.44 -2.76 -44.50
N GLU C 130 3.73 -1.93 -45.49
CA GLU C 130 3.01 -0.68 -45.67
C GLU C 130 1.65 -1.01 -46.29
N GLN C 131 0.58 -0.42 -45.74
CA GLN C 131 -0.73 -0.76 -46.26
C GLN C 131 -1.62 0.47 -46.39
N GLU C 132 -2.76 0.26 -46.99
CA GLU C 132 -3.86 1.21 -47.07
C GLU C 132 -4.95 0.79 -46.09
N TYR C 133 -5.46 1.75 -45.31
CA TYR C 133 -6.45 1.45 -44.31
C TYR C 133 -7.82 1.96 -44.73
N SER C 134 -8.84 1.20 -44.38
CA SER C 134 -10.18 1.54 -44.79
C SER C 134 -10.63 2.87 -44.19
N CYS C 135 -10.28 3.11 -42.92
CA CYS C 135 -10.70 4.35 -42.26
C CYS C 135 -9.52 4.96 -41.51
N VAL C 136 -9.30 6.26 -41.69
CA VAL C 136 -8.25 6.99 -41.01
C VAL C 136 -8.85 8.23 -40.36
N VAL C 137 -8.61 8.40 -39.06
CA VAL C 137 -9.18 9.49 -38.28
C VAL C 137 -8.05 10.39 -37.80
N LYS C 138 -8.13 11.68 -38.13
CA LYS C 138 -7.23 12.68 -37.57
C LYS C 138 -8.00 13.50 -36.55
N MET C 139 -7.50 13.56 -35.32
CA MET C 139 -8.22 14.24 -34.25
C MET C 139 -7.20 14.79 -33.27
N PRO C 140 -7.62 15.70 -32.39
CA PRO C 140 -6.69 16.18 -31.35
C PRO C 140 -6.24 15.03 -30.44
N SER C 141 -4.96 15.06 -30.08
CA SER C 141 -4.41 13.98 -29.25
C SER C 141 -4.98 14.01 -27.83
N GLY C 142 -5.07 15.20 -27.24
CA GLY C 142 -5.65 15.30 -25.91
C GLY C 142 -7.09 14.83 -25.85
N GLU C 143 -7.83 15.02 -26.95
CA GLU C 143 -9.20 14.53 -27.00
C GLU C 143 -9.22 13.00 -26.98
N PHE C 144 -8.35 12.37 -27.76
CA PHE C 144 -8.27 10.91 -27.78
C PHE C 144 -7.89 10.38 -26.40
N ALA C 145 -6.92 11.02 -25.74
CA ALA C 145 -6.55 10.62 -24.38
C ALA C 145 -7.73 10.74 -23.43
N ARG C 146 -8.44 11.88 -23.47
CA ARG C 146 -9.58 12.07 -22.59
C ARG C 146 -10.64 11.00 -22.84
N ILE C 147 -10.89 10.65 -24.10
CA ILE C 147 -11.88 9.64 -24.42
C ILE C 147 -11.49 8.29 -23.83
N CYS C 148 -10.25 7.86 -24.06
CA CYS C 148 -9.85 6.54 -23.56
C CYS C 148 -9.89 6.47 -22.05
N ARG C 149 -9.36 7.49 -21.37
CA ARG C 149 -9.39 7.46 -19.90
C ARG C 149 -10.81 7.54 -19.36
N ASP C 150 -11.71 8.26 -20.04
CA ASP C 150 -13.10 8.32 -19.57
C ASP C 150 -13.78 6.96 -19.73
N LEU C 151 -13.69 6.36 -20.92
CA LEU C 151 -14.34 5.07 -21.14
C LEU C 151 -13.72 3.98 -20.26
N SER C 152 -12.48 4.14 -19.80
CA SER C 152 -11.95 3.19 -18.84
C SER C 152 -12.78 3.15 -17.57
N HIS C 153 -13.44 4.26 -17.21
CA HIS C 153 -14.36 4.26 -16.08
C HIS C 153 -15.60 3.42 -16.32
N ILE C 154 -15.87 3.04 -17.58
CA ILE C 154 -17.09 2.35 -17.93
C ILE C 154 -16.84 0.86 -18.22
N GLY C 155 -15.78 0.54 -18.94
CA GLY C 155 -15.53 -0.85 -19.29
C GLY C 155 -14.06 -1.12 -19.55
N ASP C 156 -13.78 -2.38 -19.92
CA ASP C 156 -12.43 -2.80 -20.26
C ASP C 156 -12.07 -2.48 -21.70
N ALA C 157 -13.02 -2.57 -22.62
CA ALA C 157 -12.76 -2.45 -24.04
C ALA C 157 -13.55 -1.30 -24.64
N VAL C 158 -13.00 -0.71 -25.69
CA VAL C 158 -13.65 0.36 -26.45
C VAL C 158 -13.94 -0.18 -27.84
N VAL C 159 -15.14 0.07 -28.33
CA VAL C 159 -15.52 -0.25 -29.70
C VAL C 159 -15.39 1.03 -30.50
N ILE C 160 -14.43 1.06 -31.41
CA ILE C 160 -14.24 2.20 -32.30
C ILE C 160 -14.98 1.88 -33.59
N SER C 161 -15.97 2.71 -33.90
CA SER C 161 -16.76 2.61 -35.12
C SER C 161 -16.44 3.80 -36.00
N CYS C 162 -16.08 3.53 -37.25
CA CYS C 162 -15.55 4.54 -38.16
C CYS C 162 -16.44 4.60 -39.38
N ALA C 163 -17.09 5.77 -39.58
CA ALA C 163 -17.90 6.02 -40.76
C ALA C 163 -17.52 7.37 -41.36
N LYS C 164 -18.12 7.66 -42.52
CA LYS C 164 -17.76 8.82 -43.32
C LYS C 164 -18.10 10.15 -42.65
N ASP C 165 -18.94 10.14 -41.62
CA ASP C 165 -19.38 11.37 -40.99
C ASP C 165 -18.67 11.62 -39.67
N GLY C 166 -17.88 10.66 -39.20
CA GLY C 166 -17.27 10.81 -37.89
C GLY C 166 -16.99 9.45 -37.28
N VAL C 167 -16.39 9.52 -36.10
CA VAL C 167 -15.96 8.34 -35.36
C VAL C 167 -16.72 8.28 -34.04
N LYS C 168 -17.08 7.06 -33.63
CA LYS C 168 -17.82 6.85 -32.39
C LYS C 168 -17.08 5.82 -31.54
N PHE C 169 -16.88 6.14 -30.27
CA PHE C 169 -16.28 5.25 -29.30
C PHE C 169 -17.38 4.76 -28.35
N SER C 170 -17.39 3.47 -28.04
CA SER C 170 -18.44 2.91 -27.20
C SER C 170 -17.84 2.01 -26.14
N ALA C 171 -18.42 2.05 -24.94
CA ALA C 171 -17.96 1.21 -23.84
C ALA C 171 -19.16 0.63 -23.11
N SER C 172 -18.95 -0.51 -22.47
CA SER C 172 -20.00 -1.17 -21.72
C SER C 172 -19.40 -1.83 -20.49
N GLY C 173 -20.15 -1.78 -19.39
CA GLY C 173 -19.72 -2.35 -18.13
C GLY C 173 -20.90 -2.59 -17.21
N GLU C 174 -20.58 -3.06 -16.01
CA GLU C 174 -21.64 -3.47 -15.08
C GLU C 174 -22.43 -2.29 -14.54
N LEU C 175 -21.90 -1.08 -14.60
CA LEU C 175 -22.64 0.10 -14.17
C LEU C 175 -23.38 0.79 -15.31
N GLY C 176 -23.26 0.29 -16.54
CA GLY C 176 -23.98 0.94 -17.63
C GLY C 176 -23.17 0.86 -18.91
N ASN C 177 -23.40 1.83 -19.79
CA ASN C 177 -22.71 1.85 -21.08
C ASN C 177 -22.72 3.27 -21.62
N GLY C 178 -21.74 3.57 -22.46
CA GLY C 178 -21.58 4.94 -22.94
C GLY C 178 -21.15 5.00 -24.39
N ASN C 179 -21.50 6.12 -25.03
CA ASN C 179 -21.19 6.39 -26.43
C ASN C 179 -20.70 7.82 -26.57
N ILE C 180 -19.51 7.98 -27.14
CA ILE C 180 -18.95 9.28 -27.48
C ILE C 180 -18.93 9.40 -29.00
N LYS C 181 -19.47 10.48 -29.54
CA LYS C 181 -19.59 10.66 -30.97
C LYS C 181 -18.85 11.93 -31.38
N LEU C 182 -17.79 11.77 -32.17
CA LEU C 182 -17.02 12.87 -32.73
C LEU C 182 -17.37 13.01 -34.21
N SER C 183 -17.83 14.18 -34.61
CA SER C 183 -18.21 14.44 -36.00
C SER C 183 -17.11 15.22 -36.70
N GLN C 184 -17.10 15.14 -38.02
CA GLN C 184 -16.18 15.98 -38.79
C GLN C 184 -16.44 17.44 -38.49
N THR C 185 -15.40 18.24 -38.64
CA THR C 185 -15.42 19.63 -38.21
C THR C 185 -15.28 20.56 -39.42
N SER C 186 -16.30 21.39 -39.64
CA SER C 186 -16.24 22.44 -40.65
C SER C 186 -15.47 23.64 -40.10
N ASN C 187 -14.17 23.41 -39.92
CA ASN C 187 -13.18 24.43 -39.54
C ASN C 187 -13.28 24.84 -38.07
N VAL C 188 -12.12 24.95 -37.44
CA VAL C 188 -12.00 25.47 -36.07
C VAL C 188 -11.15 26.73 -36.12
N ASP C 189 -10.58 27.12 -34.98
CA ASP C 189 -9.62 28.20 -34.95
C ASP C 189 -8.39 27.81 -35.76
N LYS C 190 -7.66 26.81 -35.28
CA LYS C 190 -6.48 26.28 -35.95
C LYS C 190 -6.79 24.88 -36.48
N GLU C 191 -5.80 24.34 -37.20
CA GLU C 191 -5.92 23.00 -37.79
C GLU C 191 -5.97 21.90 -36.75
N GLU C 192 -5.26 22.09 -35.64
CA GLU C 192 -5.04 20.98 -34.72
C GLU C 192 -6.28 20.63 -33.91
N GLU C 193 -7.29 21.48 -33.92
CA GLU C 193 -8.52 21.17 -33.20
C GLU C 193 -9.55 20.49 -34.08
N ALA C 194 -9.20 20.19 -35.33
CA ALA C 194 -10.13 19.63 -36.27
C ALA C 194 -10.19 18.11 -36.16
N VAL C 195 -11.31 17.55 -36.61
CA VAL C 195 -11.52 16.11 -36.70
C VAL C 195 -11.82 15.82 -38.17
N THR C 196 -10.92 15.13 -38.84
CA THR C 196 -11.07 14.81 -40.26
C THR C 196 -11.08 13.30 -40.43
N ILE C 197 -11.84 12.84 -41.43
CA ILE C 197 -12.07 11.42 -41.62
C ILE C 197 -11.79 11.09 -43.08
N GLU C 198 -10.97 10.07 -43.31
CA GLU C 198 -10.67 9.56 -44.65
C GLU C 198 -11.17 8.12 -44.71
N MET C 199 -12.25 7.90 -45.45
CA MET C 199 -12.92 6.61 -45.41
C MET C 199 -13.05 6.04 -46.82
N ASN C 200 -12.72 4.76 -46.96
CA ASN C 200 -13.02 4.01 -48.17
C ASN C 200 -14.18 3.05 -47.98
N GLU C 201 -14.26 2.43 -46.80
CA GLU C 201 -15.36 1.56 -46.42
C GLU C 201 -15.46 1.59 -44.90
N PRO C 202 -16.67 1.50 -44.34
CA PRO C 202 -16.81 1.64 -42.88
C PRO C 202 -16.12 0.52 -42.13
N VAL C 203 -15.64 0.85 -40.92
CA VAL C 203 -14.95 -0.12 -40.07
C VAL C 203 -15.58 -0.08 -38.68
N GLN C 204 -15.37 -1.16 -37.93
CA GLN C 204 -15.84 -1.22 -36.55
C GLN C 204 -15.10 -2.34 -35.84
N LEU C 205 -14.28 -1.99 -34.85
CA LEU C 205 -13.47 -2.97 -34.13
C LEU C 205 -13.50 -2.69 -32.63
N THR C 206 -12.94 -3.63 -31.87
CA THR C 206 -12.90 -3.55 -30.41
C THR C 206 -11.47 -3.69 -29.94
N PHE C 207 -11.07 -2.84 -28.99
CA PHE C 207 -9.70 -2.83 -28.51
C PHE C 207 -9.69 -2.70 -27.00
N ALA C 208 -8.59 -3.17 -26.40
CA ALA C 208 -8.40 -3.09 -24.97
C ALA C 208 -8.01 -1.67 -24.56
N LEU C 209 -8.78 -1.08 -23.64
CA LEU C 209 -8.51 0.28 -23.21
C LEU C 209 -7.20 0.41 -22.44
N ARG C 210 -6.72 -0.68 -21.84
CA ARG C 210 -5.49 -0.63 -21.07
C ARG C 210 -4.31 -0.24 -21.96
N TYR C 211 -4.21 -0.88 -23.13
CA TYR C 211 -3.10 -0.60 -24.02
C TYR C 211 -3.23 0.77 -24.67
N LEU C 212 -4.46 1.17 -25.02
CA LEU C 212 -4.64 2.53 -25.55
C LEU C 212 -4.24 3.58 -24.53
N ASN C 213 -4.60 3.36 -23.26
CA ASN C 213 -4.17 4.26 -22.19
C ASN C 213 -2.66 4.22 -21.99
N PHE C 214 -2.00 3.11 -22.36
CA PHE C 214 -0.55 3.16 -22.46
C PHE C 214 -0.10 4.03 -23.63
N PHE C 215 -0.78 3.92 -24.77
CA PHE C 215 -0.36 4.63 -25.97
C PHE C 215 -0.44 6.14 -25.77
N THR C 216 -1.46 6.61 -25.03
CA THR C 216 -1.69 8.05 -24.93
C THR C 216 -0.66 8.78 -24.08
N LYS C 217 0.35 8.08 -23.54
CA LYS C 217 1.46 8.76 -22.89
C LYS C 217 2.37 9.49 -23.89
N ALA C 218 2.20 9.24 -25.18
CA ALA C 218 2.90 9.96 -26.22
C ALA C 218 2.22 11.27 -26.60
N THR C 219 1.18 11.67 -25.86
CA THR C 219 0.45 12.88 -26.20
C THR C 219 1.31 14.14 -26.24
N PRO C 220 2.25 14.39 -25.31
CA PRO C 220 3.05 15.62 -25.41
C PRO C 220 3.94 15.70 -26.65
N LEU C 221 3.97 14.65 -27.46
CA LEU C 221 4.78 14.66 -28.68
C LEU C 221 4.08 15.35 -29.84
N SER C 222 2.75 15.34 -29.86
CA SER C 222 2.01 15.90 -31.00
C SER C 222 0.66 16.41 -30.52
N SER C 223 0.19 17.49 -31.14
CA SER C 223 -1.14 18.00 -30.85
C SER C 223 -2.23 17.19 -31.52
N THR C 224 -1.90 16.43 -32.56
CA THR C 224 -2.87 15.61 -33.28
C THR C 224 -2.43 14.15 -33.28
N VAL C 225 -3.41 13.26 -33.39
CA VAL C 225 -3.17 11.83 -33.50
C VAL C 225 -4.07 11.28 -34.59
N THR C 226 -3.60 10.22 -35.26
CA THR C 226 -4.43 9.57 -36.26
C THR C 226 -4.57 8.09 -35.94
N LEU C 227 -5.79 7.56 -36.16
CA LEU C 227 -6.12 6.15 -35.98
C LEU C 227 -6.40 5.54 -37.34
N SER C 228 -5.65 4.50 -37.68
CA SER C 228 -5.80 3.80 -38.96
C SER C 228 -6.40 2.43 -38.70
N MET C 229 -7.49 2.13 -39.40
CA MET C 229 -8.28 0.93 -39.15
C MET C 229 -8.66 0.22 -40.44
N SER C 230 -8.61 -1.12 -40.38
CA SER C 230 -9.08 -2.00 -41.45
C SER C 230 -9.56 -3.29 -40.81
N ALA C 231 -10.59 -3.89 -41.43
CA ALA C 231 -11.23 -5.06 -40.87
C ALA C 231 -10.22 -6.16 -40.60
N ASP C 232 -10.26 -6.70 -39.39
CA ASP C 232 -9.53 -7.88 -38.97
C ASP C 232 -8.04 -7.62 -38.83
N VAL C 233 -7.59 -6.38 -38.82
CA VAL C 233 -6.16 -6.11 -38.67
C VAL C 233 -5.95 -5.11 -37.54
N PRO C 234 -4.75 -5.07 -36.98
CA PRO C 234 -4.49 -4.21 -35.83
C PRO C 234 -4.71 -2.74 -36.14
N LEU C 235 -5.04 -1.99 -35.10
CA LEU C 235 -5.17 -0.55 -35.17
C LEU C 235 -3.79 0.11 -35.10
N VAL C 236 -3.64 1.22 -35.82
CA VAL C 236 -2.40 1.98 -35.81
C VAL C 236 -2.69 3.36 -35.25
N VAL C 237 -2.10 3.67 -34.09
CA VAL C 237 -2.17 4.97 -33.46
C VAL C 237 -0.83 5.66 -33.70
N GLU C 238 -0.83 6.73 -34.47
CA GLU C 238 0.41 7.38 -34.88
C GLU C 238 0.47 8.81 -34.35
N TYR C 239 1.60 9.13 -33.71
CA TYR C 239 1.95 10.48 -33.25
C TYR C 239 3.15 10.98 -34.03
N LYS C 240 2.98 12.11 -34.71
CA LYS C 240 4.07 12.70 -35.47
C LYS C 240 5.02 13.47 -34.56
N ILE C 241 6.30 13.15 -34.64
CA ILE C 241 7.34 13.95 -34.00
C ILE C 241 7.79 14.96 -35.04
N ALA C 242 7.23 16.17 -34.96
CA ALA C 242 7.38 17.18 -36.01
C ALA C 242 8.83 17.35 -36.44
N ASP C 243 9.04 17.34 -37.76
CA ASP C 243 10.32 17.51 -38.43
C ASP C 243 11.30 16.36 -38.21
N MET C 244 11.05 15.50 -37.22
CA MET C 244 12.01 14.46 -36.85
C MET C 244 11.59 13.08 -37.33
N GLY C 245 10.37 12.65 -37.01
CA GLY C 245 9.91 11.33 -37.38
C GLY C 245 8.55 11.01 -36.80
N HIS C 246 8.39 9.82 -36.22
CA HIS C 246 7.07 9.43 -35.76
C HIS C 246 7.20 8.32 -34.72
N LEU C 247 6.13 8.17 -33.92
CA LEU C 247 5.98 7.08 -32.97
C LEU C 247 4.66 6.38 -33.27
N LYS C 248 4.71 5.08 -33.50
CA LYS C 248 3.56 4.30 -33.93
C LYS C 248 3.25 3.19 -32.94
N TYR C 249 1.97 3.00 -32.65
CA TYR C 249 1.48 1.91 -31.82
C TYR C 249 0.53 1.05 -32.63
N TYR C 250 0.70 -0.27 -32.53
CA TYR C 250 -0.15 -1.25 -33.20
C TYR C 250 -0.83 -2.09 -32.13
N LEU C 251 -2.15 -2.13 -32.16
CA LEU C 251 -2.92 -2.85 -31.15
C LEU C 251 -3.80 -3.90 -31.83
N ALA C 252 -3.65 -5.15 -31.41
CA ALA C 252 -4.46 -6.20 -31.99
C ALA C 252 -5.89 -6.10 -31.46
N PRO C 253 -6.89 -6.36 -32.30
CA PRO C 253 -8.28 -6.28 -31.84
C PRO C 253 -8.66 -7.43 -30.92
N LYS C 254 -9.86 -7.31 -30.36
CA LYS C 254 -10.41 -8.35 -29.50
C LYS C 254 -11.26 -9.32 -30.32
N ILE C 255 -11.10 -10.61 -30.04
CA ILE C 255 -11.75 -11.75 -30.72
C ILE C 255 -12.24 -11.48 -32.13
N MET D 1 38.19 -6.43 28.57
CA MET D 1 37.36 -7.29 27.74
C MET D 1 36.03 -7.63 28.43
N PHE D 2 35.01 -7.91 27.62
CA PHE D 2 33.71 -8.34 28.11
C PHE D 2 33.28 -9.55 27.30
N GLU D 3 32.95 -10.63 27.99
CA GLU D 3 32.64 -11.89 27.31
C GLU D 3 31.53 -12.60 28.04
N ALA D 4 30.38 -12.77 27.38
CA ALA D 4 29.24 -13.47 27.95
C ALA D 4 28.81 -14.58 27.00
N ARG D 5 28.58 -15.77 27.54
CA ARG D 5 28.11 -16.93 26.76
C ARG D 5 26.79 -17.37 27.34
N LEU D 6 25.75 -17.32 26.50
CA LEU D 6 24.38 -17.68 26.84
C LEU D 6 23.97 -18.89 26.00
N VAL D 7 23.68 -19.99 26.70
CA VAL D 7 23.24 -21.21 26.02
C VAL D 7 21.86 -21.00 25.41
N GLN D 8 21.00 -20.30 26.13
CA GLN D 8 19.63 -20.06 25.66
C GLN D 8 19.57 -18.73 24.92
N GLY D 9 20.14 -18.72 23.71
CA GLY D 9 20.15 -17.51 22.90
C GLY D 9 18.76 -17.06 22.53
N SER D 10 17.81 -17.99 22.56
CA SER D 10 16.41 -17.66 22.34
C SER D 10 15.94 -16.55 23.27
N ILE D 11 16.43 -16.55 24.51
CA ILE D 11 16.16 -15.44 25.43
C ILE D 11 16.50 -14.10 24.78
N LEU D 12 17.72 -13.98 24.29
CA LEU D 12 18.18 -12.74 23.66
C LEU D 12 17.26 -12.37 22.49
N LYS D 13 17.01 -13.34 21.60
CA LYS D 13 16.10 -13.11 20.47
C LYS D 13 14.76 -12.53 20.93
N LYS D 14 14.10 -13.22 21.87
CA LYS D 14 12.81 -12.76 22.38
C LYS D 14 12.89 -11.36 22.97
N VAL D 15 13.97 -11.09 23.73
CA VAL D 15 14.12 -9.78 24.36
C VAL D 15 14.14 -8.68 23.29
N LEU D 16 14.96 -8.84 22.27
CA LEU D 16 15.04 -7.79 21.27
C LEU D 16 13.80 -7.73 20.39
N GLU D 17 13.11 -8.85 20.17
CA GLU D 17 11.83 -8.79 19.50
C GLU D 17 10.82 -8.01 20.34
N ALA D 18 10.96 -8.05 21.67
CA ALA D 18 10.06 -7.34 22.55
C ALA D 18 10.42 -5.86 22.70
N LEU D 19 11.67 -5.48 22.40
CA LEU D 19 12.10 -4.11 22.62
C LEU D 19 12.29 -3.28 21.36
N LYS D 20 12.60 -3.92 20.22
CA LYS D 20 13.01 -3.18 19.03
C LYS D 20 11.94 -2.21 18.56
N ASP D 21 10.66 -2.52 18.81
CA ASP D 21 9.58 -1.67 18.33
C ASP D 21 9.27 -0.51 19.26
N LEU D 22 9.69 -0.58 20.52
CA LEU D 22 9.38 0.45 21.51
C LEU D 22 10.50 1.46 21.69
N ILE D 23 11.76 1.01 21.69
CA ILE D 23 12.91 1.90 21.79
C ILE D 23 13.90 1.55 20.69
N ASN D 24 14.42 2.59 20.03
CA ASN D 24 15.30 2.42 18.88
C ASN D 24 16.77 2.45 19.27
N GLU D 25 17.16 3.38 20.13
CA GLU D 25 18.51 3.48 20.66
C GLU D 25 18.46 3.20 22.15
N ALA D 26 19.37 2.37 22.63
CA ALA D 26 19.41 2.08 24.07
C ALA D 26 20.85 1.90 24.51
N CYS D 27 21.09 2.17 25.78
CA CYS D 27 22.42 2.06 26.36
C CYS D 27 22.46 0.82 27.23
N TRP D 28 23.32 -0.13 26.87
CA TRP D 28 23.47 -1.37 27.60
C TRP D 28 24.56 -1.20 28.66
N ASP D 29 24.17 -1.35 29.93
CA ASP D 29 25.07 -1.24 31.06
C ASP D 29 25.68 -2.61 31.34
N ILE D 30 26.98 -2.72 31.11
CA ILE D 30 27.72 -3.96 31.33
C ILE D 30 28.52 -3.80 32.61
N SER D 31 28.32 -4.74 33.53
CA SER D 31 28.99 -4.72 34.82
C SER D 31 29.26 -6.14 35.28
N SER D 32 29.97 -6.26 36.40
CA SER D 32 30.32 -7.58 36.93
C SER D 32 29.09 -8.42 37.26
N SER D 33 27.99 -7.78 37.62
CA SER D 33 26.78 -8.50 37.98
C SER D 33 25.92 -8.89 36.79
N GLY D 34 26.14 -8.27 35.63
CA GLY D 34 25.36 -8.63 34.46
C GLY D 34 25.10 -7.42 33.57
N VAL D 35 24.03 -7.54 32.79
CA VAL D 35 23.60 -6.59 31.78
C VAL D 35 22.31 -5.94 32.24
N ASN D 36 22.28 -4.60 32.22
CA ASN D 36 21.10 -3.85 32.58
C ASN D 36 20.76 -2.87 31.47
N LEU D 37 19.47 -2.63 31.27
CA LEU D 37 18.99 -1.65 30.31
C LEU D 37 17.91 -0.81 30.96
N GLN D 38 17.96 0.50 30.73
CA GLN D 38 16.98 1.40 31.33
C GLN D 38 16.78 2.57 30.38
N SER D 39 15.59 2.63 29.77
CA SER D 39 15.34 3.67 28.78
C SER D 39 13.85 3.97 28.74
N MET D 40 13.52 5.22 28.42
CA MET D 40 12.14 5.59 28.14
C MET D 40 11.88 5.47 26.64
N ASP D 41 10.65 5.14 26.30
CA ASP D 41 10.28 5.11 24.89
C ASP D 41 10.32 6.54 24.31
N SER D 42 10.23 6.62 22.99
CA SER D 42 10.41 7.89 22.30
C SER D 42 9.43 8.96 22.79
N SER D 43 8.22 8.56 23.16
CA SER D 43 7.18 9.51 23.56
C SER D 43 7.24 9.89 25.03
N HIS D 44 8.19 9.35 25.79
CA HIS D 44 8.34 9.66 27.22
C HIS D 44 7.09 9.34 28.01
N VAL D 45 6.49 8.19 27.72
CA VAL D 45 5.31 7.73 28.43
C VAL D 45 5.59 6.47 29.25
N SER D 46 6.48 5.59 28.78
CA SER D 46 6.76 4.34 29.47
C SER D 46 8.26 4.19 29.68
N LEU D 47 8.62 3.44 30.73
CA LEU D 47 10.01 3.20 31.09
C LEU D 47 10.26 1.70 31.11
N VAL D 48 11.37 1.26 30.52
CA VAL D 48 11.72 -0.15 30.42
C VAL D 48 13.00 -0.41 31.20
N GLN D 49 13.00 -1.54 31.93
CA GLN D 49 14.13 -2.00 32.73
C GLN D 49 14.37 -3.48 32.43
N LEU D 50 15.50 -3.78 31.81
CA LEU D 50 15.89 -5.15 31.54
C LEU D 50 17.04 -5.51 32.45
N THR D 51 16.93 -6.66 33.12
CA THR D 51 17.98 -7.13 34.01
C THR D 51 18.28 -8.58 33.65
N LEU D 52 19.51 -8.78 33.16
CA LEU D 52 20.08 -10.08 32.85
C LEU D 52 21.35 -10.21 33.66
N ARG D 53 21.32 -11.02 34.69
CA ARG D 53 22.42 -11.04 35.64
C ARG D 53 23.30 -12.27 35.46
N SER D 54 24.57 -12.09 35.81
CA SER D 54 25.64 -12.98 35.37
C SER D 54 25.45 -14.44 35.75
N GLU D 55 24.69 -14.75 36.81
CA GLU D 55 24.55 -16.16 37.15
C GLU D 55 23.77 -16.94 36.10
N GLY D 56 23.02 -16.24 35.24
CA GLY D 56 22.30 -16.89 34.15
C GLY D 56 23.12 -17.19 32.92
N PHE D 57 24.27 -16.54 32.78
CA PHE D 57 25.16 -16.82 31.65
C PHE D 57 26.04 -18.01 31.96
N ASP D 58 26.22 -18.87 30.95
CA ASP D 58 27.07 -20.04 31.11
C ASP D 58 28.49 -19.64 31.44
N THR D 59 28.97 -18.59 30.78
CA THR D 59 30.23 -18.01 31.23
C THR D 59 30.12 -16.51 31.10
N TYR D 60 30.79 -15.82 32.01
CA TYR D 60 30.68 -14.38 32.06
C TYR D 60 32.02 -13.78 32.47
N ARG D 61 32.29 -12.60 31.90
CA ARG D 61 33.45 -11.82 32.29
C ARG D 61 33.19 -10.37 31.92
N CYS D 62 33.77 -9.49 32.73
CA CYS D 62 33.70 -8.06 32.51
C CYS D 62 34.92 -7.44 33.19
N ASP D 63 35.89 -6.98 32.40
CA ASP D 63 37.05 -6.32 32.98
C ASP D 63 36.70 -4.97 33.54
N ARG D 64 36.37 -4.05 32.65
CA ARG D 64 35.90 -2.72 33.02
C ARG D 64 34.44 -2.60 32.60
N ASN D 65 33.75 -1.70 33.28
CA ASN D 65 32.34 -1.46 32.99
C ASN D 65 32.16 -0.84 31.60
N LEU D 66 31.05 -1.19 30.96
CA LEU D 66 30.79 -0.74 29.60
C LEU D 66 29.41 -0.09 29.51
N ALA D 67 29.28 0.84 28.56
CA ALA D 67 28.01 1.47 28.22
C ALA D 67 27.88 1.39 26.70
N MET D 68 27.39 0.25 26.20
CA MET D 68 27.33 0.01 24.76
C MET D 68 26.05 0.62 24.20
N GLY D 69 26.21 1.65 23.37
CA GLY D 69 25.08 2.24 22.69
C GLY D 69 24.64 1.44 21.49
N VAL D 70 23.53 0.71 21.62
CA VAL D 70 23.07 -0.23 20.60
C VAL D 70 21.81 0.34 19.95
N ASN D 71 21.79 0.32 18.63
CA ASN D 71 20.56 0.50 17.87
C ASN D 71 19.81 -0.82 17.87
N LEU D 72 18.66 -0.86 18.55
CA LEU D 72 18.02 -2.13 18.84
C LEU D 72 17.46 -2.80 17.59
N THR D 73 17.11 -2.01 16.57
CA THR D 73 16.63 -2.61 15.32
C THR D 73 17.73 -3.40 14.63
N SER D 74 18.94 -2.85 14.58
CA SER D 74 20.07 -3.55 13.96
C SER D 74 20.40 -4.83 14.73
N MET D 75 20.48 -4.74 16.06
CA MET D 75 20.77 -5.93 16.85
C MET D 75 19.67 -6.97 16.70
N SER D 76 18.43 -6.54 16.51
CA SER D 76 17.35 -7.47 16.23
C SER D 76 17.57 -8.15 14.88
N LYS D 77 17.95 -7.38 13.86
CA LYS D 77 18.25 -7.95 12.55
C LYS D 77 19.33 -9.02 12.65
N ILE D 78 20.40 -8.73 13.40
CA ILE D 78 21.48 -9.70 13.52
C ILE D 78 21.01 -10.94 14.29
N LEU D 79 20.21 -10.75 15.34
CA LEU D 79 19.71 -11.89 16.09
C LEU D 79 18.69 -12.70 15.30
N LYS D 80 18.11 -12.14 14.23
CA LYS D 80 17.27 -12.93 13.36
C LYS D 80 18.05 -14.02 12.64
N CYS D 81 19.37 -13.87 12.55
CA CYS D 81 20.25 -14.85 11.92
C CYS D 81 20.66 -15.97 12.86
N ALA D 82 20.06 -16.06 14.04
CA ALA D 82 20.40 -17.08 15.02
C ALA D 82 19.21 -17.99 15.25
N GLY D 83 19.44 -19.29 15.22
CA GLY D 83 18.39 -20.24 15.51
C GLY D 83 17.99 -20.20 16.98
N ASN D 84 16.77 -20.67 17.24
CA ASN D 84 16.26 -20.65 18.60
C ASN D 84 17.07 -21.54 19.53
N GLU D 85 17.76 -22.55 18.99
CA GLU D 85 18.62 -23.43 19.77
C GLU D 85 20.10 -23.03 19.72
N ASP D 86 20.42 -21.86 19.19
CA ASP D 86 21.81 -21.44 19.07
C ASP D 86 22.40 -21.00 20.40
N ILE D 87 23.70 -21.22 20.54
CA ILE D 87 24.49 -20.70 21.65
C ILE D 87 25.02 -19.34 21.22
N ILE D 88 24.63 -18.28 21.93
CA ILE D 88 24.98 -16.92 21.55
C ILE D 88 26.03 -16.40 22.52
N THR D 89 27.12 -15.85 21.98
CA THR D 89 28.20 -15.29 22.78
C THR D 89 28.41 -13.83 22.38
N LEU D 90 28.23 -12.93 23.34
CA LEU D 90 28.57 -11.53 23.15
C LEU D 90 29.99 -11.29 23.63
N ARG D 91 30.74 -10.48 22.89
CA ARG D 91 32.10 -10.17 23.29
C ARG D 91 32.48 -8.82 22.72
N ALA D 92 33.04 -7.96 23.57
CA ALA D 92 33.40 -6.60 23.17
C ALA D 92 34.67 -6.18 23.89
N GLU D 93 35.54 -5.47 23.15
CA GLU D 93 36.70 -4.90 23.79
C GLU D 93 36.29 -3.68 24.61
N ASP D 94 37.24 -3.16 25.38
CA ASP D 94 36.94 -2.03 26.25
C ASP D 94 36.79 -0.73 25.47
N ASN D 95 37.77 -0.39 24.68
CA ASN D 95 37.69 0.76 23.79
C ASN D 95 37.09 0.37 22.44
N ALA D 96 36.10 -0.51 22.41
CA ALA D 96 35.68 -1.12 21.18
C ALA D 96 34.60 -0.28 20.47
N ASP D 97 34.80 -0.03 19.20
CA ASP D 97 33.80 0.54 18.30
C ASP D 97 32.69 -0.43 17.96
N THR D 98 32.87 -1.71 18.23
CA THR D 98 31.95 -2.76 17.75
C THR D 98 31.65 -3.73 18.88
N LEU D 99 30.49 -4.40 18.76
CA LEU D 99 30.11 -5.53 19.60
C LEU D 99 30.04 -6.79 18.74
N ALA D 100 30.71 -7.85 19.18
CA ALA D 100 30.78 -9.10 18.45
C ALA D 100 29.77 -10.12 18.98
N LEU D 101 29.06 -10.78 18.06
CA LEU D 101 28.13 -11.85 18.39
C LEU D 101 28.56 -13.13 17.70
N VAL D 102 28.49 -14.25 18.43
CA VAL D 102 28.89 -15.55 17.89
C VAL D 102 27.75 -16.53 18.12
N PHE D 103 27.28 -17.15 17.05
CA PHE D 103 26.20 -18.13 17.11
C PHE D 103 26.75 -19.50 16.78
N GLU D 104 26.66 -20.41 17.73
CA GLU D 104 27.11 -21.78 17.58
C GLU D 104 25.92 -22.72 17.64
N ALA D 105 25.92 -23.75 16.82
CA ALA D 105 24.84 -24.74 16.94
C ALA D 105 25.40 -26.14 17.19
N GLN D 108 28.19 -27.66 16.81
CA GLN D 108 28.51 -28.54 15.70
C GLN D 108 28.42 -27.84 14.33
N GLU D 109 29.52 -27.88 13.59
CA GLU D 109 29.55 -27.67 12.14
C GLU D 109 29.18 -26.28 11.64
N LYS D 110 28.25 -25.59 12.29
CA LYS D 110 27.89 -24.24 11.85
C LYS D 110 28.24 -23.25 12.94
N VAL D 111 28.95 -22.20 12.57
CA VAL D 111 29.34 -21.14 13.48
C VAL D 111 29.27 -19.83 12.71
N SER D 112 28.29 -19.00 13.05
CA SER D 112 28.19 -17.66 12.50
C SER D 112 28.85 -16.67 13.46
N ASP D 113 29.40 -15.60 12.91
CA ASP D 113 29.96 -14.55 13.75
C ASP D 113 29.72 -13.20 13.08
N TYR D 114 28.98 -12.34 13.77
CA TYR D 114 28.59 -11.03 13.28
C TYR D 114 29.25 -9.96 14.12
N GLU D 115 29.39 -8.78 13.52
CA GLU D 115 30.04 -7.64 14.16
C GLU D 115 29.16 -6.42 13.94
N MET D 116 28.70 -5.83 15.04
CA MET D 116 27.71 -4.76 15.01
C MET D 116 28.35 -3.45 15.46
N LYS D 117 28.01 -2.36 14.79
CA LYS D 117 28.53 -1.05 15.16
C LYS D 117 27.76 -0.50 16.37
N LEU D 118 28.48 0.14 17.27
CA LEU D 118 27.91 0.73 18.47
C LEU D 118 27.76 2.23 18.30
N MET D 119 26.98 2.84 19.20
CA MET D 119 26.77 4.27 19.19
C MET D 119 27.18 4.89 20.53
N ASP D 120 27.45 6.18 20.48
CA ASP D 120 27.68 7.00 21.67
C ASP D 120 26.31 7.54 22.09
N LEU D 121 25.77 7.02 23.19
CA LEU D 121 24.38 7.28 23.54
C LEU D 121 24.22 8.00 24.87
N GLN D 125 20.12 8.07 32.76
CA GLN D 125 19.63 7.07 33.70
C GLN D 125 18.79 7.74 34.78
N LEU D 126 17.89 6.99 35.42
CA LEU D 126 17.00 7.59 36.42
C LEU D 126 16.55 6.50 37.41
N GLY D 127 17.38 6.28 38.43
CA GLY D 127 17.16 5.32 39.51
C GLY D 127 16.12 4.24 39.35
N ILE D 128 14.87 4.65 39.54
CA ILE D 128 13.64 3.89 39.82
C ILE D 128 13.69 3.52 41.29
N PRO D 129 13.00 4.32 42.05
CA PRO D 129 12.76 4.09 43.47
C PRO D 129 12.46 2.64 43.82
N GLU D 130 11.71 2.49 44.88
CA GLU D 130 11.48 1.12 45.29
C GLU D 130 10.26 1.17 46.16
N GLN D 131 9.25 0.38 45.84
CA GLN D 131 8.07 0.53 46.64
C GLN D 131 7.33 -0.77 46.79
N GLU D 132 6.29 -0.68 47.60
CA GLU D 132 5.28 -1.69 47.79
C GLU D 132 4.02 -1.20 47.10
N TYR D 133 3.34 -2.12 46.43
CA TYR D 133 2.16 -1.78 45.64
C TYR D 133 0.91 -2.24 46.36
N SER D 134 -0.17 -1.48 46.16
CA SER D 134 -1.43 -1.80 46.83
C SER D 134 -2.00 -3.12 46.32
N CYS D 135 -1.93 -3.37 45.02
CA CYS D 135 -2.48 -4.60 44.45
C CYS D 135 -1.50 -5.21 43.48
N VAL D 136 -1.29 -6.51 43.58
CA VAL D 136 -0.38 -7.24 42.70
C VAL D 136 -1.13 -8.43 42.12
N VAL D 137 -1.14 -8.54 40.79
CA VAL D 137 -1.87 -9.59 40.08
C VAL D 137 -0.87 -10.45 39.33
N LYS D 138 -0.86 -11.75 39.60
CA LYS D 138 -0.09 -12.70 38.80
C LYS D 138 -1.07 -13.53 38.00
N MET D 139 -0.90 -13.53 36.68
CA MET D 139 -1.88 -14.15 35.80
C MET D 139 -1.15 -14.72 34.58
N PRO D 140 -1.80 -15.57 33.81
CA PRO D 140 -1.18 -16.07 32.58
C PRO D 140 -0.87 -14.93 31.62
N SER D 141 0.31 -14.99 31.00
CA SER D 141 0.74 -13.91 30.12
C SER D 141 -0.09 -13.88 28.84
N GLY D 142 -0.36 -15.04 28.25
CA GLY D 142 -1.18 -15.09 27.05
C GLY D 142 -2.59 -14.58 27.27
N GLU D 143 -3.13 -14.78 28.47
CA GLU D 143 -4.45 -14.23 28.78
C GLU D 143 -4.41 -12.72 28.81
N PHE D 144 -3.38 -12.14 29.43
CA PHE D 144 -3.24 -10.68 29.47
C PHE D 144 -3.07 -10.11 28.07
N ALA D 145 -2.24 -10.76 27.24
CA ALA D 145 -2.07 -10.32 25.87
C ALA D 145 -3.38 -10.37 25.11
N ARG D 146 -4.11 -11.48 25.23
CA ARG D 146 -5.39 -11.63 24.56
C ARG D 146 -6.38 -10.57 25.02
N ILE D 147 -6.38 -10.25 26.31
CA ILE D 147 -7.32 -9.24 26.82
C ILE D 147 -7.01 -7.87 26.25
N CYS D 148 -5.74 -7.46 26.34
CA CYS D 148 -5.37 -6.16 25.74
C CYS D 148 -5.68 -6.12 24.25
N ARG D 149 -5.40 -7.20 23.56
CA ARG D 149 -5.68 -7.27 22.14
C ARG D 149 -7.17 -7.15 21.84
N ASP D 150 -8.00 -7.80 22.64
CA ASP D 150 -9.44 -7.78 22.40
C ASP D 150 -10.04 -6.43 22.74
N LEU D 151 -9.73 -5.90 23.92
CA LEU D 151 -10.27 -4.60 24.32
C LEU D 151 -9.77 -3.48 23.42
N SER D 152 -8.66 -3.67 22.70
CA SER D 152 -8.24 -2.64 21.75
C SER D 152 -9.32 -2.34 20.72
N HIS D 153 -10.13 -3.33 20.36
CA HIS D 153 -11.26 -3.11 19.46
C HIS D 153 -12.40 -2.34 20.09
N ILE D 154 -12.40 -2.18 21.41
CA ILE D 154 -13.52 -1.57 22.11
C ILE D 154 -13.25 -0.11 22.46
N GLY D 155 -12.03 0.19 22.91
CA GLY D 155 -11.72 1.55 23.31
C GLY D 155 -10.25 1.87 23.22
N ASP D 156 -9.92 3.11 23.63
CA ASP D 156 -8.54 3.56 23.67
C ASP D 156 -7.83 3.13 24.95
N ALA D 157 -8.56 3.13 26.06
CA ALA D 157 -7.99 2.90 27.38
C ALA D 157 -8.69 1.74 28.07
N VAL D 158 -7.96 1.07 28.95
CA VAL D 158 -8.49 0.00 29.78
C VAL D 158 -8.48 0.46 31.23
N VAL D 159 -9.59 0.22 31.93
CA VAL D 159 -9.72 0.49 33.35
C VAL D 159 -9.50 -0.84 34.07
N ILE D 160 -8.41 -0.90 34.84
CA ILE D 160 -8.07 -2.06 35.64
C ILE D 160 -8.54 -1.81 37.07
N SER D 161 -9.46 -2.66 37.53
CA SER D 161 -9.96 -2.65 38.91
C SER D 161 -9.46 -3.91 39.61
N CYS D 162 -8.87 -3.73 40.78
CA CYS D 162 -8.19 -4.80 41.49
C CYS D 162 -8.83 -4.95 42.87
N ALA D 163 -9.49 -6.10 43.08
CA ALA D 163 -10.13 -6.45 44.34
C ALA D 163 -9.80 -7.88 44.75
N LYS D 164 -10.22 -8.22 45.99
CA LYS D 164 -9.87 -9.47 46.64
C LYS D 164 -10.49 -10.69 45.98
N ASP D 165 -11.51 -10.50 45.13
CA ASP D 165 -12.10 -11.61 44.41
C ASP D 165 -11.69 -11.65 42.94
N GLY D 166 -10.83 -10.76 42.50
CA GLY D 166 -10.40 -10.79 41.11
C GLY D 166 -10.03 -9.41 40.60
N VAL D 167 -9.62 -9.40 39.34
CA VAL D 167 -9.28 -8.19 38.60
C VAL D 167 -10.24 -8.06 37.42
N LYS D 168 -10.66 -6.84 37.14
CA LYS D 168 -11.63 -6.56 36.10
C LYS D 168 -11.07 -5.51 35.15
N PHE D 169 -11.13 -5.79 33.86
CA PHE D 169 -10.69 -4.88 32.81
C PHE D 169 -11.91 -4.35 32.07
N SER D 170 -11.97 -3.05 31.83
CA SER D 170 -13.13 -2.47 31.16
C SER D 170 -12.69 -1.48 30.11
N ALA D 171 -13.42 -1.43 28.99
CA ALA D 171 -13.12 -0.47 27.94
C ALA D 171 -14.41 0.17 27.44
N SER D 172 -14.28 1.36 26.87
CA SER D 172 -15.44 2.08 26.36
C SER D 172 -15.06 2.81 25.07
N GLY D 173 -15.98 2.78 24.11
CA GLY D 173 -15.75 3.40 22.81
C GLY D 173 -17.06 3.65 22.11
N GLU D 174 -16.95 4.14 20.87
CA GLU D 174 -18.12 4.60 20.15
C GLU D 174 -19.08 3.46 19.77
N LEU D 175 -18.61 2.21 19.77
CA LEU D 175 -19.50 1.09 19.51
C LEU D 175 -20.05 0.44 20.78
N GLY D 176 -19.66 0.93 21.96
CA GLY D 176 -20.18 0.33 23.18
C GLY D 176 -19.17 0.28 24.30
N ASN D 177 -19.27 -0.72 25.16
CA ASN D 177 -18.34 -0.85 26.27
C ASN D 177 -18.32 -2.31 26.72
N GLY D 178 -17.21 -2.71 27.32
CA GLY D 178 -17.02 -4.11 27.66
C GLY D 178 -16.33 -4.28 29.00
N ASN D 179 -16.61 -5.42 29.64
CA ASN D 179 -16.08 -5.76 30.95
C ASN D 179 -15.64 -7.22 30.94
N ILE D 180 -14.38 -7.46 31.29
CA ILE D 180 -13.84 -8.81 31.48
C ILE D 180 -13.46 -8.97 32.94
N LYS D 181 -13.91 -10.07 33.56
CA LYS D 181 -13.70 -10.31 34.98
C LYS D 181 -12.91 -11.60 35.15
N LEU D 182 -11.74 -11.50 35.77
CA LEU D 182 -10.89 -12.63 36.11
C LEU D 182 -10.95 -12.88 37.61
N SER D 183 -11.28 -14.11 38.00
CA SER D 183 -11.38 -14.49 39.40
C SER D 183 -10.14 -15.28 39.83
N GLN D 184 -9.88 -15.27 41.14
CA GLN D 184 -8.79 -16.07 41.69
C GLN D 184 -9.10 -17.56 41.49
N THR D 185 -8.05 -18.34 41.31
CA THR D 185 -8.17 -19.77 41.06
C THR D 185 -7.42 -20.58 42.10
N SER D 186 -7.64 -21.89 42.06
CA SER D 186 -7.01 -22.82 42.99
C SER D 186 -6.99 -24.25 42.42
N GLU D 191 -0.65 -24.59 36.94
CA GLU D 191 0.07 -23.72 37.87
C GLU D 191 0.18 -22.30 37.33
N GLU D 192 0.41 -22.18 36.01
CA GLU D 192 0.46 -20.87 35.37
C GLU D 192 -0.89 -20.48 34.77
N GLU D 193 -1.90 -21.32 34.92
CA GLU D 193 -3.26 -20.94 34.57
C GLU D 193 -3.93 -20.23 35.72
N ALA D 194 -3.18 -19.97 36.78
CA ALA D 194 -3.69 -19.40 38.01
C ALA D 194 -3.70 -17.89 37.93
N VAL D 195 -4.63 -17.30 38.68
CA VAL D 195 -4.72 -15.85 38.85
C VAL D 195 -4.72 -15.61 40.36
N THR D 196 -3.65 -14.99 40.86
CA THR D 196 -3.53 -14.71 42.29
C THR D 196 -3.36 -13.21 42.51
N ILE D 197 -3.89 -12.73 43.63
CA ILE D 197 -3.93 -11.30 43.91
C ILE D 197 -3.43 -11.05 45.33
N GLU D 198 -2.51 -10.10 45.47
CA GLU D 198 -2.06 -9.59 46.77
CA GLU D 198 -2.06 -9.59 46.77
C GLU D 198 -2.64 -8.19 46.91
N MET D 199 -3.61 -8.05 47.80
CA MET D 199 -4.31 -6.78 47.98
C MET D 199 -4.20 -6.31 49.41
N ASN D 200 -3.82 -5.05 49.56
CA ASN D 200 -3.87 -4.30 50.81
C ASN D 200 -5.06 -3.35 50.81
N GLU D 201 -5.32 -2.71 49.67
CA GLU D 201 -6.47 -1.84 49.47
C GLU D 201 -6.84 -1.89 48.00
N PRO D 202 -8.12 -1.74 47.66
CA PRO D 202 -8.53 -1.88 46.26
C PRO D 202 -7.90 -0.81 45.39
N VAL D 203 -7.66 -1.16 44.12
CA VAL D 203 -7.07 -0.18 43.20
C VAL D 203 -7.93 -0.12 41.95
N GLN D 204 -7.84 1.01 41.24
CA GLN D 204 -8.52 1.14 39.95
C GLN D 204 -7.87 2.27 39.18
N LEU D 205 -7.26 1.95 38.04
CA LEU D 205 -6.55 2.95 37.25
C LEU D 205 -6.91 2.77 35.78
N THR D 206 -6.50 3.73 34.95
CA THR D 206 -6.80 3.73 33.54
C THR D 206 -5.51 3.86 32.76
N PHE D 207 -5.34 3.05 31.71
CA PHE D 207 -4.10 3.06 30.95
C PHE D 207 -4.41 3.00 29.46
N ALA D 208 -3.48 3.51 28.66
CA ALA D 208 -3.62 3.47 27.21
C ALA D 208 -3.31 2.07 26.70
N LEU D 209 -4.25 1.50 25.96
CA LEU D 209 -4.09 0.13 25.44
C LEU D 209 -2.96 0.04 24.42
N ARG D 210 -2.59 1.16 23.81
CA ARG D 210 -1.46 1.18 22.88
C ARG D 210 -0.20 0.67 23.56
N TYR D 211 0.14 1.25 24.71
CA TYR D 211 1.40 0.92 25.37
C TYR D 211 1.37 -0.49 25.96
N LEU D 212 0.23 -0.91 26.48
CA LEU D 212 0.12 -2.30 26.94
C LEU D 212 0.30 -3.27 25.79
N ASN D 213 -0.28 -2.95 24.62
CA ASN D 213 -0.10 -3.80 23.45
C ASN D 213 1.34 -3.82 22.99
N PHE D 214 2.10 -2.76 23.25
CA PHE D 214 3.55 -2.85 23.07
C PHE D 214 4.17 -3.76 24.12
N PHE D 215 3.70 -3.68 25.36
CA PHE D 215 4.32 -4.45 26.44
C PHE D 215 4.16 -5.95 26.21
N THR D 216 3.04 -6.38 25.62
CA THR D 216 2.76 -7.81 25.48
C THR D 216 3.60 -8.50 24.43
N LYS D 217 4.60 -7.83 23.84
CA LYS D 217 5.55 -8.53 22.98
C LYS D 217 6.57 -9.31 23.78
N ALA D 218 6.61 -9.13 25.10
CA ALA D 218 7.46 -9.90 25.99
C ALA D 218 6.84 -11.23 26.40
N THR D 219 5.69 -11.58 25.84
CA THR D 219 5.01 -12.81 26.23
C THR D 219 5.87 -14.06 26.05
N PRO D 220 6.63 -14.23 24.96
CA PRO D 220 7.45 -15.45 24.85
C PRO D 220 8.54 -15.56 25.92
N LEU D 221 8.77 -14.53 26.73
CA LEU D 221 9.80 -14.61 27.75
C LEU D 221 9.32 -15.33 29.01
N SER D 222 8.02 -15.31 29.27
CA SER D 222 7.49 -15.89 30.49
C SER D 222 6.07 -16.37 30.24
N SER D 223 5.71 -17.50 30.87
CA SER D 223 4.35 -17.99 30.79
C SER D 223 3.39 -17.21 31.67
N THR D 224 3.90 -16.49 32.67
CA THR D 224 3.10 -15.70 33.58
C THR D 224 3.60 -14.25 33.57
N VAL D 225 2.69 -13.35 33.93
CA VAL D 225 3.00 -11.92 34.03
C VAL D 225 2.44 -11.40 35.34
N THR D 226 3.11 -10.37 35.90
CA THR D 226 2.65 -9.75 37.14
C THR D 226 2.44 -8.25 36.91
N LEU D 227 1.32 -7.74 37.44
CA LEU D 227 0.97 -6.33 37.38
C LEU D 227 0.95 -5.77 38.79
N SER D 228 1.76 -4.73 39.03
CA SER D 228 1.81 -4.05 40.32
C SER D 228 1.19 -2.66 40.18
N MET D 229 0.21 -2.38 41.05
CA MET D 229 -0.60 -1.17 40.97
C MET D 229 -0.76 -0.50 42.32
N SER D 230 -0.73 0.83 42.30
CA SER D 230 -1.05 1.69 43.44
C SER D 230 -1.57 3.00 42.88
N ALA D 231 -2.39 3.69 43.66
CA ALA D 231 -2.97 4.95 43.21
C ALA D 231 -1.91 6.01 42.95
N ASP D 232 -2.06 6.75 41.85
CA ASP D 232 -1.26 7.94 41.59
C ASP D 232 0.21 7.59 41.38
N VAL D 233 0.46 6.37 40.90
CA VAL D 233 1.82 5.89 40.63
C VAL D 233 1.78 5.03 39.38
N PRO D 234 2.86 4.97 38.60
CA PRO D 234 2.82 4.17 37.36
C PRO D 234 2.63 2.69 37.66
N LEU D 235 2.02 2.02 36.69
CA LEU D 235 1.84 0.58 36.71
C LEU D 235 3.11 -0.14 36.32
N VAL D 236 3.33 -1.31 36.92
CA VAL D 236 4.50 -2.13 36.62
C VAL D 236 4.03 -3.45 36.03
N VAL D 237 4.40 -3.68 34.77
CA VAL D 237 4.14 -4.94 34.08
C VAL D 237 5.47 -5.70 34.03
N GLU D 238 5.55 -6.81 34.74
CA GLU D 238 6.80 -7.54 34.93
C GLU D 238 6.70 -8.94 34.32
N TYR D 239 7.70 -9.27 33.49
CA TYR D 239 7.86 -10.60 32.92
C TYR D 239 9.16 -11.20 33.45
N LYS D 240 9.07 -12.35 34.10
CA LYS D 240 10.25 -13.03 34.61
C LYS D 240 10.96 -13.78 33.48
N ILE D 241 12.25 -13.49 33.30
CA ILE D 241 13.10 -14.28 32.43
C ILE D 241 13.68 -15.37 33.32
N ALA D 242 13.04 -16.55 33.29
CA ALA D 242 13.27 -17.59 34.27
C ALA D 242 14.76 -17.86 34.49
N ASP D 243 15.15 -17.92 35.74
CA ASP D 243 16.51 -18.20 36.21
C ASP D 243 17.52 -17.10 35.90
N MET D 244 17.19 -16.22 34.97
CA MET D 244 18.12 -15.20 34.51
C MET D 244 17.87 -13.80 35.09
N GLY D 245 16.66 -13.32 35.00
CA GLY D 245 16.35 -11.98 35.47
C GLY D 245 14.93 -11.56 35.14
N HIS D 246 14.75 -10.34 34.64
CA HIS D 246 13.39 -9.87 34.41
C HIS D 246 13.39 -8.74 33.40
N LEU D 247 12.21 -8.53 32.80
CA LEU D 247 11.93 -7.40 31.92
C LEU D 247 10.70 -6.68 32.46
N LYS D 248 10.86 -5.38 32.76
CA LYS D 248 9.84 -4.59 33.42
C LYS D 248 9.45 -3.39 32.57
N TYR D 249 8.14 -3.12 32.51
CA TYR D 249 7.59 -1.96 31.85
C TYR D 249 6.83 -1.12 32.87
N TYR D 250 7.03 0.20 32.81
CA TYR D 250 6.37 1.16 33.69
C TYR D 250 5.50 2.05 32.83
N LEU D 251 4.22 2.14 33.16
CA LEU D 251 3.26 2.91 32.37
C LEU D 251 2.57 3.93 33.24
N ALA D 252 2.63 5.20 32.84
CA ALA D 252 1.95 6.25 33.57
C ALA D 252 0.44 6.16 33.31
N PRO D 253 -0.38 6.38 34.33
CA PRO D 253 -1.84 6.36 34.12
C PRO D 253 -2.30 7.52 33.25
N LYS D 254 -3.56 7.45 32.84
CA LYS D 254 -4.17 8.49 32.03
C LYS D 254 -4.83 9.54 32.90
N ILE D 255 -4.83 10.78 32.41
CA ILE D 255 -5.32 11.99 33.08
C ILE D 255 -6.33 11.76 34.20
N MET E 1 1.15 -36.67 -30.62
CA MET E 1 1.00 -35.24 -30.60
C MET E 1 2.08 -34.76 -29.68
N PHE E 2 1.70 -34.66 -28.42
CA PHE E 2 2.58 -34.58 -27.27
C PHE E 2 1.71 -34.83 -26.06
N GLU E 3 1.99 -35.92 -25.33
CA GLU E 3 1.18 -36.29 -24.19
C GLU E 3 2.10 -36.86 -23.13
N ALA E 4 2.19 -36.18 -22.00
CA ALA E 4 3.01 -36.62 -20.88
C ALA E 4 2.12 -36.76 -19.67
N ARG E 5 2.25 -37.88 -18.96
CA ARG E 5 1.47 -38.16 -17.77
C ARG E 5 2.42 -38.34 -16.59
N LEU E 6 2.27 -37.48 -15.59
CA LEU E 6 3.10 -37.51 -14.39
C LEU E 6 2.18 -37.78 -13.20
N VAL E 7 2.41 -38.92 -12.53
CA VAL E 7 1.60 -39.27 -11.37
C VAL E 7 1.91 -38.35 -10.20
N GLN E 8 3.19 -38.01 -10.02
CA GLN E 8 3.58 -37.08 -8.96
C GLN E 8 3.53 -35.66 -9.50
N GLY E 9 2.30 -35.16 -9.70
CA GLY E 9 2.09 -33.85 -10.30
C GLY E 9 2.66 -32.69 -9.48
N SER E 10 2.80 -32.89 -8.18
CA SER E 10 3.34 -31.84 -7.32
C SER E 10 4.66 -31.31 -7.87
N ILE E 11 5.52 -32.21 -8.38
CA ILE E 11 6.78 -31.79 -8.98
C ILE E 11 6.56 -30.65 -9.94
N LEU E 12 5.66 -30.84 -10.90
CA LEU E 12 5.36 -29.81 -11.89
C LEU E 12 4.98 -28.50 -11.20
N LYS E 13 4.04 -28.58 -10.24
CA LYS E 13 3.71 -27.40 -9.45
C LYS E 13 4.96 -26.72 -8.90
N LYS E 14 5.77 -27.47 -8.17
CA LYS E 14 6.98 -26.94 -7.55
C LYS E 14 7.88 -26.27 -8.59
N VAL E 15 8.06 -26.93 -9.75
CA VAL E 15 8.93 -26.39 -10.80
C VAL E 15 8.48 -25.00 -11.19
N LEU E 16 7.18 -24.83 -11.43
CA LEU E 16 6.75 -23.50 -11.84
C LEU E 16 6.84 -22.49 -10.71
N GLU E 17 6.66 -22.93 -9.45
CA GLU E 17 6.89 -22.00 -8.35
C GLU E 17 8.34 -21.54 -8.31
N ALA E 18 9.25 -22.36 -8.83
CA ALA E 18 10.65 -21.95 -8.89
C ALA E 18 10.93 -21.01 -10.04
N LEU E 19 10.06 -20.97 -11.06
CA LEU E 19 10.36 -20.15 -12.23
C LEU E 19 9.55 -18.86 -12.36
N LYS E 20 8.31 -18.80 -11.86
CA LYS E 20 7.44 -17.68 -12.18
C LYS E 20 8.01 -16.36 -11.70
N ASP E 21 8.79 -16.37 -10.61
CA ASP E 21 9.34 -15.13 -10.05
C ASP E 21 10.64 -14.72 -10.73
N LEU E 22 11.31 -15.63 -11.43
CA LEU E 22 12.57 -15.33 -12.10
C LEU E 22 12.40 -15.06 -13.59
N ILE E 23 11.56 -15.83 -14.27
CA ILE E 23 11.31 -15.65 -15.70
C ILE E 23 9.80 -15.63 -15.93
N ASN E 24 9.37 -14.75 -16.83
CA ASN E 24 7.96 -14.52 -17.10
C ASN E 24 7.45 -15.31 -18.30
N GLU E 25 8.20 -15.29 -19.39
CA GLU E 25 7.88 -16.01 -20.61
C GLU E 25 9.00 -16.99 -20.90
N ALA E 26 8.65 -18.23 -21.21
CA ALA E 26 9.68 -19.21 -21.54
C ALA E 26 9.15 -20.17 -22.58
N CYS E 27 10.08 -20.79 -23.29
CA CYS E 27 9.75 -21.75 -24.34
C CYS E 27 10.10 -23.15 -23.87
N TRP E 28 9.10 -24.03 -23.85
CA TRP E 28 9.30 -25.43 -23.49
C TRP E 28 9.61 -26.19 -24.78
N ASP E 29 10.82 -26.75 -24.86
CA ASP E 29 11.23 -27.56 -26.00
C ASP E 29 10.92 -29.02 -25.70
N ILE E 30 9.96 -29.57 -26.44
CA ILE E 30 9.50 -30.94 -26.24
C ILE E 30 10.07 -31.84 -27.33
N SER E 31 10.66 -32.95 -26.92
CA SER E 31 11.20 -33.95 -27.83
C SER E 31 10.96 -35.33 -27.24
N SER E 32 11.26 -36.35 -28.05
CA SER E 32 11.05 -37.73 -27.59
C SER E 32 11.85 -38.02 -26.33
N SER E 33 12.97 -37.30 -26.13
CA SER E 33 13.82 -37.53 -24.97
C SER E 33 13.33 -36.79 -23.74
N GLY E 34 12.46 -35.80 -23.89
CA GLY E 34 11.89 -35.14 -22.74
C GLY E 34 11.66 -33.67 -23.01
N VAL E 35 11.55 -32.91 -21.91
CA VAL E 35 11.21 -31.50 -21.96
C VAL E 35 12.38 -30.69 -21.43
N ASN E 36 12.67 -29.59 -22.12
CA ASN E 36 13.79 -28.73 -21.80
C ASN E 36 13.34 -27.28 -21.75
N LEU E 37 13.98 -26.51 -20.87
CA LEU E 37 13.68 -25.08 -20.79
C LEU E 37 14.96 -24.34 -20.49
N GLN E 38 15.13 -23.18 -21.13
CA GLN E 38 16.36 -22.43 -20.94
C GLN E 38 16.07 -20.97 -21.22
N SER E 39 16.21 -20.11 -20.21
CA SER E 39 15.87 -18.71 -20.39
C SER E 39 16.68 -17.85 -19.44
N MET E 40 16.99 -16.63 -19.90
CA MET E 40 17.57 -15.62 -19.04
C MET E 40 16.49 -14.72 -18.47
N ASP E 41 16.73 -14.21 -17.26
CA ASP E 41 15.83 -13.23 -16.69
C ASP E 41 15.89 -11.92 -17.47
N SER E 42 14.93 -11.03 -17.19
CA SER E 42 14.79 -9.81 -17.99
C SER E 42 16.06 -8.97 -17.97
N SER E 43 16.79 -8.96 -16.86
CA SER E 43 17.96 -8.10 -16.73
C SER E 43 19.24 -8.74 -17.23
N HIS E 44 19.17 -9.97 -17.76
CA HIS E 44 20.34 -10.66 -18.34
C HIS E 44 21.43 -10.85 -17.30
N VAL E 45 21.05 -11.26 -16.10
CA VAL E 45 21.99 -11.51 -15.01
C VAL E 45 22.07 -12.98 -14.64
N SER E 46 20.99 -13.75 -14.77
CA SER E 46 20.97 -15.15 -14.42
C SER E 46 20.37 -15.96 -15.56
N LEU E 47 20.75 -17.23 -15.65
CA LEU E 47 20.22 -18.12 -16.67
C LEU E 47 19.66 -19.36 -15.99
N VAL E 48 18.46 -19.77 -16.37
CA VAL E 48 17.82 -20.94 -15.79
C VAL E 48 17.70 -22.03 -16.85
N GLN E 49 18.01 -23.27 -16.44
CA GLN E 49 18.00 -24.41 -17.35
C GLN E 49 17.33 -25.57 -16.64
N LEU E 50 16.16 -25.97 -17.13
CA LEU E 50 15.36 -27.04 -16.58
C LEU E 50 15.38 -28.24 -17.52
N THR E 51 15.60 -29.43 -16.96
CA THR E 51 15.66 -30.68 -17.71
C THR E 51 14.76 -31.72 -17.06
N LEU E 52 13.79 -32.23 -17.83
CA LEU E 52 12.88 -33.28 -17.37
C LEU E 52 12.88 -34.41 -18.38
N ARG E 53 13.46 -35.54 -18.01
CA ARG E 53 13.63 -36.65 -18.95
C ARG E 53 12.33 -37.44 -19.08
N SER E 54 12.13 -38.03 -20.25
CA SER E 54 10.86 -38.68 -20.56
C SER E 54 10.58 -39.90 -19.70
N GLU E 55 11.64 -40.65 -19.25
CA GLU E 55 11.34 -41.82 -18.42
C GLU E 55 10.88 -41.43 -17.03
N GLY E 56 11.11 -40.18 -16.62
CA GLY E 56 10.57 -39.75 -15.35
C GLY E 56 9.08 -39.55 -15.36
N PHE E 57 8.49 -39.45 -16.52
CA PHE E 57 7.05 -39.42 -16.68
C PHE E 57 6.52 -40.85 -16.75
N ASP E 58 5.42 -41.10 -16.06
CA ASP E 58 4.80 -42.42 -16.14
C ASP E 58 4.30 -42.72 -17.54
N THR E 59 3.92 -41.69 -18.29
CA THR E 59 3.64 -41.85 -19.71
C THR E 59 4.30 -40.68 -20.45
N TYR E 60 4.89 -40.97 -21.60
CA TYR E 60 5.48 -39.91 -22.41
C TYR E 60 5.19 -40.21 -23.87
N ARG E 61 4.93 -39.16 -24.62
CA ARG E 61 4.58 -39.35 -26.03
C ARG E 61 4.90 -38.06 -26.76
N CYS E 62 5.59 -38.17 -27.90
CA CYS E 62 5.99 -36.99 -28.65
C CYS E 62 6.21 -37.41 -30.09
N ASP E 63 5.27 -37.06 -30.97
CA ASP E 63 5.47 -37.31 -32.39
C ASP E 63 6.57 -36.41 -32.92
N ARG E 64 6.30 -35.11 -32.89
CA ARG E 64 7.12 -34.04 -33.41
C ARG E 64 7.71 -33.25 -32.25
N ASN E 65 8.83 -32.60 -32.51
CA ASN E 65 9.35 -31.66 -31.54
C ASN E 65 8.47 -30.42 -31.49
N LEU E 66 8.35 -29.84 -30.31
CA LEU E 66 7.53 -28.67 -30.11
C LEU E 66 8.33 -27.58 -29.42
N ALA E 67 7.93 -26.33 -29.64
CA ALA E 67 8.48 -25.17 -28.96
C ALA E 67 7.29 -24.38 -28.42
N MET E 68 6.83 -24.75 -27.23
CA MET E 68 5.64 -24.13 -26.66
C MET E 68 6.01 -22.83 -25.95
N GLY E 69 5.50 -21.72 -26.46
CA GLY E 69 5.67 -20.45 -25.77
C GLY E 69 4.69 -20.32 -24.63
N VAL E 70 5.17 -20.45 -23.40
CA VAL E 70 4.33 -20.46 -22.20
C VAL E 70 4.61 -19.21 -21.39
N ASN E 71 3.54 -18.51 -20.99
CA ASN E 71 3.60 -17.51 -19.94
C ASN E 71 3.58 -18.23 -18.60
N LEU E 72 4.69 -18.16 -17.86
CA LEU E 72 4.85 -19.03 -16.70
C LEU E 72 3.92 -18.64 -15.56
N THR E 73 3.50 -17.38 -15.48
CA THR E 73 2.60 -16.97 -14.42
C THR E 73 1.23 -17.64 -14.57
N SER E 74 0.70 -17.67 -15.80
CA SER E 74 -0.60 -18.29 -16.04
C SER E 74 -0.56 -19.78 -15.74
N MET E 75 0.46 -20.47 -16.27
CA MET E 75 0.60 -21.89 -16.00
C MET E 75 0.79 -22.16 -14.51
N SER E 76 1.41 -21.21 -13.79
CA SER E 76 1.48 -21.31 -12.34
C SER E 76 0.10 -21.21 -11.71
N LYS E 77 -0.73 -20.28 -12.20
CA LYS E 77 -2.10 -20.17 -11.69
C LYS E 77 -2.86 -21.48 -11.87
N ILE E 78 -2.77 -22.06 -13.07
CA ILE E 78 -3.47 -23.30 -13.37
C ILE E 78 -2.92 -24.44 -12.51
N LEU E 79 -1.62 -24.49 -12.31
CA LEU E 79 -1.08 -25.55 -11.47
C LEU E 79 -1.45 -25.36 -10.01
N LYS E 80 -1.73 -24.13 -9.58
CA LYS E 80 -2.31 -23.93 -8.27
C LYS E 80 -3.74 -24.41 -8.21
N CYS E 81 -4.40 -24.57 -9.35
CA CYS E 81 -5.70 -25.24 -9.29
C CYS E 81 -5.59 -26.77 -9.19
N ALA E 82 -4.40 -27.31 -8.93
CA ALA E 82 -4.19 -28.75 -8.83
C ALA E 82 -3.74 -29.12 -7.43
N GLY E 83 -4.31 -30.20 -6.89
CA GLY E 83 -3.88 -30.69 -5.60
C GLY E 83 -2.49 -31.30 -5.64
N ASN E 84 -1.84 -31.34 -4.48
CA ASN E 84 -0.46 -31.84 -4.43
C ASN E 84 -0.38 -33.32 -4.77
N GLU E 85 -1.44 -34.08 -4.53
CA GLU E 85 -1.43 -35.50 -4.79
C GLU E 85 -2.06 -35.84 -6.14
N ASP E 86 -2.34 -34.84 -6.97
CA ASP E 86 -2.99 -35.04 -8.25
C ASP E 86 -2.04 -35.60 -9.29
N ILE E 87 -2.60 -36.40 -10.19
CA ILE E 87 -1.90 -36.87 -11.39
C ILE E 87 -2.14 -35.85 -12.50
N ILE E 88 -1.07 -35.24 -12.99
CA ILE E 88 -1.16 -34.16 -13.96
C ILE E 88 -0.75 -34.71 -15.33
N THR E 89 -1.56 -34.42 -16.34
CA THR E 89 -1.28 -34.83 -17.71
C THR E 89 -1.24 -33.59 -18.59
N LEU E 90 -0.08 -33.36 -19.20
CA LEU E 90 0.07 -32.31 -20.21
C LEU E 90 -0.17 -32.92 -21.58
N ARG E 91 -0.84 -32.18 -22.45
CA ARG E 91 -1.13 -32.68 -23.79
C ARG E 91 -1.27 -31.51 -24.74
N ALA E 92 -0.61 -31.61 -25.90
CA ALA E 92 -0.62 -30.54 -26.89
C ALA E 92 -0.72 -31.15 -28.28
N GLU E 93 -1.58 -30.53 -29.09
CA GLU E 93 -1.79 -30.96 -30.46
C GLU E 93 -0.67 -30.49 -31.38
N ASP E 94 -0.86 -30.79 -32.65
CA ASP E 94 0.16 -30.54 -33.67
C ASP E 94 0.39 -29.06 -33.88
N ASN E 95 -0.66 -28.32 -34.22
CA ASN E 95 -0.56 -26.88 -34.46
C ASN E 95 -0.86 -26.07 -33.20
N ALA E 96 -0.05 -26.32 -32.17
CA ALA E 96 -0.08 -25.66 -30.87
C ALA E 96 -1.38 -24.96 -30.48
N ASP E 97 -1.31 -23.62 -30.42
CA ASP E 97 -2.37 -22.70 -30.02
C ASP E 97 -2.67 -22.82 -28.53
N THR E 98 -2.86 -24.04 -28.02
CA THR E 98 -3.10 -24.20 -26.60
C THR E 98 -2.39 -25.43 -26.07
N LEU E 99 -2.10 -25.38 -24.77
CA LEU E 99 -1.64 -26.54 -24.03
C LEU E 99 -2.75 -26.97 -23.07
N ALA E 100 -3.12 -28.24 -23.12
CA ALA E 100 -4.16 -28.79 -22.28
C ALA E 100 -3.54 -29.45 -21.08
N LEU E 101 -4.08 -29.15 -19.90
CA LEU E 101 -3.63 -29.75 -18.66
C LEU E 101 -4.81 -30.49 -18.02
N VAL E 102 -4.55 -31.67 -17.48
CA VAL E 102 -5.60 -32.50 -16.88
C VAL E 102 -5.15 -32.86 -15.46
N PHE E 103 -5.99 -32.52 -14.48
CA PHE E 103 -5.72 -32.80 -13.09
C PHE E 103 -6.64 -33.92 -12.62
N GLU E 104 -6.04 -35.04 -12.26
CA GLU E 104 -6.78 -36.20 -11.77
C GLU E 104 -6.61 -36.35 -10.28
N ALA E 105 -7.69 -36.40 -9.60
CA ALA E 105 -7.60 -36.69 -8.20
C ALA E 105 -7.59 -38.19 -8.03
N PRO E 106 -6.69 -38.71 -7.21
CA PRO E 106 -6.47 -40.17 -7.08
C PRO E 106 -7.66 -41.09 -7.36
N ASN E 107 -8.80 -40.82 -6.71
CA ASN E 107 -10.14 -41.31 -6.96
C ASN E 107 -10.88 -40.57 -5.87
N GLN E 108 -10.61 -39.29 -5.85
CA GLN E 108 -11.58 -38.41 -5.24
C GLN E 108 -12.75 -38.16 -6.18
N GLU E 109 -12.75 -38.79 -7.37
CA GLU E 109 -13.81 -38.65 -8.37
C GLU E 109 -13.96 -37.19 -8.77
N LYS E 110 -12.83 -36.54 -8.93
CA LYS E 110 -12.73 -35.17 -9.37
C LYS E 110 -11.78 -35.15 -10.54
N VAL E 111 -12.19 -34.56 -11.65
CA VAL E 111 -11.32 -34.49 -12.82
C VAL E 111 -11.40 -33.06 -13.32
N SER E 112 -10.32 -32.32 -13.13
CA SER E 112 -10.21 -30.98 -13.67
C SER E 112 -9.56 -31.05 -15.04
N ASP E 113 -9.96 -30.13 -15.90
CA ASP E 113 -9.43 -30.06 -17.26
C ASP E 113 -9.32 -28.59 -17.64
N TYR E 114 -8.09 -28.12 -17.83
CA TYR E 114 -7.81 -26.74 -18.17
C TYR E 114 -7.16 -26.66 -19.54
N GLU E 115 -7.33 -25.49 -20.17
CA GLU E 115 -6.78 -25.22 -21.49
C GLU E 115 -6.12 -23.85 -21.43
N MET E 116 -4.82 -23.81 -21.67
CA MET E 116 -4.01 -22.61 -21.51
C MET E 116 -3.56 -22.10 -22.88
N LYS E 117 -3.61 -20.78 -23.06
CA LYS E 117 -3.17 -20.19 -24.31
C LYS E 117 -1.65 -20.10 -24.36
N LEU E 118 -1.09 -20.35 -25.54
CA LEU E 118 0.35 -20.35 -25.75
C LEU E 118 0.78 -19.05 -26.43
N MET E 119 2.10 -18.84 -26.47
CA MET E 119 2.70 -17.69 -27.12
C MET E 119 3.63 -18.14 -28.24
N ASP E 120 3.88 -17.21 -29.16
CA ASP E 120 4.85 -17.39 -30.24
C ASP E 120 6.20 -16.90 -29.73
N LEU E 121 7.09 -17.82 -29.37
CA LEU E 121 8.35 -17.47 -28.72
C LEU E 121 9.53 -18.00 -29.52
N ASP E 122 10.42 -17.09 -29.92
CA ASP E 122 11.71 -17.47 -30.45
C ASP E 122 12.74 -17.46 -29.32
N VAL E 123 13.60 -18.47 -29.31
CA VAL E 123 14.53 -18.67 -28.21
C VAL E 123 15.95 -18.35 -28.64
N LEU E 126 20.98 -20.37 -25.78
CA LEU E 126 22.27 -20.04 -25.19
C LEU E 126 23.21 -21.26 -25.20
N GLY E 127 24.51 -21.01 -25.39
CA GLY E 127 25.49 -22.08 -25.46
C GLY E 127 26.25 -22.30 -24.17
N ILE E 128 25.71 -23.14 -23.30
CA ILE E 128 26.34 -23.48 -22.02
C ILE E 128 27.11 -24.80 -22.22
N PRO E 129 28.44 -24.77 -22.24
CA PRO E 129 29.19 -26.03 -22.31
C PRO E 129 29.40 -26.67 -20.95
N GLU E 130 29.59 -27.98 -20.99
CA GLU E 130 29.98 -28.73 -19.81
C GLU E 130 31.33 -28.25 -19.30
N GLN E 131 31.43 -28.08 -17.97
CA GLN E 131 32.67 -27.63 -17.38
C GLN E 131 32.95 -28.45 -16.13
N GLU E 132 34.21 -28.41 -15.69
CA GLU E 132 34.62 -28.91 -14.39
C GLU E 132 35.04 -27.71 -13.56
N TYR E 133 34.57 -27.66 -12.32
CA TYR E 133 34.68 -26.47 -11.51
C TYR E 133 35.73 -26.63 -10.42
N SER E 134 36.35 -25.51 -10.04
CA SER E 134 37.41 -25.54 -9.04
C SER E 134 36.89 -26.04 -7.69
N CYS E 135 35.69 -25.59 -7.28
CA CYS E 135 35.12 -26.00 -6.01
C CYS E 135 33.65 -26.36 -6.18
N VAL E 136 33.26 -27.52 -5.66
CA VAL E 136 31.87 -27.97 -5.72
C VAL E 136 31.42 -28.29 -4.30
N VAL E 137 30.32 -27.65 -3.86
CA VAL E 137 29.78 -27.81 -2.52
C VAL E 137 28.42 -28.47 -2.62
N LYS E 138 28.26 -29.61 -1.93
CA LYS E 138 26.94 -30.22 -1.82
C LYS E 138 26.52 -30.06 -0.38
N MET E 139 25.35 -29.43 -0.18
CA MET E 139 24.89 -29.11 1.17
C MET E 139 23.37 -29.13 1.17
N PRO E 140 22.73 -29.19 2.33
CA PRO E 140 21.27 -29.13 2.38
C PRO E 140 20.73 -27.86 1.75
N SER E 141 19.63 -28.00 1.00
CA SER E 141 19.06 -26.85 0.29
C SER E 141 18.46 -25.84 1.26
N GLY E 142 17.78 -26.32 2.30
CA GLY E 142 17.21 -25.42 3.29
C GLY E 142 18.26 -24.60 4.02
N GLU E 143 19.45 -25.18 4.22
CA GLU E 143 20.54 -24.44 4.83
C GLU E 143 20.97 -23.27 3.94
N PHE E 144 21.14 -23.53 2.65
CA PHE E 144 21.50 -22.48 1.70
C PHE E 144 20.42 -21.40 1.65
N ALA E 145 19.15 -21.82 1.63
CA ALA E 145 18.05 -20.86 1.61
C ALA E 145 18.09 -19.96 2.83
N ARG E 146 18.23 -20.56 4.02
CA ARG E 146 18.27 -19.77 5.24
C ARG E 146 19.48 -18.83 5.26
N ILE E 147 20.64 -19.31 4.78
CA ILE E 147 21.83 -18.47 4.77
C ILE E 147 21.62 -17.26 3.88
N CYS E 148 21.09 -17.47 2.68
CA CYS E 148 20.83 -16.35 1.78
C CYS E 148 19.81 -15.39 2.39
N ARG E 149 18.76 -15.92 3.01
CA ARG E 149 17.74 -15.03 3.59
C ARG E 149 18.32 -14.23 4.74
N ASP E 150 19.17 -14.85 5.57
CA ASP E 150 19.74 -14.16 6.72
C ASP E 150 20.73 -13.09 6.27
N LEU E 151 21.68 -13.46 5.41
CA LEU E 151 22.65 -12.48 4.95
C LEU E 151 22.01 -11.37 4.13
N SER E 152 20.84 -11.62 3.54
CA SER E 152 20.13 -10.55 2.84
C SER E 152 19.79 -9.40 3.78
N HIS E 153 19.60 -9.70 5.07
CA HIS E 153 19.33 -8.66 6.06
C HIS E 153 20.56 -7.80 6.36
N ILE E 154 21.75 -8.23 5.94
CA ILE E 154 22.98 -7.54 6.31
C ILE E 154 23.54 -6.73 5.14
N GLY E 155 23.50 -7.27 3.93
CA GLY E 155 24.07 -6.58 2.79
C GLY E 155 23.42 -7.00 1.49
N ASP E 156 23.93 -6.44 0.39
CA ASP E 156 23.39 -6.75 -0.93
C ASP E 156 24.00 -8.02 -1.50
N ALA E 157 25.28 -8.28 -1.23
CA ALA E 157 26.02 -9.34 -1.88
C ALA E 157 26.60 -10.29 -0.84
N VAL E 158 26.78 -11.55 -1.26
CA VAL E 158 27.40 -12.58 -0.45
C VAL E 158 28.74 -12.94 -1.07
N VAL E 159 29.77 -13.02 -0.25
CA VAL E 159 31.11 -13.46 -0.64
C VAL E 159 31.26 -14.91 -0.21
N ILE E 160 31.36 -15.80 -1.19
CA ILE E 160 31.55 -17.22 -0.95
C ILE E 160 33.03 -17.55 -1.08
N SER E 161 33.64 -17.99 0.03
CA SER E 161 35.01 -18.48 0.04
C SER E 161 34.97 -19.98 0.32
N CYS E 162 35.60 -20.77 -0.56
CA CYS E 162 35.50 -22.23 -0.60
C CYS E 162 36.89 -22.82 -0.42
N ALA E 163 37.09 -23.57 0.67
CA ALA E 163 38.34 -24.27 0.91
C ALA E 163 38.07 -25.74 1.28
N LYS E 164 39.15 -26.51 1.35
CA LYS E 164 39.09 -27.96 1.47
C LYS E 164 38.53 -28.42 2.82
N ASP E 165 38.31 -27.50 3.76
CA ASP E 165 37.68 -27.83 5.03
C ASP E 165 36.31 -27.19 5.23
N GLY E 166 35.76 -26.48 4.25
CA GLY E 166 34.46 -25.89 4.42
C GLY E 166 34.25 -24.67 3.54
N VAL E 167 33.03 -24.14 3.61
CA VAL E 167 32.61 -22.97 2.84
C VAL E 167 32.19 -21.86 3.79
N LYS E 168 32.47 -20.62 3.41
CA LYS E 168 32.16 -19.43 4.20
C LYS E 168 31.36 -18.47 3.34
N PHE E 169 30.24 -17.99 3.88
CA PHE E 169 29.43 -16.95 3.26
C PHE E 169 29.58 -15.68 4.08
N SER E 170 29.77 -14.53 3.42
CA SER E 170 29.98 -13.30 4.17
C SER E 170 29.20 -12.15 3.54
N ALA E 171 28.70 -11.27 4.39
CA ALA E 171 27.96 -10.09 3.96
C ALA E 171 28.45 -8.88 4.73
N SER E 172 28.25 -7.70 4.12
CA SER E 172 28.66 -6.44 4.71
C SER E 172 27.61 -5.37 4.40
N GLY E 173 27.36 -4.52 5.38
CA GLY E 173 26.36 -3.48 5.24
C GLY E 173 26.54 -2.37 6.25
N GLU E 174 25.60 -1.43 6.22
CA GLU E 174 25.71 -0.21 7.01
C GLU E 174 25.59 -0.45 8.51
N LEU E 175 24.95 -1.53 8.92
CA LEU E 175 24.84 -1.83 10.35
C LEU E 175 25.95 -2.75 10.85
N GLY E 176 26.83 -3.21 9.95
CA GLY E 176 27.90 -4.08 10.38
C GLY E 176 28.21 -5.12 9.34
N ASN E 177 28.76 -6.27 9.75
CA ASN E 177 29.07 -7.31 8.78
C ASN E 177 29.15 -8.66 9.50
N GLY E 178 28.82 -9.71 8.76
CA GLY E 178 28.77 -11.03 9.35
C GLY E 178 29.18 -12.09 8.35
N ASN E 179 29.67 -13.21 8.87
CA ASN E 179 30.07 -14.33 8.03
C ASN E 179 29.67 -15.63 8.70
N ILE E 180 29.04 -16.51 7.94
CA ILE E 180 28.64 -17.85 8.40
C ILE E 180 29.64 -18.84 7.84
N LYS E 181 30.13 -19.72 8.73
CA LYS E 181 31.19 -20.67 8.41
C LYS E 181 30.65 -22.08 8.56
N LEU E 182 30.62 -22.82 7.46
CA LEU E 182 30.18 -24.21 7.42
C LEU E 182 31.39 -25.11 7.23
N SER E 183 31.53 -26.08 8.12
CA SER E 183 32.62 -27.05 8.06
C SER E 183 32.14 -28.35 7.44
N GLN E 184 33.06 -29.08 6.83
CA GLN E 184 32.75 -30.37 6.27
C GLN E 184 32.36 -31.36 7.36
N THR E 185 31.51 -32.30 7.01
CA THR E 185 30.99 -33.27 7.97
C THR E 185 31.32 -34.71 7.56
N LYS E 190 25.64 -41.54 7.94
CA LYS E 190 25.20 -40.21 7.54
C LYS E 190 23.83 -40.25 6.87
N GLU E 191 23.53 -39.19 6.11
CA GLU E 191 22.23 -39.06 5.48
C GLU E 191 22.29 -38.04 4.34
N GLU E 192 21.35 -37.11 4.33
CA GLU E 192 21.29 -35.99 3.40
C GLU E 192 21.43 -34.67 4.13
N GLU E 193 22.05 -34.70 5.31
CA GLU E 193 22.33 -33.51 6.09
C GLU E 193 23.81 -33.16 6.14
N ALA E 194 24.61 -33.79 5.28
CA ALA E 194 26.04 -33.59 5.24
C ALA E 194 26.39 -32.42 4.32
N VAL E 195 27.56 -31.84 4.57
CA VAL E 195 28.13 -30.80 3.73
C VAL E 195 29.48 -31.33 3.28
N THR E 196 29.60 -31.65 1.99
CA THR E 196 30.83 -32.20 1.49
C THR E 196 31.35 -31.33 0.36
N ILE E 197 32.68 -31.24 0.27
CA ILE E 197 33.33 -30.33 -0.66
C ILE E 197 34.29 -31.11 -1.53
N GLU E 198 34.20 -30.90 -2.82
CA GLU E 198 35.07 -31.49 -3.82
C GLU E 198 35.86 -30.34 -4.41
N MET E 199 37.13 -30.22 -4.02
CA MET E 199 37.91 -29.03 -4.28
C MET E 199 39.15 -29.32 -5.11
N ASN E 200 39.44 -28.40 -6.02
CA ASN E 200 40.73 -28.35 -6.71
C ASN E 200 41.61 -27.23 -6.17
N GLU E 201 41.12 -25.99 -6.19
CA GLU E 201 41.87 -24.82 -5.75
C GLU E 201 40.89 -23.86 -5.09
N PRO E 202 41.35 -23.08 -4.11
CA PRO E 202 40.41 -22.30 -3.30
C PRO E 202 39.69 -21.27 -4.14
N VAL E 203 38.45 -20.98 -3.75
CA VAL E 203 37.64 -20.04 -4.51
C VAL E 203 37.12 -18.95 -3.58
N GLN E 204 36.80 -17.81 -4.17
CA GLN E 204 36.19 -16.69 -3.46
C GLN E 204 35.55 -15.78 -4.49
N LEU E 205 34.22 -15.67 -4.45
CA LEU E 205 33.49 -14.85 -5.40
C LEU E 205 32.44 -14.04 -4.66
N THR E 206 31.83 -13.10 -5.36
CA THR E 206 30.80 -12.24 -4.80
C THR E 206 29.57 -12.29 -5.70
N PHE E 207 28.40 -12.46 -5.09
CA PHE E 207 27.16 -12.62 -5.86
C PHE E 207 26.06 -11.79 -5.23
N ALA E 208 25.07 -11.44 -6.07
CA ALA E 208 23.91 -10.68 -5.62
C ALA E 208 22.95 -11.59 -4.87
N LEU E 209 22.62 -11.23 -3.63
CA LEU E 209 21.73 -12.04 -2.82
C LEU E 209 20.30 -12.05 -3.34
N ARG E 210 19.91 -11.03 -4.12
CA ARG E 210 18.56 -11.01 -4.67
C ARG E 210 18.32 -12.23 -5.57
N TYR E 211 19.27 -12.51 -6.46
CA TYR E 211 19.11 -13.61 -7.39
C TYR E 211 19.21 -14.96 -6.68
N LEU E 212 20.10 -15.08 -5.69
CA LEU E 212 20.15 -16.31 -4.91
C LEU E 212 18.84 -16.55 -4.18
N ASN E 213 18.25 -15.49 -3.60
CA ASN E 213 16.96 -15.61 -2.97
C ASN E 213 15.86 -15.94 -3.97
N PHE E 214 16.04 -15.58 -5.25
CA PHE E 214 15.16 -16.12 -6.27
C PHE E 214 15.39 -17.61 -6.47
N PHE E 215 16.65 -18.03 -6.46
CA PHE E 215 16.98 -19.42 -6.74
C PHE E 215 16.43 -20.34 -5.66
N THR E 216 16.44 -19.90 -4.41
CA THR E 216 16.06 -20.76 -3.30
C THR E 216 14.56 -21.05 -3.24
N LYS E 217 13.76 -20.54 -4.18
CA LYS E 217 12.37 -20.94 -4.28
C LYS E 217 12.21 -22.34 -4.86
N ALA E 218 13.28 -22.91 -5.41
CA ALA E 218 13.29 -24.31 -5.86
C ALA E 218 13.63 -25.27 -4.72
N THR E 219 13.72 -24.78 -3.49
CA THR E 219 14.11 -25.61 -2.36
C THR E 219 13.20 -26.83 -2.15
N PRO E 220 11.85 -26.72 -2.24
CA PRO E 220 11.03 -27.94 -2.07
C PRO E 220 11.22 -28.99 -3.14
N LEU E 221 12.07 -28.74 -4.14
CA LEU E 221 12.32 -29.73 -5.19
C LEU E 221 13.35 -30.78 -4.76
N SER E 222 14.26 -30.43 -3.86
CA SER E 222 15.33 -31.34 -3.49
C SER E 222 15.77 -31.06 -2.06
N SER E 223 16.15 -32.13 -1.36
CA SER E 223 16.71 -31.98 -0.02
C SER E 223 18.15 -31.50 -0.03
N THR E 224 18.86 -31.68 -1.15
CA THR E 224 20.24 -31.24 -1.28
C THR E 224 20.37 -30.31 -2.47
N VAL E 225 21.37 -29.42 -2.39
CA VAL E 225 21.70 -28.48 -3.45
C VAL E 225 23.21 -28.49 -3.64
N THR E 226 23.66 -28.23 -4.88
CA THR E 226 25.09 -28.17 -5.17
C THR E 226 25.45 -26.83 -5.78
N LEU E 227 26.58 -26.29 -5.36
CA LEU E 227 27.14 -25.04 -5.85
C LEU E 227 28.45 -25.33 -6.56
N SER E 228 28.53 -24.99 -7.84
CA SER E 228 29.74 -25.17 -8.64
C SER E 228 30.35 -23.81 -8.91
N MET E 229 31.64 -23.66 -8.57
CA MET E 229 32.34 -22.39 -8.63
C MET E 229 33.73 -22.55 -9.25
N SER E 230 34.11 -21.55 -10.03
CA SER E 230 35.45 -21.40 -10.58
C SER E 230 35.68 -19.91 -10.77
N ALA E 231 36.95 -19.50 -10.70
CA ALA E 231 37.28 -18.09 -10.78
C ALA E 231 36.78 -17.47 -12.08
N ASP E 232 36.13 -16.30 -11.96
CA ASP E 232 35.77 -15.46 -13.09
C ASP E 232 34.73 -16.11 -14.01
N VAL E 233 33.98 -17.09 -13.53
CA VAL E 233 32.91 -17.69 -14.31
C VAL E 233 31.67 -17.78 -13.42
N PRO E 234 30.49 -17.91 -14.03
CA PRO E 234 29.25 -17.91 -13.24
C PRO E 234 29.15 -19.07 -12.26
N LEU E 235 28.43 -18.83 -11.17
CA LEU E 235 28.12 -19.87 -10.20
C LEU E 235 26.94 -20.70 -10.69
N VAL E 236 26.97 -21.99 -10.38
CA VAL E 236 25.91 -22.91 -10.76
C VAL E 236 25.26 -23.47 -9.50
N VAL E 237 23.98 -23.18 -9.31
CA VAL E 237 23.18 -23.70 -8.21
C VAL E 237 22.26 -24.77 -8.79
N GLU E 238 22.46 -26.02 -8.39
CA GLU E 238 21.77 -27.16 -8.98
C GLU E 238 20.90 -27.85 -7.95
N TYR E 239 19.62 -28.04 -8.31
CA TYR E 239 18.64 -28.80 -7.54
C TYR E 239 18.24 -30.02 -8.34
N LYS E 240 18.45 -31.21 -7.78
CA LYS E 240 18.10 -32.45 -8.46
C LYS E 240 16.60 -32.72 -8.31
N ILE E 241 15.92 -32.92 -9.44
CA ILE E 241 14.54 -33.38 -9.43
C ILE E 241 14.59 -34.90 -9.53
N ALA E 242 14.49 -35.58 -8.38
CA ALA E 242 14.74 -37.01 -8.28
C ALA E 242 14.00 -37.80 -9.35
N ASP E 243 14.74 -38.70 -10.00
CA ASP E 243 14.27 -39.60 -11.05
C ASP E 243 13.85 -38.89 -12.33
N MET E 244 13.63 -37.57 -12.28
CA MET E 244 13.09 -36.86 -13.42
C MET E 244 14.16 -36.08 -14.18
N GLY E 245 14.92 -35.25 -13.48
CA GLY E 245 15.93 -34.42 -14.11
C GLY E 245 16.57 -33.46 -13.14
N HIS E 246 16.70 -32.20 -13.54
CA HIS E 246 17.40 -31.23 -12.70
C HIS E 246 16.95 -29.82 -13.08
N LEU E 247 17.13 -28.91 -12.12
CA LEU E 247 16.90 -27.49 -12.33
C LEU E 247 18.17 -26.75 -11.95
N LYS E 248 18.71 -25.97 -12.89
CA LYS E 248 19.99 -25.30 -12.69
C LYS E 248 19.84 -23.80 -12.84
N TYR E 249 20.49 -23.06 -11.96
CA TYR E 249 20.55 -21.60 -12.00
C TYR E 249 22.00 -21.18 -12.18
N TYR E 250 22.23 -20.23 -13.07
CA TYR E 250 23.55 -19.68 -13.35
C TYR E 250 23.53 -18.21 -12.97
N LEU E 251 24.45 -17.80 -12.09
CA LEU E 251 24.50 -16.43 -11.60
C LEU E 251 25.88 -15.86 -11.90
N ALA E 252 25.90 -14.74 -12.63
CA ALA E 252 27.17 -14.09 -12.94
C ALA E 252 27.71 -13.38 -11.70
N PRO E 253 29.02 -13.41 -11.48
CA PRO E 253 29.59 -12.72 -10.33
C PRO E 253 29.50 -11.21 -10.49
N LYS E 254 29.78 -10.51 -9.40
CA LYS E 254 29.78 -9.05 -9.39
C LYS E 254 31.18 -8.50 -9.64
N ILE E 255 31.24 -7.44 -10.47
CA ILE E 255 32.49 -6.81 -10.97
C ILE E 255 33.74 -7.66 -10.93
N MET F 1 -38.61 -8.56 27.50
CA MET F 1 -37.22 -8.98 27.58
C MET F 1 -36.92 -10.16 26.67
N PHE F 2 -35.67 -10.27 26.25
CA PHE F 2 -35.19 -11.38 25.45
C PHE F 2 -33.89 -11.85 26.04
N GLU F 3 -33.80 -13.14 26.36
CA GLU F 3 -32.58 -13.69 26.94
C GLU F 3 -32.40 -15.10 26.39
N ALA F 4 -31.32 -15.29 25.63
CA ALA F 4 -31.00 -16.58 25.06
C ALA F 4 -29.59 -16.96 25.48
N ARG F 5 -29.41 -18.20 25.91
CA ARG F 5 -28.12 -18.72 26.29
C ARG F 5 -27.79 -19.89 25.38
N LEU F 6 -26.69 -19.79 24.65
CA LEU F 6 -26.21 -20.77 23.69
C LEU F 6 -24.88 -21.31 24.20
N VAL F 7 -24.83 -22.63 24.41
CA VAL F 7 -23.60 -23.25 24.93
C VAL F 7 -22.49 -23.19 23.89
N GLN F 8 -22.82 -23.46 22.63
CA GLN F 8 -21.83 -23.49 21.56
C GLN F 8 -21.76 -22.11 20.89
N GLY F 9 -21.16 -21.16 21.61
CA GLY F 9 -21.10 -19.79 21.15
C GLY F 9 -20.35 -19.59 19.85
N SER F 10 -19.43 -20.51 19.52
CA SER F 10 -18.68 -20.41 18.27
C SER F 10 -19.60 -20.19 17.07
N ILE F 11 -20.76 -20.86 17.08
CA ILE F 11 -21.75 -20.68 16.01
C ILE F 11 -21.93 -19.21 15.71
N LEU F 12 -22.28 -18.43 16.75
CA LEU F 12 -22.53 -17.01 16.58
C LEU F 12 -21.32 -16.34 15.93
N LYS F 13 -20.14 -16.59 16.49
CA LYS F 13 -18.90 -16.04 15.94
C LYS F 13 -18.81 -16.31 14.44
N LYS F 14 -18.90 -17.58 14.06
CA LYS F 14 -18.74 -17.93 12.65
C LYS F 14 -19.77 -17.19 11.81
N VAL F 15 -21.01 -17.13 12.28
CA VAL F 15 -22.07 -16.46 11.53
C VAL F 15 -21.67 -15.02 11.23
N LEU F 16 -21.14 -14.32 12.22
CA LEU F 16 -20.77 -12.93 11.96
C LEU F 16 -19.52 -12.83 11.11
N GLU F 17 -18.61 -13.79 11.21
CA GLU F 17 -17.49 -13.80 10.29
C GLU F 17 -17.97 -13.98 8.85
N ALA F 18 -19.10 -14.67 8.67
CA ALA F 18 -19.63 -14.90 7.34
C ALA F 18 -20.43 -13.72 6.82
N LEU F 19 -20.87 -12.82 7.72
CA LEU F 19 -21.82 -11.79 7.29
C LEU F 19 -21.26 -10.39 7.26
N LYS F 20 -20.29 -10.08 8.12
CA LYS F 20 -19.87 -8.70 8.32
C LYS F 20 -19.35 -8.07 7.03
N ASP F 21 -18.80 -8.86 6.12
CA ASP F 21 -18.24 -8.33 4.89
C ASP F 21 -19.29 -8.16 3.79
N LEU F 22 -20.41 -8.84 3.88
CA LEU F 22 -21.43 -8.81 2.83
C LEU F 22 -22.56 -7.82 3.12
N ILE F 23 -22.99 -7.71 4.37
CA ILE F 23 -24.03 -6.76 4.77
C ILE F 23 -23.52 -6.00 5.98
N ASN F 24 -23.81 -4.71 6.05
CA ASN F 24 -23.30 -3.90 7.14
C ASN F 24 -24.30 -3.68 8.27
N GLU F 25 -25.53 -3.29 7.95
CA GLU F 25 -26.58 -3.18 8.96
C GLU F 25 -27.70 -4.14 8.60
N ALA F 26 -28.17 -4.88 9.60
CA ALA F 26 -29.24 -5.82 9.38
C ALA F 26 -30.14 -5.80 10.60
N CYS F 27 -31.37 -6.22 10.38
CA CYS F 27 -32.39 -6.24 11.42
C CYS F 27 -32.60 -7.68 11.86
N TRP F 28 -32.34 -7.95 13.14
CA TRP F 28 -32.52 -9.28 13.71
C TRP F 28 -33.94 -9.39 14.24
N ASP F 29 -34.71 -10.32 13.68
CA ASP F 29 -36.07 -10.58 14.10
C ASP F 29 -36.04 -11.63 15.21
N ILE F 30 -36.42 -11.21 16.42
CA ILE F 30 -36.44 -12.09 17.59
C ILE F 30 -37.88 -12.47 17.89
N SER F 31 -38.15 -13.77 17.99
CA SER F 31 -39.49 -14.25 18.29
C SER F 31 -39.41 -15.52 19.12
N SER F 32 -40.58 -16.00 19.55
CA SER F 32 -40.63 -17.21 20.37
C SER F 32 -40.03 -18.40 19.65
N SER F 33 -40.07 -18.41 18.32
CA SER F 33 -39.52 -19.51 17.55
C SER F 33 -38.01 -19.40 17.35
N GLY F 34 -37.44 -18.20 17.53
CA GLY F 34 -36.01 -18.06 17.43
C GLY F 34 -35.62 -16.73 16.83
N VAL F 35 -34.42 -16.74 16.25
CA VAL F 35 -33.77 -15.57 15.67
C VAL F 35 -33.71 -15.75 14.16
N ASN F 36 -34.22 -14.78 13.42
CA ASN F 36 -34.17 -14.82 11.97
C ASN F 36 -33.59 -13.53 11.44
N LEU F 37 -32.86 -13.64 10.33
CA LEU F 37 -32.29 -12.47 9.68
C LEU F 37 -32.47 -12.62 8.17
N GLN F 38 -32.81 -11.52 7.50
CA GLN F 38 -32.99 -11.55 6.06
C GLN F 38 -32.63 -10.17 5.52
N SER F 39 -31.56 -10.11 4.72
CA SER F 39 -31.11 -8.82 4.22
C SER F 39 -30.41 -9.00 2.88
N MET F 40 -30.51 -7.99 2.03
CA MET F 40 -29.77 -7.96 0.79
C MET F 40 -28.42 -7.30 1.01
N ASP F 41 -27.43 -7.72 0.23
CA ASP F 41 -26.13 -7.10 0.29
C ASP F 41 -26.22 -5.65 -0.20
N SER F 42 -25.13 -4.90 0.01
CA SER F 42 -25.15 -3.47 -0.29
C SER F 42 -25.49 -3.18 -1.75
N SER F 43 -25.07 -4.05 -2.66
CA SER F 43 -25.28 -3.85 -4.09
C SER F 43 -26.59 -4.41 -4.60
N HIS F 44 -27.40 -5.03 -3.73
CA HIS F 44 -28.71 -5.58 -4.10
C HIS F 44 -28.60 -6.65 -5.17
N VAL F 45 -27.65 -7.57 -4.99
CA VAL F 45 -27.47 -8.68 -5.90
C VAL F 45 -27.79 -10.02 -5.24
N SER F 46 -27.51 -10.20 -3.95
CA SER F 46 -27.72 -11.45 -3.26
C SER F 46 -28.55 -11.23 -2.01
N LEU F 47 -29.18 -12.29 -1.54
CA LEU F 47 -30.04 -12.24 -0.36
C LEU F 47 -29.52 -13.22 0.68
N VAL F 48 -29.45 -12.77 1.92
CA VAL F 48 -28.97 -13.57 3.05
C VAL F 48 -30.15 -13.87 3.94
N GLN F 49 -30.29 -15.14 4.33
CA GLN F 49 -31.39 -15.58 5.19
C GLN F 49 -30.83 -16.54 6.23
N LEU F 50 -30.78 -16.09 7.47
CA LEU F 50 -30.26 -16.86 8.59
C LEU F 50 -31.41 -17.27 9.49
N THR F 51 -31.40 -18.54 9.90
CA THR F 51 -32.40 -19.08 10.82
C THR F 51 -31.70 -19.78 11.96
N LEU F 52 -31.88 -19.26 13.16
CA LEU F 52 -31.36 -19.84 14.39
C LEU F 52 -32.57 -20.14 15.27
N ARG F 53 -32.89 -21.42 15.39
CA ARG F 53 -34.13 -21.89 15.99
C ARG F 53 -34.04 -21.92 17.51
N SER F 54 -35.17 -21.66 18.17
CA SER F 54 -35.17 -21.59 19.63
C SER F 54 -34.85 -22.93 20.27
N GLU F 55 -35.14 -24.05 19.60
CA GLU F 55 -34.88 -25.35 20.19
C GLU F 55 -33.38 -25.64 20.29
N GLY F 56 -32.55 -24.91 19.55
CA GLY F 56 -31.11 -25.11 19.63
C GLY F 56 -30.45 -24.40 20.80
N PHE F 57 -31.12 -23.44 21.40
CA PHE F 57 -30.57 -22.74 22.55
C PHE F 57 -30.82 -23.53 23.82
N ASP F 58 -29.83 -23.52 24.72
N ASP F 58 -29.88 -23.51 24.73
CA ASP F 58 -29.97 -24.16 26.02
CA ASP F 58 -30.13 -24.23 25.97
C ASP F 58 -30.98 -23.41 26.90
C ASP F 58 -30.97 -23.42 26.94
N THR F 59 -31.02 -22.09 26.79
CA THR F 59 -32.06 -21.28 27.40
C THR F 59 -32.56 -20.28 26.38
N TYR F 60 -33.87 -20.04 26.40
CA TYR F 60 -34.47 -19.09 25.48
C TYR F 60 -35.61 -18.36 26.17
N ARG F 61 -35.74 -17.06 25.90
CA ARG F 61 -36.86 -16.29 26.42
C ARG F 61 -37.10 -15.09 25.52
N CYS F 62 -38.37 -14.88 25.15
CA CYS F 62 -38.76 -13.74 24.30
C CYS F 62 -40.22 -13.46 24.58
N ASP F 63 -40.50 -12.35 25.27
CA ASP F 63 -41.87 -12.01 25.62
C ASP F 63 -42.66 -11.58 24.39
N ARG F 64 -42.31 -10.42 23.82
CA ARG F 64 -42.91 -9.92 22.59
C ARG F 64 -41.84 -9.93 21.50
N ASN F 65 -42.29 -9.92 20.26
CA ASN F 65 -41.38 -9.93 19.12
C ASN F 65 -40.53 -8.66 19.10
N LEU F 66 -39.28 -8.81 18.65
CA LEU F 66 -38.32 -7.71 18.63
C LEU F 66 -37.71 -7.58 17.25
N ALA F 67 -37.28 -6.37 16.93
CA ALA F 67 -36.57 -6.06 15.67
C ALA F 67 -35.32 -5.27 16.03
N MET F 68 -34.23 -5.98 16.31
CA MET F 68 -32.98 -5.35 16.76
C MET F 68 -32.17 -4.89 15.55
N GLY F 69 -32.01 -3.57 15.40
CA GLY F 69 -31.16 -3.05 14.35
C GLY F 69 -29.69 -3.10 14.72
N VAL F 70 -28.95 -4.03 14.13
CA VAL F 70 -27.56 -4.30 14.49
C VAL F 70 -26.64 -3.89 13.35
N ASN F 71 -25.58 -3.16 13.68
CA ASN F 71 -24.45 -2.97 12.79
C ASN F 71 -23.54 -4.19 12.92
N LEU F 72 -23.44 -4.98 11.84
CA LEU F 72 -22.81 -6.29 11.95
C LEU F 72 -21.31 -6.19 12.17
N THR F 73 -20.66 -5.12 11.71
CA THR F 73 -19.24 -4.99 11.94
C THR F 73 -18.92 -4.82 13.42
N SER F 74 -19.70 -3.98 14.12
CA SER F 74 -19.48 -3.78 15.55
C SER F 74 -19.72 -5.07 16.32
N MET F 75 -20.83 -5.75 16.04
CA MET F 75 -21.13 -7.01 16.72
C MET F 75 -20.05 -8.05 16.43
N SER F 76 -19.48 -8.03 15.22
CA SER F 76 -18.38 -8.93 14.92
C SER F 76 -17.15 -8.59 15.75
N LYS F 77 -16.84 -7.29 15.88
CA LYS F 77 -15.72 -6.87 16.71
C LYS F 77 -15.89 -7.36 18.15
N ILE F 78 -17.11 -7.22 18.69
CA ILE F 78 -17.35 -7.68 20.06
C ILE F 78 -17.22 -9.19 20.16
N LEU F 79 -17.72 -9.91 19.14
CA LEU F 79 -17.63 -11.37 19.14
C LEU F 79 -16.21 -11.88 18.94
N LYS F 80 -15.30 -11.04 18.45
CA LYS F 80 -13.89 -11.42 18.42
C LYS F 80 -13.32 -11.62 19.82
N CYS F 81 -13.99 -11.09 20.84
CA CYS F 81 -13.57 -11.21 22.23
C CYS F 81 -14.09 -12.48 22.90
N ALA F 82 -14.62 -13.42 22.14
CA ALA F 82 -15.23 -14.63 22.71
C ALA F 82 -14.42 -15.85 22.30
N GLY F 83 -14.14 -16.72 23.28
CA GLY F 83 -13.48 -17.97 22.97
C GLY F 83 -14.37 -18.94 22.22
N ASN F 84 -13.72 -19.86 21.50
CA ASN F 84 -14.45 -20.80 20.66
C ASN F 84 -15.33 -21.74 21.48
N GLU F 85 -14.95 -22.01 22.73
CA GLU F 85 -15.74 -22.84 23.63
C GLU F 85 -16.59 -22.01 24.58
N ASP F 86 -16.70 -20.71 24.36
CA ASP F 86 -17.44 -19.86 25.28
C ASP F 86 -18.94 -20.06 25.12
N ILE F 87 -19.65 -19.95 26.24
CA ILE F 87 -21.10 -19.93 26.27
C ILE F 87 -21.55 -18.49 26.17
N ILE F 88 -22.33 -18.17 25.13
CA ILE F 88 -22.72 -16.80 24.84
C ILE F 88 -24.18 -16.61 25.23
N THR F 89 -24.47 -15.52 25.93
CA THR F 89 -25.81 -15.18 26.35
C THR F 89 -26.17 -13.81 25.80
N LEU F 90 -27.21 -13.74 24.97
CA LEU F 90 -27.78 -12.48 24.53
C LEU F 90 -28.90 -12.06 25.46
N ARG F 91 -28.99 -10.75 25.71
CA ARG F 91 -30.01 -10.22 26.61
C ARG F 91 -30.36 -8.81 26.17
N ALA F 92 -31.64 -8.52 26.05
CA ALA F 92 -32.09 -7.20 25.61
C ALA F 92 -33.41 -6.86 26.27
N GLU F 93 -33.53 -5.61 26.73
CA GLU F 93 -34.80 -5.13 27.25
C GLU F 93 -35.72 -4.79 26.09
N ASP F 94 -36.97 -4.43 26.41
CA ASP F 94 -37.95 -4.21 25.35
C ASP F 94 -37.67 -2.91 24.59
N ASN F 95 -37.68 -1.79 25.29
CA ASN F 95 -37.33 -0.49 24.72
C ASN F 95 -35.88 -0.12 25.02
N ALA F 96 -34.97 -1.04 24.69
CA ALA F 96 -33.55 -0.88 24.98
C ALA F 96 -32.79 -0.32 23.79
N ASP F 97 -32.00 0.72 24.04
CA ASP F 97 -31.02 1.19 23.06
C ASP F 97 -29.83 0.24 22.88
N THR F 98 -29.69 -0.78 23.72
CA THR F 98 -28.50 -1.60 23.72
C THR F 98 -28.87 -3.09 23.74
N LEU F 99 -27.95 -3.90 23.23
CA LEU F 99 -27.98 -5.35 23.33
C LEU F 99 -26.80 -5.81 24.17
N ALA F 100 -27.07 -6.63 25.17
CA ALA F 100 -26.05 -7.14 26.09
C ALA F 100 -25.61 -8.54 25.68
N LEU F 101 -24.31 -8.77 25.69
CA LEU F 101 -23.71 -10.07 25.40
C LEU F 101 -22.87 -10.51 26.59
N VAL F 102 -22.91 -11.80 26.92
CA VAL F 102 -22.16 -12.34 28.04
C VAL F 102 -21.39 -13.57 27.56
N PHE F 103 -20.07 -13.56 27.78
CA PHE F 103 -19.18 -14.65 27.38
C PHE F 103 -18.72 -15.37 28.64
N GLU F 104 -19.12 -16.63 28.80
CA GLU F 104 -18.67 -17.46 29.90
C GLU F 104 -17.70 -18.51 29.41
N ALA F 105 -16.52 -18.53 29.96
CA ALA F 105 -15.57 -19.59 29.68
C ALA F 105 -15.79 -20.70 30.68
N PRO F 106 -15.12 -21.84 30.50
CA PRO F 106 -15.01 -22.90 31.50
C PRO F 106 -13.60 -23.08 32.06
N GLU F 109 -12.68 -19.76 34.15
CA GLU F 109 -13.05 -19.02 35.35
C GLU F 109 -13.09 -17.51 35.08
N LYS F 110 -13.44 -17.13 33.85
CA LYS F 110 -13.53 -15.73 33.46
C LYS F 110 -14.91 -15.49 32.86
N VAL F 111 -15.44 -14.29 33.08
CA VAL F 111 -16.76 -13.94 32.58
C VAL F 111 -16.69 -12.53 32.02
N SER F 112 -16.83 -12.42 30.69
CA SER F 112 -16.89 -11.13 30.02
C SER F 112 -18.34 -10.73 29.79
N ASP F 113 -18.60 -9.42 29.78
CA ASP F 113 -19.93 -8.89 29.48
C ASP F 113 -19.78 -7.58 28.73
N TYR F 114 -20.35 -7.55 27.52
CA TYR F 114 -20.29 -6.40 26.63
C TYR F 114 -21.68 -5.82 26.40
N GLU F 115 -21.70 -4.54 26.02
CA GLU F 115 -22.92 -3.78 25.78
C GLU F 115 -22.78 -3.03 24.47
N MET F 116 -23.66 -3.34 23.52
CA MET F 116 -23.57 -2.84 22.16
C MET F 116 -24.76 -1.92 21.85
N LYS F 117 -24.48 -0.80 21.19
CA LYS F 117 -25.54 0.13 20.82
C LYS F 117 -26.22 -0.31 19.54
N LEU F 118 -27.54 -0.15 19.50
CA LEU F 118 -28.37 -0.57 18.38
C LEU F 118 -28.79 0.63 17.53
N MET F 119 -29.35 0.31 16.36
CA MET F 119 -29.75 1.31 15.39
C MET F 119 -31.26 1.23 15.14
N ASP F 120 -31.80 2.34 14.63
CA ASP F 120 -33.16 2.38 14.11
C ASP F 120 -33.13 1.95 12.65
N LEU F 121 -33.64 0.76 12.36
CA LEU F 121 -33.53 0.19 11.02
C LEU F 121 -34.91 -0.13 10.47
N ASP F 122 -35.23 0.43 9.30
CA ASP F 122 -36.38 0.02 8.52
C ASP F 122 -35.96 -1.08 7.57
N VAL F 123 -36.77 -2.13 7.47
CA VAL F 123 -36.42 -3.34 6.73
C VAL F 123 -37.25 -3.42 5.47
N GLU F 124 -36.59 -3.68 4.34
CA GLU F 124 -37.25 -3.95 3.06
C GLU F 124 -37.61 -5.42 2.95
N GLN F 125 -38.18 -5.92 4.04
CA GLN F 125 -38.57 -7.29 4.24
C GLN F 125 -39.24 -7.89 3.01
N LEU F 126 -38.62 -8.93 2.46
CA LEU F 126 -39.27 -9.65 1.37
C LEU F 126 -40.08 -10.80 1.96
N GLY F 127 -39.73 -12.01 1.56
CA GLY F 127 -40.44 -13.19 1.98
C GLY F 127 -40.18 -14.20 0.90
N ILE F 128 -39.73 -15.40 1.25
CA ILE F 128 -39.29 -16.29 0.18
C ILE F 128 -40.28 -17.40 0.00
N PRO F 129 -40.91 -17.47 -1.17
CA PRO F 129 -41.82 -18.54 -1.51
C PRO F 129 -41.10 -19.87 -1.47
N GLU F 130 -41.81 -20.91 -1.08
CA GLU F 130 -41.16 -22.20 -1.08
C GLU F 130 -41.18 -22.73 -2.50
N GLN F 131 -40.11 -23.39 -2.89
CA GLN F 131 -39.97 -23.91 -4.24
C GLN F 131 -39.43 -25.32 -4.17
N GLU F 132 -39.54 -26.03 -5.29
CA GLU F 132 -38.71 -27.20 -5.47
C GLU F 132 -37.85 -27.01 -6.71
N TYR F 133 -36.61 -27.44 -6.58
CA TYR F 133 -35.59 -27.11 -7.56
C TYR F 133 -35.30 -28.32 -8.45
N SER F 134 -35.01 -28.04 -9.71
CA SER F 134 -34.77 -29.12 -10.66
C SER F 134 -33.53 -29.92 -10.27
N CYS F 135 -32.50 -29.24 -9.77
CA CYS F 135 -31.29 -29.96 -9.43
C CYS F 135 -30.78 -29.49 -8.07
N VAL F 136 -30.45 -30.44 -7.20
CA VAL F 136 -29.91 -30.15 -5.88
C VAL F 136 -28.65 -30.98 -5.68
N VAL F 137 -27.54 -30.31 -5.36
CA VAL F 137 -26.25 -30.96 -5.16
C VAL F 137 -25.85 -30.79 -3.72
N LYS F 138 -25.62 -31.91 -3.04
CA LYS F 138 -25.02 -31.93 -1.71
C LYS F 138 -23.59 -32.42 -1.82
N MET F 139 -22.66 -31.62 -1.32
CA MET F 139 -21.25 -31.90 -1.48
C MET F 139 -20.49 -31.32 -0.31
N PRO F 140 -19.22 -31.69 -0.14
CA PRO F 140 -18.42 -31.06 0.91
C PRO F 140 -18.27 -29.57 0.69
N SER F 141 -18.36 -28.82 1.79
CA SER F 141 -18.30 -27.36 1.70
C SER F 141 -16.90 -26.88 1.30
N GLY F 142 -15.86 -27.50 1.87
CA GLY F 142 -14.50 -27.12 1.49
C GLY F 142 -14.22 -27.35 0.02
N GLU F 143 -14.84 -28.37 -0.57
CA GLU F 143 -14.69 -28.60 -2.00
C GLU F 143 -15.28 -27.45 -2.81
N PHE F 144 -16.48 -27.01 -2.44
CA PHE F 144 -17.11 -25.88 -3.12
C PHE F 144 -16.27 -24.62 -2.99
N ALA F 145 -15.75 -24.37 -1.79
CA ALA F 145 -14.89 -23.20 -1.58
C ALA F 145 -13.64 -23.30 -2.45
N ARG F 146 -13.00 -24.47 -2.47
CA ARG F 146 -11.80 -24.66 -3.29
C ARG F 146 -12.10 -24.45 -4.77
N ILE F 147 -13.24 -24.93 -5.24
CA ILE F 147 -13.60 -24.78 -6.65
C ILE F 147 -13.81 -23.32 -7.00
N CYS F 148 -14.61 -22.61 -6.20
CA CYS F 148 -14.87 -21.19 -6.50
C CYS F 148 -13.58 -20.38 -6.45
N ARG F 149 -12.74 -20.61 -5.44
CA ARG F 149 -11.50 -19.85 -5.33
C ARG F 149 -10.56 -20.13 -6.50
N ASP F 150 -10.46 -21.41 -6.90
CA ASP F 150 -9.55 -21.75 -7.99
C ASP F 150 -10.04 -21.17 -9.31
N LEU F 151 -11.32 -21.33 -9.62
CA LEU F 151 -11.86 -20.76 -10.84
C LEU F 151 -11.79 -19.24 -10.85
N SER F 152 -11.70 -18.61 -9.67
CA SER F 152 -11.50 -17.16 -9.63
C SER F 152 -10.21 -16.75 -10.32
N HIS F 153 -9.19 -17.62 -10.32
CA HIS F 153 -7.95 -17.32 -11.01
C HIS F 153 -8.08 -17.36 -12.53
N ILE F 154 -9.17 -17.91 -13.05
CA ILE F 154 -9.37 -18.07 -14.48
C ILE F 154 -10.38 -17.07 -15.04
N GLY F 155 -11.49 -16.84 -14.34
CA GLY F 155 -12.50 -15.96 -14.86
C GLY F 155 -13.32 -15.29 -13.79
N ASP F 156 -14.28 -14.49 -14.24
CA ASP F 156 -15.23 -13.80 -13.36
C ASP F 156 -16.42 -14.66 -12.97
N ALA F 157 -16.88 -15.52 -13.88
CA ALA F 157 -18.11 -16.26 -13.68
C ALA F 157 -17.84 -17.76 -13.78
N VAL F 158 -18.65 -18.52 -13.06
CA VAL F 158 -18.63 -19.98 -13.10
C VAL F 158 -19.94 -20.45 -13.70
N VAL F 159 -19.84 -21.41 -14.62
CA VAL F 159 -20.99 -22.06 -15.22
C VAL F 159 -21.17 -23.38 -14.50
N ILE F 160 -22.27 -23.49 -13.75
CA ILE F 160 -22.63 -24.68 -13.02
C ILE F 160 -23.59 -25.49 -13.88
N SER F 161 -23.17 -26.68 -14.26
CA SER F 161 -24.00 -27.64 -14.97
C SER F 161 -24.31 -28.77 -14.00
N CYS F 162 -25.59 -29.04 -13.81
CA CYS F 162 -26.06 -30.01 -12.84
C CYS F 162 -26.77 -31.11 -13.60
N ALA F 163 -26.23 -32.33 -13.51
CA ALA F 163 -26.80 -33.50 -14.15
C ALA F 163 -26.90 -34.61 -13.12
N LYS F 164 -27.38 -35.76 -13.58
CA LYS F 164 -27.57 -36.90 -12.70
C LYS F 164 -26.26 -37.57 -12.31
N ASP F 165 -25.20 -37.36 -13.09
CA ASP F 165 -23.93 -38.02 -12.88
C ASP F 165 -22.97 -37.20 -12.07
N GLY F 166 -23.31 -35.96 -11.79
CA GLY F 166 -22.43 -35.06 -11.08
C GLY F 166 -22.70 -33.63 -11.51
N VAL F 167 -21.92 -32.74 -10.92
CA VAL F 167 -22.01 -31.31 -11.23
C VAL F 167 -20.68 -30.88 -11.83
N LYS F 168 -20.75 -29.93 -12.76
CA LYS F 168 -19.59 -29.43 -13.47
C LYS F 168 -19.51 -27.92 -13.28
N PHE F 169 -18.34 -27.44 -12.88
CA PHE F 169 -18.07 -26.02 -12.76
C PHE F 169 -17.09 -25.63 -13.86
N SER F 170 -17.41 -24.57 -14.60
CA SER F 170 -16.56 -24.17 -15.71
C SER F 170 -16.36 -22.67 -15.73
N ALA F 171 -15.15 -22.23 -16.06
CA ALA F 171 -14.89 -20.81 -16.13
C ALA F 171 -14.05 -20.53 -17.37
N SER F 172 -14.11 -19.27 -17.82
CA SER F 172 -13.36 -18.82 -18.98
C SER F 172 -12.84 -17.41 -18.74
N GLY F 173 -11.63 -17.17 -19.21
CA GLY F 173 -10.98 -15.88 -19.09
C GLY F 173 -9.94 -15.80 -20.18
N GLU F 174 -9.23 -14.68 -20.20
CA GLU F 174 -8.32 -14.44 -21.32
C GLU F 174 -7.09 -15.33 -21.27
N LEU F 175 -6.74 -15.89 -20.12
CA LEU F 175 -5.61 -16.80 -20.11
C LEU F 175 -6.02 -18.23 -20.43
N GLY F 176 -7.32 -18.46 -20.66
CA GLY F 176 -7.78 -19.79 -21.02
C GLY F 176 -9.11 -20.12 -20.43
N ASN F 177 -9.37 -21.40 -20.22
CA ASN F 177 -10.63 -21.85 -19.66
C ASN F 177 -10.39 -23.20 -18.97
N GLY F 178 -11.28 -23.52 -18.03
CA GLY F 178 -11.12 -24.73 -17.25
C GLY F 178 -12.47 -25.36 -16.96
N ASN F 179 -12.40 -26.68 -16.73
CA ASN F 179 -13.56 -27.50 -16.38
C ASN F 179 -13.21 -28.37 -15.19
N ILE F 180 -13.98 -28.25 -14.12
CA ILE F 180 -13.90 -29.10 -12.94
C ILE F 180 -15.14 -29.97 -12.95
N LYS F 181 -14.95 -31.29 -12.85
CA LYS F 181 -16.05 -32.24 -12.97
C LYS F 181 -16.12 -33.06 -11.69
N LEU F 182 -17.22 -32.92 -10.96
CA LEU F 182 -17.49 -33.71 -9.78
C LEU F 182 -18.52 -34.78 -10.11
N SER F 183 -18.18 -36.03 -9.82
CA SER F 183 -19.08 -37.13 -10.06
C SER F 183 -19.78 -37.51 -8.76
N GLN F 184 -20.99 -38.03 -8.90
CA GLN F 184 -21.72 -38.55 -7.76
C GLN F 184 -20.99 -39.72 -7.14
N THR F 185 -20.82 -39.68 -5.82
CA THR F 185 -20.16 -40.78 -5.13
C THR F 185 -20.90 -41.19 -3.88
N SER F 186 -21.00 -42.50 -3.69
CA SER F 186 -21.46 -43.10 -2.45
C SER F 186 -20.33 -43.69 -1.65
N ASN F 187 -19.29 -44.17 -2.32
CA ASN F 187 -18.12 -44.80 -1.74
C ASN F 187 -17.36 -43.83 -0.85
N VAL F 188 -17.69 -43.82 0.43
CA VAL F 188 -17.02 -42.88 1.31
C VAL F 188 -17.13 -43.40 2.74
N ASP F 189 -16.07 -43.17 3.52
CA ASP F 189 -16.04 -43.68 4.89
C ASP F 189 -16.98 -42.91 5.81
N LYS F 190 -17.24 -41.64 5.52
CA LYS F 190 -18.14 -40.83 6.32
C LYS F 190 -19.09 -40.06 5.42
N GLU F 191 -20.37 -40.06 5.79
CA GLU F 191 -21.43 -39.54 4.93
C GLU F 191 -21.25 -38.08 4.49
N GLU F 192 -20.43 -37.28 5.17
CA GLU F 192 -20.26 -35.90 4.74
C GLU F 192 -19.18 -35.73 3.69
N GLU F 193 -18.49 -36.81 3.31
CA GLU F 193 -17.51 -36.68 2.25
C GLU F 193 -18.10 -37.02 0.90
N ALA F 194 -19.38 -37.34 0.86
CA ALA F 194 -20.04 -37.81 -0.34
C ALA F 194 -20.55 -36.65 -1.18
N VAL F 195 -20.77 -36.95 -2.45
CA VAL F 195 -21.37 -36.02 -3.39
C VAL F 195 -22.64 -36.68 -3.91
N THR F 196 -23.79 -36.15 -3.52
CA THR F 196 -25.07 -36.71 -3.90
C THR F 196 -25.91 -35.66 -4.62
N ILE F 197 -26.75 -36.11 -5.55
CA ILE F 197 -27.53 -35.24 -6.39
C ILE F 197 -28.98 -35.72 -6.44
N GLU F 198 -29.92 -34.80 -6.23
CA GLU F 198 -31.35 -35.05 -6.41
C GLU F 198 -31.82 -34.21 -7.59
N MET F 199 -32.19 -34.88 -8.68
CA MET F 199 -32.45 -34.24 -9.96
C MET F 199 -33.85 -34.56 -10.47
N ASN F 200 -34.54 -33.53 -10.95
CA ASN F 200 -35.77 -33.70 -11.73
C ASN F 200 -35.52 -33.47 -13.21
N GLU F 201 -34.66 -32.50 -13.55
CA GLU F 201 -34.17 -32.32 -14.91
C GLU F 201 -32.85 -31.57 -14.83
N PRO F 202 -31.93 -31.80 -15.78
CA PRO F 202 -30.62 -31.14 -15.69
C PRO F 202 -30.76 -29.62 -15.80
N VAL F 203 -29.84 -28.91 -15.14
CA VAL F 203 -29.84 -27.45 -15.12
C VAL F 203 -28.45 -26.97 -15.52
N GLN F 204 -28.36 -25.71 -15.93
CA GLN F 204 -27.07 -25.10 -16.25
C GLN F 204 -27.21 -23.60 -16.19
N LEU F 205 -26.50 -22.97 -15.25
CA LEU F 205 -26.61 -21.53 -15.03
C LEU F 205 -25.22 -20.95 -14.88
N THR F 206 -25.15 -19.61 -14.86
CA THR F 206 -23.89 -18.90 -14.75
C THR F 206 -23.99 -17.91 -13.59
N PHE F 207 -22.95 -17.85 -12.77
CA PHE F 207 -22.98 -16.99 -11.59
C PHE F 207 -21.65 -16.27 -11.45
N ALA F 208 -21.69 -15.11 -10.78
CA ALA F 208 -20.49 -14.33 -10.53
C ALA F 208 -19.69 -14.96 -9.39
N LEU F 209 -18.42 -15.27 -9.67
CA LEU F 209 -17.58 -15.91 -8.67
C LEU F 209 -17.30 -14.99 -7.48
N ARG F 210 -17.39 -13.68 -7.68
CA ARG F 210 -17.25 -12.72 -6.59
C ARG F 210 -18.16 -13.08 -5.42
N TYR F 211 -19.44 -13.26 -5.71
CA TYR F 211 -20.42 -13.48 -4.64
C TYR F 211 -20.30 -14.87 -4.06
N LEU F 212 -20.03 -15.88 -4.89
CA LEU F 212 -19.80 -17.21 -4.35
C LEU F 212 -18.62 -17.21 -3.38
N ASN F 213 -17.56 -16.49 -3.72
CA ASN F 213 -16.44 -16.35 -2.81
C ASN F 213 -16.80 -15.57 -1.56
N PHE F 214 -17.82 -14.69 -1.62
CA PHE F 214 -18.36 -14.18 -0.37
C PHE F 214 -19.11 -15.26 0.42
N PHE F 215 -19.90 -16.08 -0.29
CA PHE F 215 -20.74 -17.07 0.38
C PHE F 215 -19.91 -18.10 1.12
N THR F 216 -18.77 -18.48 0.54
CA THR F 216 -17.98 -19.58 1.11
C THR F 216 -17.28 -19.22 2.42
N LYS F 217 -17.49 -18.02 2.95
CA LYS F 217 -17.00 -17.70 4.30
C LYS F 217 -17.81 -18.39 5.38
N ALA F 218 -18.96 -18.96 5.06
CA ALA F 218 -19.75 -19.73 6.00
C ALA F 218 -19.28 -21.18 6.13
N THR F 219 -18.17 -21.53 5.48
CA THR F 219 -17.69 -22.91 5.51
C THR F 219 -17.45 -23.45 6.92
N PRO F 220 -16.87 -22.71 7.87
CA PRO F 220 -16.69 -23.29 9.21
C PRO F 220 -17.99 -23.62 9.94
N LEU F 221 -19.15 -23.27 9.36
CA LEU F 221 -20.42 -23.59 10.01
C LEU F 221 -20.88 -25.02 9.71
N SER F 222 -20.47 -25.59 8.58
CA SER F 222 -20.96 -26.90 8.18
C SER F 222 -19.91 -27.61 7.34
N SER F 223 -19.85 -28.93 7.51
CA SER F 223 -18.97 -29.76 6.69
C SER F 223 -19.53 -29.98 5.28
N THR F 224 -20.84 -29.78 5.10
CA THR F 224 -21.49 -29.98 3.82
C THR F 224 -22.19 -28.69 3.39
N VAL F 225 -22.36 -28.56 2.08
CA VAL F 225 -23.07 -27.45 1.46
C VAL F 225 -24.00 -28.01 0.41
N THR F 226 -25.12 -27.32 0.19
CA THR F 226 -26.06 -27.73 -0.86
C THR F 226 -26.31 -26.57 -1.80
N LEU F 227 -26.33 -26.89 -3.10
CA LEU F 227 -26.64 -25.93 -4.16
C LEU F 227 -27.96 -26.35 -4.78
N SER F 228 -28.96 -25.46 -4.72
CA SER F 228 -30.27 -25.69 -5.29
C SER F 228 -30.45 -24.79 -6.49
N MET F 229 -30.78 -25.39 -7.63
CA MET F 229 -30.83 -24.71 -8.91
C MET F 229 -32.09 -25.07 -9.67
N SER F 230 -32.63 -24.06 -10.36
CA SER F 230 -33.77 -24.19 -11.25
C SER F 230 -33.59 -23.20 -12.39
N ALA F 231 -34.11 -23.57 -13.56
CA ALA F 231 -33.98 -22.73 -14.74
C ALA F 231 -34.63 -21.38 -14.47
N ASP F 232 -33.88 -20.31 -14.76
CA ASP F 232 -34.35 -18.92 -14.75
C ASP F 232 -34.66 -18.43 -13.33
N VAL F 233 -34.21 -19.11 -12.28
CA VAL F 233 -34.46 -18.64 -10.92
C VAL F 233 -33.13 -18.62 -10.17
N PRO F 234 -33.03 -17.81 -9.12
CA PRO F 234 -31.76 -17.66 -8.41
C PRO F 234 -31.26 -18.96 -7.79
N LEU F 235 -29.95 -19.04 -7.63
CA LEU F 235 -29.29 -20.15 -6.97
C LEU F 235 -29.39 -20.03 -5.45
N VAL F 236 -29.52 -21.16 -4.78
CA VAL F 236 -29.57 -21.22 -3.32
C VAL F 236 -28.38 -22.01 -2.81
N VAL F 237 -27.50 -21.34 -2.07
CA VAL F 237 -26.36 -21.97 -1.42
C VAL F 237 -26.68 -22.07 0.07
N GLU F 238 -26.80 -23.30 0.57
CA GLU F 238 -27.27 -23.54 1.93
C GLU F 238 -26.21 -24.25 2.76
N TYR F 239 -25.94 -23.69 3.94
CA TYR F 239 -25.09 -24.30 4.96
C TYR F 239 -25.93 -24.59 6.19
N LYS F 240 -26.00 -25.87 6.58
CA LYS F 240 -26.77 -26.31 7.73
C LYS F 240 -26.03 -26.01 9.03
N ILE F 241 -26.69 -25.37 9.97
CA ILE F 241 -26.14 -25.14 11.31
C ILE F 241 -26.72 -26.18 12.27
N ALA F 242 -25.95 -27.24 12.52
CA ALA F 242 -26.16 -28.34 13.46
C ALA F 242 -27.53 -28.43 14.11
N ASP F 243 -28.59 -28.54 13.31
CA ASP F 243 -29.96 -28.71 13.80
C ASP F 243 -30.31 -27.61 14.81
N MET F 244 -29.81 -26.44 14.50
CA MET F 244 -30.28 -25.16 14.99
C MET F 244 -30.98 -24.43 13.89
N GLY F 245 -30.40 -24.46 12.71
CA GLY F 245 -31.05 -23.83 11.60
C GLY F 245 -30.17 -23.88 10.38
N HIS F 246 -30.07 -22.75 9.72
CA HIS F 246 -29.38 -22.73 8.46
C HIS F 246 -28.95 -21.32 8.14
N LEU F 247 -27.98 -21.22 7.24
CA LEU F 247 -27.58 -19.96 6.64
C LEU F 247 -27.71 -20.15 5.14
N LYS F 248 -28.52 -19.31 4.52
CA LYS F 248 -28.85 -19.45 3.11
C LYS F 248 -28.47 -18.19 2.35
N TYR F 249 -27.87 -18.39 1.18
CA TYR F 249 -27.51 -17.33 0.26
C TYR F 249 -28.26 -17.53 -1.04
N TYR F 250 -28.86 -16.46 -1.56
CA TYR F 250 -29.57 -16.48 -2.83
C TYR F 250 -28.83 -15.57 -3.79
N LEU F 251 -28.43 -16.11 -4.95
CA LEU F 251 -27.65 -15.38 -5.93
C LEU F 251 -28.37 -15.36 -7.26
N ALA F 252 -28.62 -14.17 -7.78
CA ALA F 252 -29.28 -14.05 -9.08
C ALA F 252 -28.31 -14.42 -10.20
N PRO F 253 -28.78 -15.10 -11.24
CA PRO F 253 -27.89 -15.46 -12.36
C PRO F 253 -27.49 -14.23 -13.17
N LYS F 254 -26.50 -14.43 -14.04
CA LYS F 254 -26.02 -13.39 -14.93
C LYS F 254 -26.71 -13.49 -16.29
N ILE F 255 -27.05 -12.34 -16.87
CA ILE F 255 -27.78 -12.21 -18.13
C ILE F 255 -29.11 -12.97 -18.03
N ARG G 4 -18.41 12.23 26.16
CA ARG G 4 -19.15 12.65 24.99
C ARG G 4 -19.36 11.53 23.99
N ARG G 5 -20.58 11.02 23.90
CA ARG G 5 -20.92 10.04 22.88
C ARG G 5 -21.47 10.75 21.65
N GLN G 6 -21.94 9.99 20.68
CA GLN G 6 -22.55 10.56 19.49
C GLN G 6 -24.03 10.20 19.46
N DAB G 7 -24.88 11.21 19.43
CA DAB G 7 -26.31 10.97 19.28
C DAB G 7 -26.64 10.75 17.78
O DAB G 7 -25.97 11.35 16.91
CB DAB G 7 -27.17 12.09 19.85
CG DAB G 7 -28.59 11.63 20.10
ND DAB G 7 -29.53 11.85 19.01
N SER G 8 -27.62 9.90 17.48
CA SER G 8 -27.98 9.62 16.10
C SER G 8 -28.88 10.72 15.53
N MET G 9 -29.10 10.68 14.22
CA MET G 9 -30.13 11.53 13.62
C MET G 9 -31.53 10.96 13.85
N THR G 10 -31.63 9.65 14.05
CA THR G 10 -32.93 8.99 14.20
C THR G 10 -33.66 9.37 15.48
N GLU G 11 -33.01 10.02 16.45
CA GLU G 11 -33.75 10.43 17.64
C GLU G 11 -34.55 11.68 17.38
N PHE G 12 -33.91 12.66 16.74
CA PHE G 12 -34.52 13.93 16.39
C PHE G 12 -35.53 13.66 15.31
N TYR G 13 -35.23 14.11 14.10
CA TYR G 13 -36.17 13.91 13.02
C TYR G 13 -36.20 12.41 12.74
N HIS G 14 -37.28 11.77 13.18
CA HIS G 14 -37.51 10.36 12.96
C HIS G 14 -38.97 10.13 12.63
N GLN H 6 30.23 4.76 6.42
CA GLN H 6 29.84 6.08 6.87
C GLN H 6 30.47 6.37 8.21
N DAB H 7 31.23 7.46 8.28
CA DAB H 7 31.74 7.90 9.56
C DAB H 7 30.63 8.69 10.33
O DAB H 7 29.83 9.39 9.68
CB DAB H 7 32.99 8.75 9.41
CG DAB H 7 33.70 8.82 10.72
ND DAB H 7 33.35 9.92 11.58
N SER H 8 30.59 8.56 11.65
CA SER H 8 29.58 9.25 12.43
C SER H 8 29.96 10.72 12.65
N MET H 9 29.01 11.51 13.14
CA MET H 9 29.36 12.84 13.63
C MET H 9 30.00 12.82 15.00
N THR H 10 29.75 11.77 15.79
CA THR H 10 30.28 11.69 17.14
C THR H 10 31.80 11.57 17.18
N GLU H 11 32.41 11.25 16.04
CA GLU H 11 33.86 11.08 15.91
C GLU H 11 34.57 12.39 15.60
N PHE H 12 33.82 13.48 15.49
CA PHE H 12 34.42 14.78 15.21
C PHE H 12 34.29 15.73 16.38
N TYR H 13 33.16 15.63 17.08
CA TYR H 13 32.89 16.47 18.21
C TYR H 13 31.74 15.88 19.00
N ARG I 4 32.29 -2.71 -6.89
CA ARG I 4 31.77 -3.94 -7.48
C ARG I 4 30.47 -3.71 -8.28
N ARG I 5 30.57 -3.80 -9.61
CA ARG I 5 29.44 -3.77 -10.53
C ARG I 5 28.93 -5.20 -10.73
N GLN I 6 27.97 -5.37 -11.64
CA GLN I 6 27.44 -6.70 -11.97
C GLN I 6 27.74 -7.03 -13.42
N DAB I 7 28.44 -8.14 -13.66
CA DAB I 7 28.64 -8.57 -15.02
C DAB I 7 27.40 -9.35 -15.53
O DAB I 7 26.70 -10.03 -14.73
CB DAB I 7 29.88 -9.46 -15.19
CG DAB I 7 30.32 -9.53 -16.65
ND DAB I 7 29.80 -10.63 -17.43
N SER I 8 27.09 -9.21 -16.82
CA SER I 8 25.96 -9.91 -17.41
C SER I 8 26.33 -11.37 -17.65
N MET I 9 25.32 -12.17 -17.96
CA MET I 9 25.57 -13.52 -18.47
C MET I 9 25.94 -13.49 -19.94
N THR I 10 25.49 -12.46 -20.66
CA THR I 10 25.64 -12.42 -22.10
C THR I 10 27.10 -12.38 -22.52
N GLU I 11 28.00 -12.04 -21.60
CA GLU I 11 29.41 -11.98 -21.94
C GLU I 11 30.00 -13.38 -22.05
N PHE I 12 29.71 -14.24 -21.08
CA PHE I 12 30.21 -15.61 -21.09
C PHE I 12 29.38 -16.38 -22.08
N TYR I 13 28.24 -16.83 -21.59
CA TYR I 13 27.36 -17.68 -22.36
C TYR I 13 26.76 -16.83 -23.47
N HIS I 14 27.35 -16.95 -24.65
CA HIS I 14 26.87 -16.31 -25.87
C HIS I 14 27.51 -16.95 -27.10
N ARG J 4 -15.50 -12.19 -26.38
CA ARG J 4 -14.39 -11.45 -26.98
C ARG J 4 -13.06 -11.75 -26.29
N ARG J 5 -12.19 -12.51 -26.94
CA ARG J 5 -10.84 -12.75 -26.46
C ARG J 5 -9.89 -11.70 -27.05
N GLN J 6 -8.60 -11.85 -26.78
CA GLN J 6 -7.59 -10.95 -27.32
C GLN J 6 -6.69 -11.71 -28.28
N DAB J 7 -6.63 -11.27 -29.52
CA DAB J 7 -5.70 -11.86 -30.46
C DAB J 7 -4.28 -11.24 -30.27
O DAB J 7 -4.17 -10.05 -29.89
CB DAB J 7 -6.17 -11.68 -31.90
CG DAB J 7 -5.49 -12.69 -32.80
ND DAB J 7 -4.26 -12.16 -33.35
N SER J 8 -3.22 -12.02 -30.49
CA SER J 8 -1.86 -11.53 -30.31
C SER J 8 -1.42 -10.72 -31.53
N MET J 9 -0.29 -10.03 -31.42
CA MET J 9 0.31 -9.44 -32.60
C MET J 9 1.10 -10.47 -33.41
N THR J 10 1.55 -11.54 -32.77
CA THR J 10 2.35 -12.54 -33.43
C THR J 10 1.58 -13.29 -34.53
N GLU J 11 0.26 -13.15 -34.58
CA GLU J 11 -0.59 -13.79 -35.58
C GLU J 11 -0.69 -13.01 -36.89
N PHE J 12 -0.62 -11.68 -36.81
CA PHE J 12 -0.64 -10.84 -38.01
C PHE J 12 0.76 -10.69 -38.56
N TYR J 13 1.52 -9.84 -37.86
CA TYR J 13 2.87 -9.45 -38.23
C TYR J 13 3.91 -10.42 -37.69
N HIS J 14 4.58 -11.15 -38.56
CA HIS J 14 5.67 -12.01 -38.12
C HIS J 14 6.66 -12.27 -39.25
S SO4 K . 7.27 6.61 34.58
O1 SO4 K . 6.61 7.90 34.51
O2 SO4 K . 7.94 6.50 35.88
O3 SO4 K . 6.28 5.54 34.46
O4 SO4 K . 8.25 6.50 33.51
S SO4 L . 14.01 -9.87 -12.05
O1 SO4 L . 14.91 -9.01 -11.28
O2 SO4 L . 14.37 -11.27 -11.83
O3 SO4 L . 12.64 -9.66 -11.60
O4 SO4 L . 14.12 -9.56 -13.47
#